data_8X1S
#
_entry.id   8X1S
#
_cell.length_a   1.00
_cell.length_b   1.00
_cell.length_c   1.00
_cell.angle_alpha   90.00
_cell.angle_beta   90.00
_cell.angle_gamma   90.00
#
_symmetry.space_group_name_H-M   'P 1'
#
loop_
_entity.id
_entity.type
_entity.pdbx_description
1 polymer 'Chloride anion exchanger'
2 non-polymer 'CHLORIDE ION'
3 non-polymer 1-O-OCTADECYL-SN-GLYCERO-3-PHOSPHOCHOLINE
4 non-polymer 5-chloranyl-2-oxidanyl-3-thiophen-2-ylcarbonyl-indole-1-carboxamide
#
_entity_poly.entity_id   1
_entity_poly.type   'polypeptide(L)'
_entity_poly.pdbx_seq_one_letter_code
;MDYKDDDDKGTMIEPFGNQYIVARPVYSTNAFEENHKKTGRHHKTFLDHLKVCCSCSPQKAKRIVLSLFPIASWLPAYRL
KEWLLSDIVSGISTGIVAVLQGLAFALLVDIPPVYGLYASFFPAIIYLFFGTSRHISVGPFPILSMMVGLAVSGAVSKAV
PDRNATTLGLPNNSNNSSLLDDERVRVAAAASVTVLSGIIQLAFGILRIGFVVIYLSESLISGFTTAAAVHVLVSQLKFI
FQLTVPSHTDPVSIFKVLYSVFSQIEKTNIADLVTALIVLLVVSIVKEINQRFKDKLPVPIPIEFIMTVIAAGVSYGCDF
KNRFKVAVVGDMNPGFQPPITPDVETFQNTVGDCFGIAMVAFAVAFSVASVYSLKYDYPLDGNQELIALGLGNIVCGVFR
GFAGSTALSRSAVQESTGGKTQIAGLIGAIIVLIVVLAIGFLLAPLQKSVLAALALGNLKGMLMQFAEIGRLWRKDKYDC
LIWIMTFIFTIVLGLGLGLAASVAFQLLTIVFRTQFPKCSTLANIGRTNIYKNKKDYYDMYEPEGVKIFRCPSPIYFANI
GFFRRKLIDAVGFSPLRILRKRNKALRKIRKLQKQGLLQVTPKGFICTVDTIKDSDEELDNNQIEVLDQPINTTDLPFHI
DWNDDLPLNIEVPKISLHSLILDFSAVSFLDVSSVRGLKSILQEFIRIKVDVYIVGTDDDFIEKLNRYEFFDGEVKSSIF
FLTIHDAVLHILMKKDYSTSKFNPSQEKDGKIDFTINTNGGLRNRVYEVPVETKF
;
_entity_poly.pdbx_strand_id   A,B
#
loop_
_chem_comp.id
_chem_comp.type
_chem_comp.name
_chem_comp.formula
CL non-polymer 'CHLORIDE ION' 'Cl -1'
I2U non-polymer 5-chloranyl-2-oxidanyl-3-thiophen-2-ylcarbonyl-indole-1-carboxamide 'C14 H9 Cl N2 O3 S'
LPE non-polymer 1-O-OCTADECYL-SN-GLYCERO-3-PHOSPHOCHOLINE 'C26 H57 N O6 P 1'
#
# COMPACT_ATOMS: atom_id res chain seq x y z
N ASN A 18 17.25 40.78 15.33
CA ASN A 18 16.28 40.02 14.53
C ASN A 18 14.83 40.37 14.77
N GLN A 19 14.19 41.01 13.80
CA GLN A 19 12.76 41.26 13.95
C GLN A 19 11.93 40.84 12.76
N TYR A 20 10.93 40.03 13.01
CA TYR A 20 10.02 39.61 11.96
C TYR A 20 8.93 40.65 11.97
N ILE A 21 8.97 41.57 11.02
CA ILE A 21 7.98 42.63 10.95
C ILE A 21 7.20 42.57 9.65
N VAL A 22 5.89 42.41 9.73
CA VAL A 22 5.07 42.30 8.54
C VAL A 22 3.84 43.19 8.58
N ALA A 23 3.56 43.89 7.49
CA ALA A 23 2.34 44.70 7.41
C ALA A 23 1.76 44.49 6.02
N ARG A 24 0.72 43.68 5.94
CA ARG A 24 0.11 43.38 4.66
C ARG A 24 -1.40 43.24 4.82
N PRO A 25 -2.16 43.14 3.75
CA PRO A 25 -3.59 42.87 3.89
C PRO A 25 -3.85 41.43 4.33
N VAL A 26 -5.02 41.21 4.89
CA VAL A 26 -5.42 39.86 5.25
C VAL A 26 -5.85 39.25 3.94
N TYR A 27 -5.32 38.10 3.59
CA TYR A 27 -5.62 37.55 2.29
C TYR A 27 -6.34 36.24 2.26
N SER A 28 -7.45 36.18 1.53
CA SER A 28 -8.12 34.93 1.32
C SER A 28 -7.45 34.48 0.06
N THR A 29 -7.48 33.18 -0.24
CA THR A 29 -6.78 32.70 -1.41
C THR A 29 -7.34 33.34 -2.68
N ASN A 30 -8.65 33.54 -2.75
CA ASN A 30 -9.25 34.21 -3.90
C ASN A 30 -8.83 35.66 -4.00
N ALA A 31 -8.78 36.34 -2.86
CA ALA A 31 -8.36 37.74 -2.85
C ALA A 31 -6.93 37.87 -3.30
N PHE A 32 -6.10 36.92 -2.90
CA PHE A 32 -4.71 36.94 -3.33
C PHE A 32 -4.63 36.74 -4.84
N GLU A 33 -5.37 35.80 -5.39
CA GLU A 33 -5.36 35.65 -6.84
C GLU A 33 -5.88 36.89 -7.54
N GLU A 34 -6.85 37.58 -6.95
CA GLU A 34 -7.37 38.78 -7.56
C GLU A 34 -6.34 39.90 -7.58
N ASN A 35 -5.51 39.98 -6.55
CA ASN A 35 -4.60 41.11 -6.45
C ASN A 35 -3.26 40.82 -7.11
N HIS A 36 -2.95 39.56 -7.37
CA HIS A 36 -1.67 39.19 -7.94
C HIS A 36 -1.88 38.38 -9.20
N LYS A 37 -1.47 38.95 -10.33
CA LYS A 37 -1.76 38.32 -11.60
C LYS A 37 -0.97 37.02 -11.73
N LYS A 38 -1.65 35.98 -12.22
CA LYS A 38 -0.98 34.70 -12.42
C LYS A 38 -0.23 34.68 -13.72
N THR A 39 0.43 33.57 -14.00
CA THR A 39 1.16 33.44 -15.24
C THR A 39 0.41 32.46 -16.12
N GLY A 40 0.65 32.52 -17.42
CA GLY A 40 0.00 31.59 -18.32
C GLY A 40 0.40 30.17 -18.02
N ARG A 41 -0.58 29.27 -18.02
CA ARG A 41 -0.30 27.86 -17.74
C ARG A 41 -0.73 26.99 -18.90
N HIS A 42 -0.03 25.87 -19.09
CA HIS A 42 -0.43 24.92 -20.14
C HIS A 42 -0.83 23.60 -19.54
N HIS A 43 -1.84 22.96 -20.13
CA HIS A 43 -2.31 21.66 -19.63
C HIS A 43 -1.34 20.52 -19.93
N LYS A 44 -0.43 20.73 -20.88
CA LYS A 44 0.49 19.66 -21.27
C LYS A 44 -0.31 18.42 -21.60
N THR A 45 -1.33 18.59 -22.43
CA THR A 45 -2.20 17.47 -22.79
C THR A 45 -1.44 16.19 -23.08
N PHE A 46 -1.98 15.07 -22.63
CA PHE A 46 -1.36 13.78 -22.92
C PHE A 46 -1.17 13.67 -24.42
N LEU A 47 -2.09 14.24 -25.18
CA LEU A 47 -1.94 14.23 -26.63
C LEU A 47 -0.67 14.96 -26.99
N ASP A 48 -0.31 15.97 -26.21
CA ASP A 48 0.94 16.68 -26.45
C ASP A 48 2.08 15.74 -26.19
N HIS A 49 1.95 14.91 -25.17
CA HIS A 49 2.98 13.92 -24.89
C HIS A 49 3.05 12.97 -26.06
N LEU A 50 1.90 12.59 -26.58
CA LEU A 50 1.87 11.72 -27.75
C LEU A 50 2.49 12.47 -28.92
N LYS A 51 2.26 13.77 -28.96
CA LYS A 51 2.79 14.57 -30.05
C LYS A 51 4.31 14.63 -30.00
N VAL A 52 4.86 14.84 -28.80
CA VAL A 52 6.31 14.92 -28.67
C VAL A 52 6.95 13.58 -28.99
N CYS A 53 6.29 12.49 -28.62
CA CYS A 53 6.83 11.17 -28.92
C CYS A 53 6.99 11.01 -30.42
N CYS A 54 6.08 11.62 -31.18
CA CYS A 54 6.18 11.56 -32.63
C CYS A 54 7.15 12.62 -33.11
N SER A 55 8.43 12.48 -32.76
CA SER A 55 9.44 13.42 -33.21
C SER A 55 10.15 12.96 -34.48
N CYS A 56 10.95 11.89 -34.37
CA CYS A 56 11.67 11.34 -35.53
C CYS A 56 12.80 12.26 -35.98
N SER A 57 13.21 13.20 -35.13
CA SER A 57 14.34 14.04 -35.48
C SER A 57 15.59 13.17 -35.56
N PRO A 58 16.43 13.38 -36.56
CA PRO A 58 17.59 12.50 -36.73
C PRO A 58 18.43 12.48 -35.46
N GLN A 59 18.51 13.62 -34.78
CA GLN A 59 19.23 13.67 -33.53
C GLN A 59 18.58 12.78 -32.49
N LYS A 60 17.25 12.75 -32.49
CA LYS A 60 16.53 11.89 -31.56
C LYS A 60 16.80 10.43 -31.91
N ALA A 61 16.76 10.10 -33.19
CA ALA A 61 17.05 8.73 -33.60
C ALA A 61 18.46 8.37 -33.14
N LYS A 62 19.39 9.29 -33.32
CA LYS A 62 20.76 9.03 -32.93
C LYS A 62 20.83 8.75 -31.44
N ARG A 63 20.20 9.60 -30.63
CA ARG A 63 20.30 9.42 -29.19
C ARG A 63 19.66 8.09 -28.80
N ILE A 64 18.56 7.73 -29.45
CA ILE A 64 17.89 6.49 -29.12
C ILE A 64 18.77 5.28 -29.39
N VAL A 65 19.32 5.19 -30.59
CA VAL A 65 20.13 4.04 -30.94
C VAL A 65 21.36 4.01 -30.04
N LEU A 66 21.94 5.17 -29.79
CA LEU A 66 23.09 5.23 -28.91
C LEU A 66 22.66 4.85 -27.52
N SER A 67 21.41 5.15 -27.16
CA SER A 67 20.92 4.74 -25.86
C SER A 67 20.77 3.22 -25.79
N LEU A 68 20.33 2.60 -26.88
CA LEU A 68 20.13 1.17 -26.91
C LEU A 68 21.41 0.39 -27.07
N PHE A 69 22.47 1.01 -27.57
CA PHE A 69 23.74 0.36 -27.84
C PHE A 69 24.84 1.16 -27.19
N PRO A 70 24.90 1.11 -25.84
CA PRO A 70 25.86 1.98 -25.13
C PRO A 70 27.34 1.78 -25.45
N ILE A 71 27.73 0.64 -25.98
CA ILE A 71 29.14 0.38 -26.26
C ILE A 71 29.67 1.33 -27.33
N ALA A 72 28.81 1.77 -28.24
CA ALA A 72 29.22 2.68 -29.32
C ALA A 72 29.62 4.04 -28.80
N SER A 73 29.32 4.33 -27.54
CA SER A 73 29.67 5.60 -26.96
C SER A 73 30.86 5.51 -25.99
N TRP A 74 31.00 4.39 -25.28
CA TRP A 74 32.07 4.29 -24.29
C TRP A 74 33.34 3.65 -24.84
N LEU A 75 33.18 2.75 -25.81
CA LEU A 75 34.34 2.10 -26.38
C LEU A 75 35.23 3.10 -27.13
N PRO A 76 34.63 3.95 -27.98
CA PRO A 76 35.42 4.91 -28.74
C PRO A 76 36.18 5.87 -27.84
N ALA A 77 35.69 6.10 -26.64
CA ALA A 77 36.33 7.03 -25.72
C ALA A 77 37.19 6.30 -24.69
N TYR A 78 37.71 5.15 -25.06
CA TYR A 78 38.50 4.36 -24.11
C TYR A 78 39.89 4.93 -23.92
N ARG A 79 40.32 5.03 -22.68
CA ARG A 79 41.66 5.51 -22.40
C ARG A 79 42.61 4.34 -22.29
N LEU A 80 43.12 3.87 -23.42
CA LEU A 80 43.96 2.67 -23.42
C LEU A 80 45.12 2.72 -22.44
N LYS A 81 45.88 3.81 -22.45
CA LYS A 81 47.05 3.90 -21.60
C LYS A 81 46.70 3.86 -20.12
N GLU A 82 45.57 4.43 -19.74
CA GLU A 82 45.22 4.50 -18.34
C GLU A 82 44.22 3.43 -17.92
N TRP A 83 43.67 2.68 -18.87
CA TRP A 83 42.63 1.73 -18.50
C TRP A 83 42.86 0.28 -18.90
N LEU A 84 43.61 0.05 -19.97
CA LEU A 84 43.77 -1.34 -20.45
C LEU A 84 44.33 -2.30 -19.41
N LEU A 85 45.46 -1.96 -18.79
CA LEU A 85 46.08 -2.88 -17.85
C LEU A 85 45.19 -3.13 -16.66
N SER A 86 44.48 -2.08 -16.21
CA SER A 86 43.61 -2.22 -15.05
C SER A 86 42.48 -3.17 -15.37
N ASP A 87 41.88 -3.01 -16.54
CA ASP A 87 40.77 -3.87 -16.94
C ASP A 87 41.25 -5.30 -17.16
N ILE A 88 42.45 -5.46 -17.72
CA ILE A 88 43.00 -6.79 -17.93
C ILE A 88 43.21 -7.52 -16.61
N VAL A 89 43.84 -6.85 -15.65
CA VAL A 89 44.09 -7.47 -14.35
C VAL A 89 42.80 -7.73 -13.61
N SER A 90 41.87 -6.78 -13.63
CA SER A 90 40.60 -6.97 -12.97
C SER A 90 39.79 -8.08 -13.62
N GLY A 91 39.90 -8.19 -14.94
CA GLY A 91 39.18 -9.23 -15.65
C GLY A 91 39.65 -10.62 -15.34
N ILE A 92 40.96 -10.80 -15.24
CA ILE A 92 41.50 -12.10 -14.92
C ILE A 92 41.03 -12.49 -13.53
N SER A 93 41.06 -11.53 -12.61
CA SER A 93 40.65 -11.81 -11.25
C SER A 93 39.18 -12.19 -11.18
N THR A 94 38.34 -11.41 -11.82
CA THR A 94 36.91 -11.66 -11.78
C THR A 94 36.58 -12.92 -12.57
N GLY A 95 37.35 -13.20 -13.60
CA GLY A 95 37.13 -14.40 -14.39
C GLY A 95 37.29 -15.66 -13.58
N ILE A 96 38.31 -15.71 -12.75
CA ILE A 96 38.52 -16.86 -11.89
C ILE A 96 37.37 -17.01 -10.90
N VAL A 97 36.96 -15.92 -10.27
CA VAL A 97 35.87 -15.96 -9.32
C VAL A 97 34.61 -16.43 -10.01
N ALA A 98 34.39 -15.97 -11.24
CA ALA A 98 33.20 -16.33 -11.98
C ALA A 98 33.15 -17.82 -12.24
N VAL A 99 34.29 -18.40 -12.58
CA VAL A 99 34.35 -19.82 -12.85
C VAL A 99 33.99 -20.62 -11.62
N LEU A 100 34.57 -20.27 -10.48
CA LEU A 100 34.31 -21.00 -9.26
C LEU A 100 32.90 -20.76 -8.74
N GLN A 101 32.46 -19.52 -8.80
CA GLN A 101 31.11 -19.19 -8.37
C GLN A 101 30.09 -19.79 -9.33
N GLY A 102 30.40 -19.87 -10.62
CA GLY A 102 29.49 -20.54 -11.51
C GLY A 102 29.30 -22.00 -11.17
N LEU A 103 30.40 -22.70 -10.87
CA LEU A 103 30.29 -24.10 -10.45
C LEU A 103 29.45 -24.22 -9.18
N ALA A 104 29.75 -23.40 -8.18
CA ALA A 104 29.02 -23.49 -6.91
C ALA A 104 27.53 -23.18 -7.09
N PHE A 105 27.21 -22.16 -7.87
CA PHE A 105 25.82 -21.77 -7.97
C PHE A 105 25.06 -22.72 -8.88
N ALA A 106 25.75 -23.40 -9.79
CA ALA A 106 25.12 -24.51 -10.50
C ALA A 106 24.79 -25.64 -9.55
N LEU A 107 25.64 -25.88 -8.55
CA LEU A 107 25.26 -26.79 -7.47
C LEU A 107 23.96 -26.32 -6.80
N LEU A 108 23.83 -25.02 -6.57
CA LEU A 108 22.62 -24.50 -5.95
C LEU A 108 21.38 -24.70 -6.83
N VAL A 109 21.55 -24.70 -8.16
CA VAL A 109 20.43 -24.99 -9.06
C VAL A 109 20.17 -26.48 -9.18
N ASP A 110 21.09 -27.32 -8.68
CA ASP A 110 20.96 -28.77 -8.73
C ASP A 110 20.99 -29.28 -10.17
N ILE A 111 21.94 -28.76 -10.94
CA ILE A 111 22.25 -29.26 -12.27
C ILE A 111 23.74 -29.47 -12.37
N PRO A 112 24.22 -30.17 -13.39
CA PRO A 112 25.67 -30.34 -13.57
C PRO A 112 26.38 -29.01 -13.58
N PRO A 113 27.60 -28.94 -13.01
CA PRO A 113 28.24 -27.64 -12.77
C PRO A 113 28.73 -26.90 -14.00
N VAL A 114 28.75 -27.50 -15.19
CA VAL A 114 29.21 -26.78 -16.37
C VAL A 114 28.19 -25.74 -16.83
N TYR A 115 26.92 -25.93 -16.50
CA TYR A 115 25.91 -24.95 -16.86
C TYR A 115 26.08 -23.67 -16.06
N GLY A 116 26.72 -23.73 -14.90
CA GLY A 116 27.13 -22.51 -14.23
C GLY A 116 28.20 -21.76 -14.98
N LEU A 117 29.07 -22.48 -15.68
CA LEU A 117 30.03 -21.83 -16.55
C LEU A 117 29.33 -21.15 -17.72
N TYR A 118 28.31 -21.79 -18.29
CA TYR A 118 27.53 -21.13 -19.33
C TYR A 118 26.87 -19.86 -18.79
N ALA A 119 26.36 -19.93 -17.56
CA ALA A 119 25.72 -18.78 -16.95
C ALA A 119 26.70 -17.67 -16.64
N SER A 120 27.96 -18.00 -16.40
CA SER A 120 28.99 -16.98 -16.24
C SER A 120 29.48 -16.43 -17.57
N PHE A 121 29.27 -17.14 -18.66
CA PHE A 121 29.78 -16.67 -19.95
C PHE A 121 28.80 -15.78 -20.70
N PHE A 122 27.64 -16.32 -21.09
CA PHE A 122 26.74 -15.56 -21.99
C PHE A 122 26.18 -14.22 -21.52
N PRO A 123 25.62 -14.16 -20.32
CA PRO A 123 25.08 -12.85 -19.95
C PRO A 123 26.13 -11.75 -20.00
N ALA A 124 27.36 -12.04 -19.58
CA ALA A 124 28.42 -11.05 -19.57
C ALA A 124 28.77 -10.51 -20.96
N ILE A 125 28.84 -11.38 -21.95
CA ILE A 125 29.15 -10.97 -23.30
C ILE A 125 28.07 -10.04 -23.84
N ILE A 126 26.83 -10.32 -23.52
CA ILE A 126 25.73 -9.50 -23.95
C ILE A 126 25.76 -8.14 -23.28
N TYR A 127 26.07 -8.12 -22.00
CA TYR A 127 26.12 -6.91 -21.21
C TYR A 127 27.17 -5.93 -21.72
N LEU A 128 28.29 -6.47 -22.17
CA LEU A 128 29.35 -5.68 -22.76
C LEU A 128 28.77 -4.83 -23.88
N PHE A 129 27.82 -5.36 -24.64
CA PHE A 129 27.27 -4.54 -25.71
C PHE A 129 26.09 -3.69 -25.26
N PHE A 130 25.26 -4.15 -24.34
CA PHE A 130 24.11 -3.33 -23.99
C PHE A 130 24.03 -2.67 -22.63
N GLY A 131 24.94 -3.00 -21.73
CA GLY A 131 24.91 -2.43 -20.40
C GLY A 131 25.42 -1.03 -20.23
N THR A 132 24.89 -0.29 -19.26
CA THR A 132 25.37 1.06 -19.01
C THR A 132 26.29 1.13 -17.79
N SER A 133 26.30 0.09 -16.98
CA SER A 133 27.16 0.05 -15.82
C SER A 133 28.55 -0.32 -16.26
N ARG A 134 29.55 0.17 -15.55
CA ARG A 134 30.92 -0.12 -15.94
C ARG A 134 31.64 -0.95 -14.91
N HIS A 135 30.96 -1.40 -13.88
CA HIS A 135 31.66 -2.02 -12.77
C HIS A 135 31.07 -3.33 -12.26
N ILE A 136 29.88 -3.69 -12.65
CA ILE A 136 29.29 -4.92 -12.14
C ILE A 136 29.78 -6.09 -12.98
N SER A 137 29.96 -7.22 -12.32
CA SER A 137 30.31 -8.47 -12.98
C SER A 137 29.04 -9.28 -13.17
N VAL A 138 28.63 -9.46 -14.42
CA VAL A 138 27.34 -10.05 -14.74
C VAL A 138 27.46 -11.56 -14.76
N GLY A 139 26.53 -12.23 -14.10
CA GLY A 139 26.54 -13.65 -13.97
C GLY A 139 25.64 -14.10 -12.83
N PRO A 140 25.79 -15.34 -12.40
CA PRO A 140 24.91 -15.87 -11.36
C PRO A 140 25.30 -15.41 -9.96
N PHE A 141 24.33 -15.44 -9.07
CA PHE A 141 24.54 -15.20 -7.65
C PHE A 141 23.65 -16.14 -6.86
N PRO A 142 23.96 -16.37 -5.57
CA PRO A 142 23.31 -17.49 -4.86
C PRO A 142 21.80 -17.39 -4.71
N ILE A 143 21.27 -16.22 -4.41
CA ILE A 143 19.83 -16.10 -4.20
C ILE A 143 19.07 -16.44 -5.47
N LEU A 144 19.55 -15.96 -6.61
CA LEU A 144 18.87 -16.25 -7.87
C LEU A 144 19.02 -17.70 -8.26
N SER A 145 20.17 -18.33 -7.95
CA SER A 145 20.33 -19.74 -8.26
C SER A 145 19.38 -20.58 -7.42
N MET A 146 19.19 -20.22 -6.16
CA MET A 146 18.20 -20.91 -5.34
C MET A 146 16.79 -20.72 -5.89
N MET A 147 16.46 -19.50 -6.30
CA MET A 147 15.13 -19.25 -6.86
C MET A 147 14.91 -20.03 -8.14
N VAL A 148 15.92 -20.11 -8.99
CA VAL A 148 15.80 -20.88 -10.23
C VAL A 148 15.67 -22.36 -9.92
N GLY A 149 16.42 -22.86 -8.94
CA GLY A 149 16.28 -24.26 -8.57
C GLY A 149 14.90 -24.60 -8.04
N LEU A 150 14.31 -23.70 -7.25
CA LEU A 150 12.95 -23.92 -6.77
C LEU A 150 11.94 -23.86 -7.91
N ALA A 151 12.10 -22.91 -8.83
CA ALA A 151 11.23 -22.84 -9.99
C ALA A 151 11.33 -24.11 -10.82
N VAL A 152 12.51 -24.70 -10.93
CA VAL A 152 12.68 -25.93 -11.69
C VAL A 152 11.98 -27.11 -11.04
N SER A 153 12.11 -27.22 -9.73
CA SER A 153 11.47 -28.32 -9.01
C SER A 153 9.97 -28.29 -9.22
N GLY A 154 9.38 -27.11 -9.13
CA GLY A 154 7.96 -26.98 -9.38
C GLY A 154 7.56 -27.30 -10.80
N ALA A 155 8.34 -26.81 -11.77
CA ALA A 155 8.04 -27.07 -13.16
C ALA A 155 8.04 -28.56 -13.44
N VAL A 156 9.03 -29.26 -12.92
CA VAL A 156 9.13 -30.69 -13.15
C VAL A 156 7.97 -31.43 -12.51
N SER A 157 7.61 -31.02 -11.30
CA SER A 157 6.51 -31.66 -10.60
C SER A 157 5.20 -31.49 -11.33
N LYS A 158 5.02 -30.36 -12.02
CA LYS A 158 3.76 -30.09 -12.71
C LYS A 158 3.73 -30.60 -14.14
N ALA A 159 4.78 -31.29 -14.57
CA ALA A 159 4.85 -31.75 -15.96
C ALA A 159 4.09 -33.04 -16.20
N VAL A 160 2.96 -32.95 -16.88
CA VAL A 160 2.19 -34.14 -17.25
C VAL A 160 3.14 -35.15 -17.91
N PRO A 161 3.04 -36.43 -17.57
CA PRO A 161 3.93 -37.46 -18.14
C PRO A 161 3.62 -37.73 -19.60
N LEU A 179 18.84 -40.81 -13.64
CA LEU A 179 19.86 -39.86 -13.20
C LEU A 179 20.15 -38.84 -14.28
N LEU A 180 20.75 -39.28 -15.37
CA LEU A 180 21.02 -38.37 -16.48
C LEU A 180 19.71 -37.84 -17.05
N ASP A 181 18.69 -38.68 -17.08
CA ASP A 181 17.39 -38.23 -17.56
C ASP A 181 16.87 -37.11 -16.68
N ASP A 182 16.99 -37.30 -15.36
CA ASP A 182 16.53 -36.28 -14.44
C ASP A 182 17.33 -35.00 -14.63
N GLU A 183 18.63 -35.14 -14.83
CA GLU A 183 19.47 -33.98 -15.07
C GLU A 183 19.04 -33.28 -16.35
N ARG A 184 18.74 -34.05 -17.37
CA ARG A 184 18.30 -33.47 -18.64
C ARG A 184 17.05 -32.64 -18.46
N VAL A 185 16.09 -33.14 -17.70
CA VAL A 185 14.85 -32.43 -17.50
C VAL A 185 15.08 -31.16 -16.71
N ARG A 186 15.91 -31.24 -15.67
CA ARG A 186 16.18 -30.07 -14.86
C ARG A 186 16.92 -29.03 -15.68
N VAL A 187 17.89 -29.47 -16.47
CA VAL A 187 18.66 -28.55 -17.28
C VAL A 187 17.75 -27.86 -18.28
N ALA A 188 16.77 -28.59 -18.80
CA ALA A 188 15.83 -28.02 -19.75
C ALA A 188 14.88 -27.05 -19.07
N ALA A 189 14.39 -27.41 -17.89
CA ALA A 189 13.52 -26.52 -17.14
C ALA A 189 14.25 -25.27 -16.69
N ALA A 190 15.51 -25.40 -16.29
CA ALA A 190 16.28 -24.23 -15.90
C ALA A 190 16.49 -23.28 -17.07
N ALA A 191 16.81 -23.84 -18.24
CA ALA A 191 16.98 -23.00 -19.42
C ALA A 191 15.68 -22.28 -19.79
N SER A 192 14.55 -22.97 -19.69
CA SER A 192 13.27 -22.33 -20.01
C SER A 192 12.92 -21.24 -19.00
N VAL A 193 13.15 -21.50 -17.71
CA VAL A 193 12.91 -20.50 -16.70
C VAL A 193 13.77 -19.27 -16.95
N THR A 194 15.02 -19.48 -17.35
CA THR A 194 15.91 -18.37 -17.67
C THR A 194 15.40 -17.56 -18.85
N VAL A 195 14.95 -18.23 -19.91
CA VAL A 195 14.45 -17.51 -21.08
C VAL A 195 13.21 -16.69 -20.71
N LEU A 196 12.31 -17.26 -19.91
CA LEU A 196 11.11 -16.51 -19.58
C LEU A 196 11.41 -15.33 -18.66
N SER A 197 12.36 -15.50 -17.73
CA SER A 197 12.79 -14.38 -16.90
C SER A 197 13.40 -13.27 -17.74
N GLY A 198 14.22 -13.64 -18.73
CA GLY A 198 14.79 -12.64 -19.61
C GLY A 198 13.74 -11.94 -20.45
N ILE A 199 12.73 -12.68 -20.90
CA ILE A 199 11.64 -12.07 -21.65
C ILE A 199 10.89 -11.06 -20.81
N ILE A 200 10.63 -11.39 -19.55
CA ILE A 200 9.93 -10.46 -18.66
C ILE A 200 10.79 -9.22 -18.41
N GLN A 201 12.08 -9.40 -18.19
CA GLN A 201 12.97 -8.26 -17.98
C GLN A 201 13.02 -7.36 -19.21
N LEU A 202 13.16 -7.96 -20.39
CA LEU A 202 13.20 -7.19 -21.62
C LEU A 202 11.90 -6.44 -21.85
N ALA A 203 10.77 -7.07 -21.55
CA ALA A 203 9.49 -6.38 -21.71
C ALA A 203 9.39 -5.19 -20.77
N PHE A 204 9.79 -5.38 -19.50
CA PHE A 204 9.76 -4.28 -18.55
C PHE A 204 10.71 -3.16 -18.96
N GLY A 205 11.82 -3.50 -19.62
CA GLY A 205 12.73 -2.47 -20.06
C GLY A 205 12.27 -1.71 -21.29
N ILE A 206 11.55 -2.39 -22.18
CA ILE A 206 11.00 -1.71 -23.35
C ILE A 206 9.84 -0.82 -22.94
N LEU A 207 9.06 -1.24 -21.95
CA LEU A 207 7.95 -0.44 -21.45
C LEU A 207 8.37 0.67 -20.51
N ARG A 208 9.67 0.85 -20.29
CA ARG A 208 10.23 1.95 -19.49
C ARG A 208 9.72 1.92 -18.05
N ILE A 209 9.74 0.74 -17.44
CA ILE A 209 9.30 0.62 -16.06
C ILE A 209 10.45 0.22 -15.15
N GLY A 210 11.61 0.85 -15.33
CA GLY A 210 12.77 0.54 -14.53
C GLY A 210 12.72 1.19 -13.17
N PHE A 211 11.63 1.90 -12.88
CA PHE A 211 11.48 2.57 -11.60
C PHE A 211 10.83 1.65 -10.58
N VAL A 212 10.64 0.39 -10.95
CA VAL A 212 10.00 -0.56 -10.05
C VAL A 212 10.85 -0.83 -8.81
N VAL A 213 12.16 -0.64 -8.93
CA VAL A 213 13.06 -0.86 -7.80
C VAL A 213 12.77 0.06 -6.63
N ILE A 214 12.04 1.15 -6.87
CA ILE A 214 11.71 2.09 -5.81
C ILE A 214 10.68 1.53 -4.84
N TYR A 215 9.98 0.48 -5.25
CA TYR A 215 8.95 -0.11 -4.40
C TYR A 215 9.55 -1.03 -3.34
N LEU A 216 10.87 -1.12 -3.30
CA LEU A 216 11.53 -1.93 -2.29
C LEU A 216 12.27 -1.07 -1.29
N SER A 217 11.83 -1.07 -0.05
CA SER A 217 12.48 -0.27 0.99
C SER A 217 13.78 -0.91 1.45
N GLU A 218 14.58 -0.17 2.20
CA GLU A 218 15.81 -0.75 2.71
C GLU A 218 15.54 -1.79 3.79
N SER A 219 14.48 -1.60 4.57
CA SER A 219 14.14 -2.60 5.58
C SER A 219 13.69 -3.89 4.94
N LEU A 220 12.90 -3.80 3.87
CA LEU A 220 12.48 -4.98 3.14
C LEU A 220 13.69 -5.70 2.57
N ILE A 221 14.62 -4.96 1.96
CA ILE A 221 15.79 -5.58 1.36
C ILE A 221 16.65 -6.24 2.41
N SER A 222 16.83 -5.58 3.56
CA SER A 222 17.63 -6.14 4.63
C SER A 222 17.02 -7.43 5.17
N GLY A 223 15.72 -7.41 5.48
CA GLY A 223 15.08 -8.62 5.98
C GLY A 223 15.06 -9.74 4.96
N PHE A 224 14.82 -9.40 3.70
CA PHE A 224 14.78 -10.40 2.65
C PHE A 224 16.15 -11.03 2.44
N THR A 225 17.21 -10.23 2.46
CA THR A 225 18.53 -10.79 2.20
C THR A 225 19.07 -11.56 3.41
N THR A 226 18.66 -11.20 4.62
CA THR A 226 19.02 -12.03 5.77
C THR A 226 18.31 -13.38 5.71
N ALA A 227 17.02 -13.38 5.39
CA ALA A 227 16.31 -14.65 5.26
C ALA A 227 16.85 -15.47 4.11
N ALA A 228 17.28 -14.81 3.03
CA ALA A 228 17.86 -15.51 1.90
C ALA A 228 19.23 -16.07 2.23
N ALA A 229 20.00 -15.39 3.08
CA ALA A 229 21.25 -15.97 3.54
C ALA A 229 21.00 -17.22 4.38
N VAL A 230 19.95 -17.21 5.20
CA VAL A 230 19.61 -18.41 5.94
C VAL A 230 19.21 -19.54 4.99
N HIS A 231 18.46 -19.21 3.94
CA HIS A 231 18.11 -20.17 2.91
C HIS A 231 19.36 -20.77 2.26
N VAL A 232 20.33 -19.92 1.90
CA VAL A 232 21.54 -20.40 1.27
C VAL A 232 22.34 -21.29 2.20
N LEU A 233 22.44 -20.89 3.47
CA LEU A 233 23.11 -21.71 4.47
C LEU A 233 22.50 -23.10 4.54
N VAL A 234 21.18 -23.18 4.60
CA VAL A 234 20.53 -24.49 4.67
C VAL A 234 20.74 -25.25 3.37
N SER A 235 20.79 -24.56 2.25
CA SER A 235 21.00 -25.22 0.97
C SER A 235 22.38 -25.83 0.82
N GLN A 236 23.38 -25.33 1.54
CA GLN A 236 24.72 -25.88 1.43
C GLN A 236 24.94 -27.11 2.30
N LEU A 237 24.00 -27.44 3.17
CA LEU A 237 24.23 -28.52 4.13
C LEU A 237 24.29 -29.88 3.46
N LYS A 238 23.54 -30.09 2.39
CA LYS A 238 23.59 -31.36 1.69
C LYS A 238 24.94 -31.59 1.02
N PHE A 239 25.72 -30.54 0.79
CA PHE A 239 27.06 -30.71 0.24
C PHE A 239 28.13 -30.73 1.31
N ILE A 240 27.94 -29.99 2.40
CA ILE A 240 28.88 -30.08 3.51
C ILE A 240 28.90 -31.50 4.09
N PHE A 241 27.73 -32.11 4.23
CA PHE A 241 27.61 -33.46 4.77
C PHE A 241 27.58 -34.53 3.70
N GLN A 242 27.37 -34.17 2.43
CA GLN A 242 27.19 -35.10 1.33
C GLN A 242 26.00 -36.01 1.54
N LEU A 243 24.83 -35.42 1.70
CA LEU A 243 23.59 -36.15 1.89
C LEU A 243 22.70 -35.97 0.67
N THR A 244 21.82 -36.94 0.45
CA THR A 244 20.86 -36.88 -0.63
C THR A 244 19.56 -36.30 -0.11
N VAL A 245 19.14 -35.18 -0.67
CA VAL A 245 17.98 -34.44 -0.18
C VAL A 245 16.98 -34.31 -1.33
N PRO A 246 15.70 -34.55 -1.09
CA PRO A 246 14.71 -34.42 -2.16
C PRO A 246 14.59 -32.99 -2.65
N SER A 247 13.91 -32.85 -3.78
CA SER A 247 13.71 -31.55 -4.42
C SER A 247 12.44 -30.91 -3.85
N HIS A 248 12.59 -30.36 -2.65
CA HIS A 248 11.50 -29.72 -1.93
C HIS A 248 11.13 -28.41 -2.57
N THR A 249 9.88 -28.00 -2.38
CA THR A 249 9.39 -26.75 -2.91
C THR A 249 8.75 -25.96 -1.79
N ASP A 250 8.39 -24.72 -2.08
CA ASP A 250 7.78 -23.85 -1.08
C ASP A 250 6.27 -24.02 -1.07
N PRO A 251 5.64 -23.80 0.10
CA PRO A 251 6.10 -23.04 1.26
C PRO A 251 6.87 -23.91 2.22
N VAL A 252 7.59 -23.28 3.13
CA VAL A 252 8.38 -23.92 4.19
C VAL A 252 9.38 -24.96 3.72
N SER A 253 9.98 -24.73 2.56
CA SER A 253 10.97 -25.60 1.98
C SER A 253 12.24 -25.61 2.81
N ILE A 254 12.57 -24.50 3.44
CA ILE A 254 13.76 -24.44 4.28
C ILE A 254 13.64 -25.43 5.44
N PHE A 255 12.47 -25.54 6.04
CA PHE A 255 12.21 -26.49 7.11
C PHE A 255 12.21 -27.92 6.61
N LYS A 256 11.65 -28.12 5.41
CA LYS A 256 11.60 -29.41 4.79
C LYS A 256 13.00 -29.92 4.51
N VAL A 257 13.88 -29.03 4.05
CA VAL A 257 15.26 -29.39 3.76
C VAL A 257 16.02 -29.67 5.04
N LEU A 258 15.78 -28.86 6.06
CA LEU A 258 16.44 -29.05 7.34
C LEU A 258 16.09 -30.39 7.93
N TYR A 259 14.82 -30.77 7.81
CA TYR A 259 14.40 -32.05 8.31
C TYR A 259 15.09 -33.16 7.54
N SER A 260 15.17 -33.03 6.22
CA SER A 260 15.80 -34.03 5.40
C SER A 260 17.26 -34.16 5.75
N VAL A 261 17.94 -33.04 5.91
CA VAL A 261 19.35 -33.09 6.28
C VAL A 261 19.61 -33.68 7.65
N PHE A 262 18.84 -33.28 8.65
CA PHE A 262 19.05 -33.77 10.02
C PHE A 262 18.52 -35.15 10.38
N SER A 263 17.49 -35.61 9.68
CA SER A 263 16.95 -36.94 9.90
C SER A 263 17.99 -38.01 9.54
N GLN A 264 18.74 -37.76 8.47
CA GLN A 264 19.75 -38.67 7.98
C GLN A 264 21.16 -38.17 8.25
N ILE A 265 21.35 -37.44 9.34
CA ILE A 265 22.66 -36.89 9.70
C ILE A 265 23.75 -37.93 9.97
N GLU A 266 23.40 -39.14 10.38
CA GLU A 266 24.37 -40.21 10.63
C GLU A 266 25.10 -40.75 9.38
N LYS A 267 24.53 -40.52 8.19
CA LYS A 267 25.09 -40.92 6.90
C LYS A 267 26.12 -39.93 6.35
N THR A 268 26.40 -38.87 7.10
CA THR A 268 27.30 -37.80 6.72
C THR A 268 28.69 -38.32 6.41
N ASN A 269 29.26 -37.82 5.33
CA ASN A 269 30.61 -38.18 4.94
C ASN A 269 31.54 -37.31 5.76
N ILE A 270 32.37 -37.92 6.58
CA ILE A 270 33.29 -37.19 7.43
C ILE A 270 34.36 -36.42 6.70
N ALA A 271 34.89 -37.03 5.64
CA ALA A 271 35.93 -36.42 4.85
C ALA A 271 35.43 -35.14 4.21
N ASP A 272 34.20 -35.14 3.72
CA ASP A 272 33.61 -33.95 3.14
C ASP A 272 33.44 -32.85 4.16
N LEU A 273 32.94 -33.23 5.33
CA LEU A 273 32.71 -32.29 6.41
C LEU A 273 33.98 -31.66 6.95
N VAL A 274 35.01 -32.46 7.14
CA VAL A 274 36.26 -31.94 7.65
C VAL A 274 36.90 -30.95 6.69
N THR A 275 36.88 -31.29 5.40
CA THR A 275 37.45 -30.45 4.37
C THR A 275 36.72 -29.14 4.31
N ALA A 276 35.40 -29.22 4.39
CA ALA A 276 34.57 -28.04 4.35
C ALA A 276 34.86 -27.16 5.55
N LEU A 277 34.99 -27.76 6.73
CA LEU A 277 35.25 -26.98 7.93
C LEU A 277 36.58 -26.27 7.90
N ILE A 278 37.60 -26.97 7.45
CA ILE A 278 38.93 -26.42 7.36
C ILE A 278 38.99 -25.28 6.37
N VAL A 279 38.37 -25.46 5.22
CA VAL A 279 38.37 -24.40 4.22
C VAL A 279 37.61 -23.20 4.71
N LEU A 280 36.47 -23.43 5.33
CA LEU A 280 35.65 -22.37 5.86
C LEU A 280 36.35 -21.62 6.99
N LEU A 281 36.99 -22.35 7.87
CA LEU A 281 37.71 -21.74 8.97
C LEU A 281 38.87 -20.89 8.51
N VAL A 282 39.66 -21.43 7.58
CA VAL A 282 40.80 -20.71 7.05
C VAL A 282 40.43 -19.49 6.24
N VAL A 283 39.43 -19.63 5.38
CA VAL A 283 39.05 -18.53 4.53
C VAL A 283 38.55 -17.36 5.36
N SER A 284 37.75 -17.63 6.36
CA SER A 284 37.22 -16.59 7.22
C SER A 284 38.30 -15.87 8.01
N ILE A 285 39.27 -16.61 8.53
CA ILE A 285 40.33 -15.98 9.29
C ILE A 285 41.14 -15.05 8.40
N VAL A 286 41.49 -15.54 7.22
CA VAL A 286 42.23 -14.74 6.26
C VAL A 286 41.42 -13.58 5.70
N LYS A 287 40.12 -13.79 5.51
CA LYS A 287 39.26 -12.72 4.97
C LYS A 287 39.23 -11.54 5.89
N GLU A 288 39.15 -11.78 7.19
CA GLU A 288 39.14 -10.70 8.16
C GLU A 288 40.47 -9.95 8.15
N ILE A 289 41.57 -10.67 7.96
CA ILE A 289 42.90 -10.07 7.92
C ILE A 289 43.00 -9.06 6.78
N ASN A 290 42.43 -9.37 5.64
CA ASN A 290 42.44 -8.44 4.53
C ASN A 290 41.71 -7.16 4.87
N GLN A 291 40.54 -7.28 5.51
CA GLN A 291 39.80 -6.09 5.91
C GLN A 291 40.50 -5.27 6.98
N ARG A 292 41.05 -5.95 7.99
CA ARG A 292 41.75 -5.24 9.06
C ARG A 292 43.06 -4.57 8.65
N PHE A 293 43.84 -5.26 7.83
CA PHE A 293 45.17 -4.79 7.43
C PHE A 293 45.30 -4.30 6.00
N LYS A 294 44.33 -3.53 5.53
CA LYS A 294 44.39 -3.03 4.17
C LYS A 294 45.64 -2.19 3.92
N ASP A 295 46.00 -1.32 4.85
CA ASP A 295 47.20 -0.51 4.68
C ASP A 295 48.50 -1.31 4.70
N LYS A 296 48.60 -2.26 5.63
CA LYS A 296 49.78 -3.09 5.78
C LYS A 296 50.06 -3.98 4.57
N LEU A 297 48.99 -4.50 3.98
CA LEU A 297 49.10 -5.39 2.83
C LEU A 297 49.19 -4.63 1.52
N PRO A 298 50.15 -5.04 0.67
CA PRO A 298 50.35 -4.42 -0.66
C PRO A 298 49.23 -4.84 -1.59
N VAL A 299 48.73 -6.04 -1.37
CA VAL A 299 47.62 -6.58 -2.14
C VAL A 299 46.99 -7.63 -1.25
N PRO A 300 45.66 -7.69 -1.23
CA PRO A 300 44.95 -8.66 -0.39
C PRO A 300 45.30 -10.10 -0.73
N ILE A 301 45.35 -10.95 0.29
CA ILE A 301 45.64 -12.36 0.07
C ILE A 301 44.43 -13.01 -0.60
N PRO A 302 44.65 -13.69 -1.72
CA PRO A 302 43.49 -14.34 -2.35
C PRO A 302 43.27 -15.71 -1.74
N ILE A 303 42.68 -15.74 -0.56
CA ILE A 303 42.45 -16.98 0.16
C ILE A 303 41.50 -17.98 -0.50
N GLU A 304 40.42 -17.51 -1.11
CA GLU A 304 39.48 -18.40 -1.76
C GLU A 304 40.12 -19.13 -2.92
N PHE A 305 40.92 -18.43 -3.70
CA PHE A 305 41.61 -19.06 -4.81
C PHE A 305 42.66 -20.04 -4.33
N ILE A 306 43.41 -19.66 -3.30
CA ILE A 306 44.45 -20.51 -2.76
C ILE A 306 43.85 -21.79 -2.19
N MET A 307 42.71 -21.66 -1.52
CA MET A 307 42.05 -22.82 -0.94
C MET A 307 41.57 -23.81 -1.98
N THR A 308 40.97 -23.35 -3.06
CA THR A 308 40.51 -24.26 -4.10
C THR A 308 41.62 -25.00 -4.80
N VAL A 309 42.71 -24.30 -5.11
CA VAL A 309 43.81 -24.94 -5.79
C VAL A 309 44.41 -26.00 -4.89
N ILE A 310 44.57 -25.68 -3.62
CA ILE A 310 45.09 -26.63 -2.63
C ILE A 310 44.11 -27.77 -2.42
N ALA A 311 42.82 -27.47 -2.33
CA ALA A 311 41.84 -28.52 -2.11
C ALA A 311 41.80 -29.47 -3.29
N ALA A 312 41.82 -28.92 -4.49
CA ALA A 312 41.80 -29.72 -5.70
C ALA A 312 43.06 -30.54 -5.85
N GLY A 313 44.20 -29.94 -5.53
CA GLY A 313 45.47 -30.62 -5.62
C GLY A 313 45.58 -31.79 -4.68
N VAL A 314 45.15 -31.56 -3.45
CA VAL A 314 45.16 -32.60 -2.44
C VAL A 314 44.15 -33.69 -2.74
N SER A 315 42.98 -33.31 -3.22
CA SER A 315 41.96 -34.29 -3.53
C SER A 315 42.45 -35.19 -4.64
N TYR A 316 43.05 -34.60 -5.66
CA TYR A 316 43.61 -35.34 -6.76
C TYR A 316 44.83 -36.17 -6.35
N GLY A 317 45.69 -35.56 -5.56
CA GLY A 317 46.92 -36.21 -5.10
C GLY A 317 46.71 -37.41 -4.22
N CYS A 318 45.75 -37.31 -3.31
CA CYS A 318 45.45 -38.38 -2.37
C CYS A 318 44.28 -39.24 -2.82
N ASP A 319 43.80 -39.01 -4.03
CA ASP A 319 42.69 -39.75 -4.61
C ASP A 319 41.50 -39.80 -3.68
N PHE A 320 41.07 -38.64 -3.20
CA PHE A 320 39.98 -38.54 -2.25
C PHE A 320 38.68 -39.13 -2.74
N LYS A 321 38.37 -39.01 -4.02
CA LYS A 321 37.13 -39.55 -4.52
C LYS A 321 37.05 -41.04 -4.30
N ASN A 322 38.11 -41.78 -4.63
CA ASN A 322 38.11 -43.21 -4.37
C ASN A 322 38.28 -43.63 -2.91
N ARG A 323 39.22 -42.98 -2.25
CA ARG A 323 39.55 -43.26 -0.85
C ARG A 323 38.50 -42.94 0.21
N PHE A 324 37.89 -41.76 0.12
CA PHE A 324 36.90 -41.34 1.11
C PHE A 324 35.50 -41.18 0.57
N LYS A 325 35.31 -41.53 -0.69
CA LYS A 325 34.02 -41.43 -1.40
C LYS A 325 33.43 -40.02 -1.42
N VAL A 326 34.30 -39.02 -1.53
CA VAL A 326 33.86 -37.64 -1.56
C VAL A 326 33.26 -37.22 -2.89
N ALA A 327 32.25 -36.37 -2.86
CA ALA A 327 31.65 -35.87 -4.08
C ALA A 327 32.63 -34.86 -4.67
N VAL A 328 32.81 -34.90 -5.98
CA VAL A 328 33.74 -34.01 -6.65
C VAL A 328 33.04 -33.35 -7.81
N VAL A 329 33.61 -32.29 -8.35
CA VAL A 329 33.00 -31.59 -9.48
C VAL A 329 32.88 -32.55 -10.66
N GLY A 330 33.91 -33.34 -10.92
CA GLY A 330 33.86 -34.34 -11.96
C GLY A 330 34.16 -33.86 -13.34
N ASP A 331 34.11 -34.78 -14.28
CA ASP A 331 34.36 -34.46 -15.66
C ASP A 331 33.25 -33.64 -16.26
N MET A 332 33.64 -32.58 -16.96
CA MET A 332 32.71 -31.70 -17.63
C MET A 332 33.10 -31.84 -19.08
N ASN A 333 32.12 -32.02 -19.95
CA ASN A 333 32.48 -32.11 -21.35
C ASN A 333 32.82 -30.71 -21.80
N PRO A 334 33.94 -30.56 -22.51
CA PRO A 334 34.36 -29.24 -22.98
C PRO A 334 33.46 -28.75 -24.10
N GLY A 335 33.37 -27.45 -24.25
CA GLY A 335 32.55 -26.86 -25.29
C GLY A 335 31.17 -26.51 -24.83
N PHE A 336 30.52 -25.65 -25.60
CA PHE A 336 29.17 -25.21 -25.32
C PHE A 336 28.14 -26.19 -25.85
N GLN A 337 26.93 -26.08 -25.32
CA GLN A 337 25.83 -26.92 -25.76
C GLN A 337 25.19 -26.25 -26.97
N PRO A 338 24.44 -27.01 -27.77
CA PRO A 338 23.75 -26.38 -28.90
C PRO A 338 22.52 -25.64 -28.39
N PRO A 339 22.03 -24.66 -29.15
CA PRO A 339 20.85 -23.89 -28.73
C PRO A 339 19.66 -24.80 -28.44
N ILE A 340 18.94 -24.47 -27.38
CA ILE A 340 17.79 -25.26 -26.95
C ILE A 340 16.55 -24.40 -27.11
N THR A 341 15.47 -25.00 -27.58
CA THR A 341 14.23 -24.27 -27.74
C THR A 341 13.51 -24.22 -26.41
N PRO A 342 13.09 -23.02 -26.00
CA PRO A 342 12.36 -22.84 -24.74
C PRO A 342 11.08 -23.65 -24.73
N ASP A 343 10.71 -24.24 -23.60
CA ASP A 343 9.49 -25.02 -23.56
C ASP A 343 8.33 -24.18 -23.11
N VAL A 344 7.30 -24.11 -23.93
CA VAL A 344 6.10 -23.36 -23.62
C VAL A 344 5.38 -23.92 -22.40
N GLU A 345 5.40 -25.24 -22.24
CA GLU A 345 4.75 -25.85 -21.07
C GLU A 345 5.41 -25.38 -19.78
N THR A 346 6.74 -25.29 -19.79
CA THR A 346 7.50 -24.79 -18.65
C THR A 346 7.16 -23.34 -18.37
N PHE A 347 6.96 -22.55 -19.42
CA PHE A 347 6.61 -21.14 -19.27
C PHE A 347 5.30 -20.99 -18.52
N GLN A 348 4.30 -21.80 -18.85
CA GLN A 348 3.01 -21.74 -18.19
C GLN A 348 3.10 -22.09 -16.73
N ASN A 349 3.84 -23.15 -16.45
CA ASN A 349 4.03 -23.63 -15.09
C ASN A 349 4.78 -22.68 -14.16
N THR A 350 5.80 -22.02 -14.69
CA THR A 350 6.64 -21.12 -13.92
C THR A 350 6.50 -19.62 -14.09
N VAL A 351 5.44 -19.11 -14.70
CA VAL A 351 5.38 -17.67 -14.94
C VAL A 351 5.45 -16.79 -13.69
N GLY A 352 4.79 -17.18 -12.61
CA GLY A 352 4.85 -16.44 -11.36
C GLY A 352 6.25 -16.42 -10.78
N ASP A 353 6.94 -17.54 -10.87
CA ASP A 353 8.30 -17.68 -10.36
C ASP A 353 9.24 -16.77 -11.12
N CYS A 354 9.04 -16.71 -12.43
CA CYS A 354 9.84 -15.90 -13.32
C CYS A 354 9.74 -14.43 -13.04
N PHE A 355 8.54 -13.95 -12.70
CA PHE A 355 8.39 -12.55 -12.36
C PHE A 355 9.23 -12.24 -11.13
N GLY A 356 9.18 -13.12 -10.14
CA GLY A 356 9.97 -12.95 -8.95
C GLY A 356 11.44 -13.01 -9.29
N ILE A 357 11.82 -13.93 -10.16
CA ILE A 357 13.22 -14.03 -10.56
C ILE A 357 13.67 -12.79 -11.32
N ALA A 358 12.86 -12.30 -12.23
CA ALA A 358 13.21 -11.12 -13.00
C ALA A 358 13.34 -9.87 -12.14
N MET A 359 12.42 -9.67 -11.21
CA MET A 359 12.49 -8.53 -10.31
C MET A 359 13.66 -8.60 -9.35
N VAL A 360 13.93 -9.78 -8.80
CA VAL A 360 15.06 -9.93 -7.90
C VAL A 360 16.35 -9.73 -8.67
N ALA A 361 16.44 -10.25 -9.87
CA ALA A 361 17.64 -10.09 -10.64
C ALA A 361 17.89 -8.62 -10.94
N PHE A 362 16.87 -7.90 -11.34
CA PHE A 362 17.00 -6.48 -11.64
C PHE A 362 17.28 -5.62 -10.42
N ALA A 363 16.59 -5.91 -9.33
CA ALA A 363 16.77 -5.14 -8.12
C ALA A 363 18.16 -5.23 -7.57
N VAL A 364 18.73 -6.43 -7.52
CA VAL A 364 20.08 -6.62 -7.02
C VAL A 364 21.11 -5.96 -7.90
N ALA A 365 20.95 -6.12 -9.21
CA ALA A 365 21.89 -5.55 -10.14
C ALA A 365 21.89 -4.05 -10.12
N PHE A 366 20.71 -3.46 -10.06
CA PHE A 366 20.57 -2.03 -10.03
C PHE A 366 21.16 -1.43 -8.77
N SER A 367 20.96 -2.11 -7.64
CA SER A 367 21.51 -1.63 -6.39
C SER A 367 23.02 -1.64 -6.38
N VAL A 368 23.60 -2.72 -6.89
CA VAL A 368 25.05 -2.84 -6.97
C VAL A 368 25.63 -1.82 -7.93
N ALA A 369 24.96 -1.64 -9.05
CA ALA A 369 25.37 -0.69 -10.07
C ALA A 369 25.31 0.74 -9.57
N SER A 370 24.29 1.04 -8.76
CA SER A 370 24.08 2.36 -8.20
C SER A 370 25.19 2.80 -7.29
N VAL A 371 25.73 1.87 -6.51
CA VAL A 371 26.80 2.19 -5.61
C VAL A 371 27.99 2.67 -6.40
N TYR A 372 28.32 1.95 -7.46
CA TYR A 372 29.43 2.32 -8.33
C TYR A 372 29.21 3.54 -9.18
N SER A 373 28.02 3.73 -9.70
CA SER A 373 27.77 4.90 -10.52
C SER A 373 27.88 6.17 -9.69
N LEU A 374 27.37 6.12 -8.48
CA LEU A 374 27.43 7.23 -7.56
C LEU A 374 28.87 7.52 -7.18
N LYS A 375 29.62 6.47 -6.92
CA LYS A 375 31.02 6.56 -6.54
C LYS A 375 31.91 7.10 -7.64
N TYR A 376 31.63 6.73 -8.87
CA TYR A 376 32.41 7.18 -10.01
C TYR A 376 31.76 8.26 -10.84
N ASP A 377 30.65 8.77 -10.36
CA ASP A 377 29.93 9.87 -11.02
C ASP A 377 29.57 9.71 -12.48
N TYR A 378 28.92 8.61 -12.85
CA TYR A 378 28.48 8.44 -14.22
C TYR A 378 27.03 8.01 -14.18
N PRO A 379 26.28 8.31 -15.24
CA PRO A 379 24.86 7.97 -15.27
C PRO A 379 24.53 6.50 -15.52
N LEU A 380 23.62 5.98 -14.71
CA LEU A 380 23.17 4.62 -14.82
C LEU A 380 21.74 4.69 -15.31
N ASP A 381 21.45 4.04 -16.43
CA ASP A 381 20.11 4.06 -16.98
C ASP A 381 19.38 2.80 -16.60
N GLY A 382 18.36 2.93 -15.77
CA GLY A 382 17.59 1.79 -15.30
C GLY A 382 16.87 1.02 -16.36
N ASN A 383 16.29 1.73 -17.31
CA ASN A 383 15.60 1.10 -18.41
C ASN A 383 16.51 0.30 -19.29
N GLN A 384 17.72 0.80 -19.53
CA GLN A 384 18.69 0.13 -20.34
C GLN A 384 19.22 -1.08 -19.62
N GLU A 385 19.31 -1.01 -18.31
CA GLU A 385 19.77 -2.14 -17.52
C GLU A 385 18.81 -3.29 -17.66
N LEU A 386 17.51 -3.01 -17.66
CA LEU A 386 16.52 -4.05 -17.83
C LEU A 386 16.64 -4.69 -19.19
N ILE A 387 16.87 -3.88 -20.20
CA ILE A 387 17.04 -4.37 -21.55
C ILE A 387 18.28 -5.23 -21.65
N ALA A 388 19.39 -4.75 -21.12
CA ALA A 388 20.65 -5.47 -21.16
C ALA A 388 20.64 -6.76 -20.37
N LEU A 389 20.09 -6.70 -19.16
CA LEU A 389 19.98 -7.89 -18.34
C LEU A 389 19.05 -8.89 -18.96
N GLY A 390 17.95 -8.42 -19.52
CA GLY A 390 16.99 -9.27 -20.18
C GLY A 390 17.53 -9.98 -21.41
N LEU A 391 18.26 -9.27 -22.25
CA LEU A 391 18.85 -9.88 -23.44
C LEU A 391 19.90 -10.91 -23.05
N GLY A 392 20.66 -10.61 -22.01
CA GLY A 392 21.69 -11.50 -21.53
C GLY A 392 21.10 -12.78 -21.03
N ASN A 393 19.98 -12.69 -20.32
CA ASN A 393 19.28 -13.86 -19.82
C ASN A 393 18.66 -14.72 -20.90
N ILE A 394 18.08 -14.09 -21.90
CA ILE A 394 17.48 -14.80 -23.01
C ILE A 394 18.54 -15.59 -23.75
N VAL A 395 19.67 -14.97 -24.00
CA VAL A 395 20.78 -15.63 -24.68
C VAL A 395 21.37 -16.75 -23.84
N CYS A 396 21.49 -16.50 -22.54
CA CYS A 396 22.01 -17.48 -21.62
C CYS A 396 21.09 -18.70 -21.55
N GLY A 397 19.79 -18.45 -21.44
CA GLY A 397 18.81 -19.51 -21.36
C GLY A 397 18.80 -20.37 -22.60
N VAL A 398 18.92 -19.74 -23.75
CA VAL A 398 18.95 -20.44 -25.02
C VAL A 398 20.14 -21.39 -25.14
N PHE A 399 21.27 -20.98 -24.59
CA PHE A 399 22.49 -21.75 -24.63
C PHE A 399 22.72 -22.63 -23.42
N ARG A 400 21.66 -22.78 -22.62
CA ARG A 400 21.55 -23.62 -21.42
C ARG A 400 22.12 -23.15 -20.09
N GLY A 401 22.45 -21.89 -19.98
CA GLY A 401 22.92 -21.31 -18.74
C GLY A 401 21.72 -20.91 -17.89
N PHE A 402 21.95 -20.58 -16.64
CA PHE A 402 20.85 -20.15 -15.79
C PHE A 402 20.88 -18.65 -15.54
N ALA A 403 19.75 -18.09 -15.16
CA ALA A 403 19.61 -16.67 -14.92
C ALA A 403 20.46 -16.11 -13.81
N GLY A 404 21.05 -14.96 -14.05
CA GLY A 404 21.84 -14.27 -13.07
C GLY A 404 22.01 -12.85 -13.48
N SER A 405 22.26 -11.95 -12.55
CA SER A 405 22.49 -10.57 -12.92
C SER A 405 23.87 -10.14 -12.46
N THR A 406 24.03 -9.99 -11.17
CA THR A 406 25.33 -9.63 -10.62
C THR A 406 25.46 -10.15 -9.21
N ALA A 407 26.66 -10.53 -8.81
CA ALA A 407 26.92 -10.98 -7.47
C ALA A 407 27.66 -9.83 -6.85
N LEU A 408 27.25 -9.41 -5.67
CA LEU A 408 27.88 -8.29 -4.99
C LEU A 408 29.34 -8.56 -4.70
N SER A 409 29.66 -9.78 -4.29
CA SER A 409 31.04 -10.14 -4.01
C SER A 409 31.92 -10.11 -5.25
N ARG A 410 31.42 -10.61 -6.36
CA ARG A 410 32.14 -10.61 -7.64
C ARG A 410 32.32 -9.20 -8.18
N SER A 411 31.28 -8.38 -8.06
CA SER A 411 31.33 -7.00 -8.51
C SER A 411 32.35 -6.20 -7.73
N ALA A 412 32.41 -6.47 -6.43
CA ALA A 412 33.35 -5.82 -5.55
C ALA A 412 34.75 -6.18 -6.00
N VAL A 413 35.00 -7.45 -6.33
CA VAL A 413 36.30 -7.87 -6.80
C VAL A 413 36.71 -7.18 -8.10
N GLN A 414 35.79 -7.05 -9.04
CA GLN A 414 36.13 -6.40 -10.30
C GLN A 414 36.53 -4.95 -10.05
N GLU A 415 35.76 -4.28 -9.20
CA GLU A 415 36.02 -2.90 -8.82
C GLU A 415 37.26 -2.67 -7.95
N SER A 416 37.46 -3.53 -6.96
CA SER A 416 38.59 -3.47 -6.02
C SER A 416 39.93 -3.79 -6.64
N THR A 417 39.91 -4.52 -7.73
CA THR A 417 41.13 -4.90 -8.45
C THR A 417 41.45 -3.93 -9.57
N GLY A 418 40.75 -2.81 -9.61
CA GLY A 418 41.01 -1.80 -10.59
C GLY A 418 40.21 -1.75 -11.86
N GLY A 419 39.12 -2.48 -11.96
CA GLY A 419 38.37 -2.45 -13.20
C GLY A 419 37.87 -1.07 -13.51
N LYS A 420 38.02 -0.65 -14.76
CA LYS A 420 37.60 0.67 -15.18
C LYS A 420 36.33 0.70 -15.99
N THR A 421 36.23 -0.24 -16.92
CA THR A 421 35.10 -0.33 -17.81
C THR A 421 34.59 -1.74 -17.82
N GLN A 422 33.75 -2.01 -18.81
CA GLN A 422 33.13 -3.31 -19.04
C GLN A 422 34.01 -4.23 -19.89
N ILE A 423 35.20 -3.76 -20.25
CA ILE A 423 36.27 -4.49 -20.90
C ILE A 423 36.80 -5.52 -19.89
N ALA A 424 36.81 -5.16 -18.60
CA ALA A 424 37.19 -6.08 -17.53
C ALA A 424 36.20 -7.25 -17.48
N GLY A 425 34.93 -6.95 -17.67
CA GLY A 425 33.90 -7.97 -17.72
C GLY A 425 34.11 -8.88 -18.91
N LEU A 426 34.50 -8.31 -20.04
CA LEU A 426 34.77 -9.09 -21.24
C LEU A 426 35.96 -10.02 -21.05
N ILE A 427 37.01 -9.53 -20.40
CA ILE A 427 38.20 -10.32 -20.12
C ILE A 427 37.87 -11.47 -19.18
N GLY A 428 37.00 -11.21 -18.21
CA GLY A 428 36.58 -12.20 -17.27
C GLY A 428 35.84 -13.33 -17.97
N ALA A 429 35.00 -12.98 -18.93
CA ALA A 429 34.23 -13.92 -19.73
C ALA A 429 35.16 -14.81 -20.54
N ILE A 430 36.23 -14.24 -21.05
CA ILE A 430 37.24 -14.97 -21.81
C ILE A 430 37.94 -16.00 -20.94
N ILE A 431 38.16 -15.68 -19.67
CA ILE A 431 38.75 -16.63 -18.73
C ILE A 431 37.79 -17.81 -18.56
N VAL A 432 36.50 -17.52 -18.47
CA VAL A 432 35.47 -18.52 -18.35
C VAL A 432 35.44 -19.39 -19.60
N LEU A 433 35.60 -18.76 -20.75
CA LEU A 433 35.62 -19.45 -22.02
C LEU A 433 36.78 -20.41 -22.09
N ILE A 434 37.94 -20.01 -21.60
CA ILE A 434 39.12 -20.85 -21.63
C ILE A 434 38.89 -22.10 -20.79
N VAL A 435 38.28 -21.92 -19.63
CA VAL A 435 37.95 -23.05 -18.76
C VAL A 435 36.96 -23.97 -19.44
N VAL A 436 35.94 -23.40 -20.05
CA VAL A 436 34.92 -24.17 -20.73
C VAL A 436 35.47 -24.95 -21.92
N LEU A 437 36.35 -24.35 -22.69
CA LEU A 437 36.95 -25.00 -23.82
C LEU A 437 38.21 -25.85 -23.60
N ALA A 438 39.14 -25.38 -22.79
CA ALA A 438 40.40 -26.12 -22.65
C ALA A 438 40.88 -26.62 -21.29
N ILE A 439 40.60 -25.89 -20.22
CA ILE A 439 41.09 -26.26 -18.90
C ILE A 439 40.04 -26.71 -17.90
N GLY A 440 38.91 -27.17 -18.40
CA GLY A 440 37.83 -27.66 -17.57
C GLY A 440 38.19 -28.85 -16.70
N PHE A 441 39.05 -29.72 -17.23
CA PHE A 441 39.52 -30.92 -16.56
C PHE A 441 40.28 -30.68 -15.25
N LEU A 442 40.91 -29.53 -15.10
CA LEU A 442 41.66 -29.18 -13.90
C LEU A 442 40.75 -29.15 -12.67
N LEU A 443 39.53 -28.66 -12.83
CA LEU A 443 38.56 -28.58 -11.75
C LEU A 443 37.89 -29.91 -11.39
N ALA A 444 38.05 -30.91 -12.25
CA ALA A 444 37.43 -32.22 -12.03
C ALA A 444 37.59 -32.83 -10.64
N PRO A 445 38.78 -32.74 -10.05
CA PRO A 445 38.89 -33.37 -8.71
C PRO A 445 38.48 -32.50 -7.54
N LEU A 446 37.91 -31.32 -7.78
CA LEU A 446 37.52 -30.46 -6.69
C LEU A 446 36.23 -30.91 -6.03
N GLN A 447 36.26 -31.05 -4.71
CA GLN A 447 35.12 -31.47 -3.95
C GLN A 447 34.01 -30.44 -3.90
N LYS A 448 32.78 -30.93 -3.94
CA LYS A 448 31.59 -30.10 -3.87
C LYS A 448 31.48 -29.37 -2.54
N SER A 449 31.91 -30.01 -1.47
CA SER A 449 31.88 -29.44 -0.14
C SER A 449 32.75 -28.20 -0.05
N VAL A 450 33.89 -28.21 -0.72
CA VAL A 450 34.79 -27.06 -0.75
C VAL A 450 34.11 -25.87 -1.42
N LEU A 451 33.39 -26.12 -2.51
CA LEU A 451 32.67 -25.07 -3.22
C LEU A 451 31.58 -24.51 -2.34
N ALA A 452 30.91 -25.39 -1.62
CA ALA A 452 29.86 -25.04 -0.69
C ALA A 452 30.42 -24.21 0.47
N ALA A 453 31.60 -24.58 0.95
CA ALA A 453 32.26 -23.84 2.03
C ALA A 453 32.62 -22.42 1.65
N LEU A 454 33.03 -22.20 0.41
CA LEU A 454 33.36 -20.87 -0.08
C LEU A 454 32.14 -19.98 -0.09
N ALA A 455 31.01 -20.54 -0.51
CA ALA A 455 29.75 -19.84 -0.56
C ALA A 455 29.30 -19.43 0.84
N LEU A 456 29.55 -20.29 1.82
CA LEU A 456 29.25 -20.03 3.22
C LEU A 456 30.05 -18.85 3.75
N GLY A 457 31.29 -18.71 3.30
CA GLY A 457 32.16 -17.63 3.70
C GLY A 457 31.61 -16.27 3.31
N ASN A 458 30.89 -16.19 2.21
CA ASN A 458 30.32 -14.90 1.78
C ASN A 458 29.07 -14.48 2.48
N LEU A 459 28.49 -15.41 3.18
CA LEU A 459 27.28 -15.18 3.96
C LEU A 459 27.38 -14.23 5.14
N LYS A 460 28.59 -14.03 5.66
CA LYS A 460 28.77 -13.20 6.84
C LYS A 460 28.28 -11.77 6.73
N GLY A 461 28.47 -11.11 5.61
CA GLY A 461 27.99 -9.75 5.52
C GLY A 461 26.49 -9.73 5.66
N MET A 462 25.80 -10.62 4.97
CA MET A 462 24.35 -10.73 5.04
C MET A 462 23.85 -11.18 6.40
N LEU A 463 24.56 -12.11 7.02
CA LEU A 463 24.22 -12.64 8.34
C LEU A 463 24.29 -11.63 9.47
N MET A 464 25.16 -10.63 9.32
CA MET A 464 25.36 -9.52 10.27
C MET A 464 24.22 -8.49 10.32
N GLN A 465 23.27 -8.59 9.40
CA GLN A 465 22.07 -7.75 9.29
C GLN A 465 21.00 -7.99 10.36
N PHE A 466 21.17 -8.99 11.21
CA PHE A 466 20.30 -9.27 12.36
C PHE A 466 20.33 -8.12 13.40
N ALA A 467 21.46 -7.42 13.49
CA ALA A 467 21.69 -6.25 14.33
C ALA A 467 20.78 -5.05 13.97
N GLU A 468 20.34 -4.98 12.72
CA GLU A 468 19.44 -3.98 12.21
C GLU A 468 18.11 -3.98 12.94
N ILE A 469 17.61 -5.13 13.37
CA ILE A 469 16.33 -5.17 14.06
C ILE A 469 16.37 -4.29 15.30
N GLY A 470 17.44 -4.39 16.08
CA GLY A 470 17.61 -3.57 17.25
C GLY A 470 17.77 -2.11 16.89
N ARG A 471 18.52 -1.84 15.83
CA ARG A 471 18.73 -0.48 15.38
C ARG A 471 17.44 0.15 14.90
N LEU A 472 16.68 -0.62 14.12
CA LEU A 472 15.41 -0.19 13.58
C LEU A 472 14.41 0.01 14.68
N TRP A 473 14.45 -0.83 15.69
CA TRP A 473 13.51 -0.74 16.77
C TRP A 473 13.60 0.61 17.47
N ARG A 474 14.81 1.09 17.72
CA ARG A 474 14.96 2.40 18.32
C ARG A 474 14.54 3.55 17.41
N LYS A 475 14.98 3.52 16.15
CA LYS A 475 14.64 4.56 15.19
C LYS A 475 13.23 4.67 14.67
N ASP A 476 12.66 3.54 14.27
CA ASP A 476 11.33 3.54 13.68
C ASP A 476 10.62 2.20 13.80
N LYS A 477 9.55 2.14 14.55
CA LYS A 477 8.82 0.90 14.73
C LYS A 477 8.24 0.32 13.45
N TYR A 478 7.75 1.16 12.55
CA TYR A 478 7.22 0.66 11.28
C TYR A 478 8.28 0.01 10.41
N ASP A 479 9.47 0.58 10.37
CA ASP A 479 10.58 0.00 9.62
C ASP A 479 11.03 -1.31 10.24
N CYS A 480 11.02 -1.37 11.57
CA CYS A 480 11.36 -2.57 12.31
C CYS A 480 10.35 -3.67 12.01
N LEU A 481 9.09 -3.29 11.92
CA LEU A 481 8.02 -4.21 11.60
C LEU A 481 8.20 -4.75 10.19
N ILE A 482 8.63 -3.90 9.27
CA ILE A 482 8.89 -4.30 7.90
C ILE A 482 10.05 -5.28 7.82
N TRP A 483 11.12 -5.06 8.57
CA TRP A 483 12.24 -5.95 8.55
C TRP A 483 11.83 -7.33 9.04
N ILE A 484 11.09 -7.35 10.15
CA ILE A 484 10.62 -8.60 10.72
C ILE A 484 9.61 -9.37 9.88
N MET A 485 8.62 -8.68 9.31
CA MET A 485 7.65 -9.35 8.49
C MET A 485 8.30 -9.92 7.26
N THR A 486 9.20 -9.15 6.67
CA THR A 486 9.90 -9.58 5.48
C THR A 486 10.72 -10.80 5.79
N PHE A 487 11.41 -10.79 6.92
CA PHE A 487 12.19 -11.93 7.29
C PHE A 487 11.32 -13.15 7.52
N ILE A 488 10.21 -12.98 8.23
CA ILE A 488 9.31 -14.10 8.48
C ILE A 488 8.69 -14.63 7.19
N PHE A 489 8.25 -13.74 6.31
CA PHE A 489 7.62 -14.13 5.06
C PHE A 489 8.59 -14.88 4.15
N THR A 490 9.82 -14.43 4.11
CA THR A 490 10.88 -15.05 3.33
C THR A 490 11.24 -16.43 3.86
N ILE A 491 11.18 -16.61 5.17
CA ILE A 491 11.39 -17.91 5.78
C ILE A 491 10.26 -18.98 5.66
N VAL A 492 9.01 -18.57 5.86
CA VAL A 492 7.84 -19.47 5.89
C VAL A 492 7.31 -19.79 4.52
N LEU A 493 7.14 -18.74 3.73
CA LEU A 493 6.85 -18.84 2.31
C LEU A 493 8.22 -18.76 1.71
N GLY A 494 8.36 -19.03 0.44
CA GLY A 494 9.71 -19.04 -0.10
C GLY A 494 10.28 -17.68 -0.37
N LEU A 495 11.42 -17.64 -1.04
CA LEU A 495 12.04 -16.38 -1.41
C LEU A 495 11.14 -15.59 -2.35
N GLY A 496 10.53 -16.26 -3.31
CA GLY A 496 9.68 -15.59 -4.27
C GLY A 496 8.33 -15.16 -3.74
N LEU A 497 7.57 -16.10 -3.20
CA LEU A 497 6.27 -15.78 -2.62
C LEU A 497 6.45 -14.90 -1.40
N GLY A 498 7.49 -15.14 -0.63
CA GLY A 498 7.75 -14.31 0.52
C GLY A 498 7.99 -12.88 0.12
N LEU A 499 8.68 -12.67 -0.99
CA LEU A 499 8.94 -11.32 -1.46
C LEU A 499 7.66 -10.61 -1.85
N ALA A 500 6.79 -11.28 -2.59
CA ALA A 500 5.51 -10.67 -2.94
C ALA A 500 4.72 -10.31 -1.69
N ALA A 501 4.63 -11.24 -0.74
CA ALA A 501 3.93 -10.94 0.51
C ALA A 501 4.60 -9.80 1.26
N SER A 502 5.92 -9.70 1.19
CA SER A 502 6.64 -8.66 1.91
C SER A 502 6.40 -7.30 1.28
N VAL A 503 6.37 -7.23 -0.05
CA VAL A 503 6.08 -5.97 -0.72
C VAL A 503 4.66 -5.52 -0.40
N ALA A 504 3.71 -6.46 -0.38
CA ALA A 504 2.34 -6.10 -0.01
C ALA A 504 2.27 -5.57 1.42
N PHE A 505 2.94 -6.24 2.36
CA PHE A 505 2.89 -5.78 3.73
C PHE A 505 3.58 -4.44 3.91
N GLN A 506 4.66 -4.19 3.16
CA GLN A 506 5.34 -2.92 3.26
C GLN A 506 4.48 -1.80 2.70
N LEU A 507 3.66 -2.09 1.69
CA LEU A 507 2.68 -1.11 1.25
C LEU A 507 1.61 -0.88 2.31
N LEU A 508 1.21 -1.92 3.04
CA LEU A 508 0.23 -1.77 4.09
C LEU A 508 0.74 -0.92 5.25
N THR A 509 2.06 -0.95 5.50
CA THR A 509 2.60 -0.13 6.57
C THR A 509 2.48 1.37 6.29
N ILE A 510 2.43 1.76 5.02
CA ILE A 510 2.20 3.16 4.70
C ILE A 510 0.83 3.59 5.20
N VAL A 511 -0.17 2.73 5.07
CA VAL A 511 -1.47 3.01 5.64
C VAL A 511 -1.42 2.98 7.15
N PHE A 512 -0.67 2.03 7.72
CA PHE A 512 -0.50 2.01 9.17
C PHE A 512 0.03 3.33 9.70
N ARG A 513 0.92 3.98 8.95
CA ARG A 513 1.51 5.24 9.40
C ARG A 513 0.48 6.36 9.45
N THR A 514 -0.43 6.40 8.48
CA THR A 514 -1.32 7.52 8.29
C THR A 514 -2.75 7.22 8.73
N GLN A 515 -2.96 6.10 9.39
CA GLN A 515 -4.26 5.54 9.73
C GLN A 515 -4.95 6.28 10.87
N PHE A 516 -4.20 6.57 11.93
CA PHE A 516 -4.71 7.26 13.11
C PHE A 516 -3.85 8.49 13.34
N PRO A 517 -4.02 9.53 12.53
CA PRO A 517 -3.17 10.72 12.66
C PRO A 517 -3.33 11.38 14.02
N LYS A 518 -2.25 11.95 14.52
CA LYS A 518 -2.32 12.64 15.80
C LYS A 518 -2.87 14.03 15.61
N CYS A 519 -4.18 14.13 15.44
CA CYS A 519 -4.82 15.41 15.22
C CYS A 519 -4.73 16.31 16.43
N SER A 520 -4.80 17.62 16.22
CA SER A 520 -4.62 18.54 17.33
C SER A 520 -5.40 19.82 17.24
N THR A 521 -5.59 20.47 18.36
CA THR A 521 -6.25 21.76 18.38
C THR A 521 -5.13 22.73 18.61
N LEU A 522 -5.09 23.81 17.83
CA LEU A 522 -3.99 24.74 17.93
C LEU A 522 -4.37 26.00 18.67
N ALA A 523 -3.39 26.67 19.26
CA ALA A 523 -3.63 27.90 19.98
C ALA A 523 -2.54 28.91 19.68
N ASN A 524 -2.81 30.18 19.92
CA ASN A 524 -1.83 31.23 19.65
C ASN A 524 -0.83 31.36 20.77
N ILE A 525 0.44 31.50 20.43
CA ILE A 525 1.48 31.63 21.41
C ILE A 525 2.17 32.94 21.20
N GLY A 526 2.28 33.74 22.24
CA GLY A 526 2.97 35.01 22.17
C GLY A 526 2.23 36.17 21.56
N ARG A 527 0.91 36.03 21.37
CA ARG A 527 0.07 37.06 20.75
C ARG A 527 0.73 37.49 19.45
N THR A 528 1.11 36.57 18.59
CA THR A 528 1.67 36.98 17.30
C THR A 528 1.11 35.94 16.38
N ASN A 529 1.72 35.74 15.22
CA ASN A 529 1.14 34.91 14.18
C ASN A 529 1.48 33.42 14.30
N ILE A 530 2.03 33.01 15.44
CA ILE A 530 2.41 31.62 15.70
C ILE A 530 1.31 30.81 16.39
N TYR A 531 0.94 29.66 15.84
CA TYR A 531 -0.08 28.80 16.40
C TYR A 531 0.50 27.41 16.56
N LYS A 532 0.39 26.86 17.76
CA LYS A 532 0.97 25.55 18.05
C LYS A 532 -0.02 24.72 18.85
N ASN A 533 0.36 23.48 19.13
CA ASN A 533 -0.51 22.55 19.83
C ASN A 533 -0.96 23.13 21.17
N LYS A 534 -2.27 23.20 21.35
CA LYS A 534 -2.88 23.83 22.52
C LYS A 534 -2.45 23.17 23.82
N LYS A 535 -1.93 21.95 23.78
CA LYS A 535 -1.53 21.21 24.95
C LYS A 535 -0.05 21.28 25.25
N ASP A 536 0.73 22.00 24.46
CA ASP A 536 2.18 21.90 24.53
C ASP A 536 2.84 23.04 25.29
N TYR A 537 2.24 24.22 25.32
CA TYR A 537 2.87 25.38 25.93
C TYR A 537 1.95 26.00 26.96
N TYR A 538 2.54 26.83 27.82
CA TYR A 538 1.78 27.60 28.78
C TYR A 538 1.40 28.96 28.20
N ASP A 539 0.33 29.52 28.74
CA ASP A 539 -0.12 30.86 28.39
C ASP A 539 -0.47 30.99 26.91
N MET A 540 -1.09 29.96 26.35
CA MET A 540 -1.61 30.03 25.00
C MET A 540 -2.97 30.70 25.01
N TYR A 541 -3.47 31.02 23.81
CA TYR A 541 -4.67 31.82 23.69
C TYR A 541 -5.49 31.31 22.51
N GLU A 542 -6.74 30.95 22.77
CA GLU A 542 -7.69 30.70 21.70
C GLU A 542 -8.66 31.87 21.63
N PRO A 543 -8.81 32.54 20.49
CA PRO A 543 -9.85 33.56 20.38
C PRO A 543 -11.21 32.93 20.63
N GLU A 544 -12.06 33.68 21.32
CA GLU A 544 -13.27 33.10 21.88
C GLU A 544 -14.22 32.71 20.76
N GLY A 545 -14.67 31.46 20.76
CA GLY A 545 -15.55 30.96 19.73
C GLY A 545 -14.88 30.44 18.49
N VAL A 546 -13.56 30.33 18.49
CA VAL A 546 -12.80 29.87 17.35
C VAL A 546 -12.09 28.58 17.73
N LYS A 547 -12.18 27.58 16.86
CA LYS A 547 -11.45 26.33 17.01
C LYS A 547 -10.52 26.18 15.82
N ILE A 548 -9.27 25.82 16.08
CA ILE A 548 -8.28 25.58 15.04
C ILE A 548 -7.88 24.12 15.13
N PHE A 549 -8.19 23.35 14.11
CA PHE A 549 -7.97 21.91 14.10
C PHE A 549 -6.93 21.56 13.04
N ARG A 550 -5.97 20.72 13.39
CA ARG A 550 -4.91 20.31 12.49
C ARG A 550 -4.91 18.80 12.36
N CYS A 551 -4.90 18.32 11.13
CA CYS A 551 -4.65 16.92 10.81
C CYS A 551 -3.32 16.83 10.08
N PRO A 552 -2.29 16.33 10.76
CA PRO A 552 -0.94 16.36 10.18
C PRO A 552 -0.68 15.25 9.19
N SER A 553 -1.63 15.01 8.31
CA SER A 553 -1.50 13.91 7.39
C SER A 553 -2.43 14.12 6.22
N PRO A 554 -2.17 13.45 5.10
CA PRO A 554 -3.13 13.54 4.00
C PRO A 554 -4.37 12.76 4.40
N ILE A 555 -5.53 13.23 3.97
CA ILE A 555 -6.77 12.58 4.33
C ILE A 555 -7.29 11.84 3.11
N TYR A 556 -7.56 10.56 3.31
CA TYR A 556 -8.03 9.69 2.24
C TYR A 556 -8.90 8.59 2.83
N PHE A 557 -9.34 7.65 1.99
CA PHE A 557 -10.19 6.55 2.42
C PHE A 557 -9.91 5.89 3.78
N ALA A 558 -8.65 5.65 4.13
CA ALA A 558 -8.38 4.95 5.38
C ALA A 558 -8.29 5.90 6.56
N ASN A 559 -8.70 7.15 6.36
CA ASN A 559 -8.38 8.23 7.26
C ASN A 559 -9.58 9.07 7.66
N ILE A 560 -10.59 9.20 6.82
CA ILE A 560 -11.53 10.29 6.95
C ILE A 560 -12.53 10.05 8.07
N GLY A 561 -12.86 8.80 8.38
CA GLY A 561 -13.71 8.54 9.53
C GLY A 561 -13.02 8.90 10.83
N PHE A 562 -11.75 8.56 10.96
CA PHE A 562 -10.96 8.96 12.11
C PHE A 562 -10.88 10.48 12.21
N PHE A 563 -10.69 11.14 11.07
CA PHE A 563 -10.62 12.59 11.05
C PHE A 563 -11.92 13.22 11.54
N ARG A 564 -13.06 12.68 11.10
CA ARG A 564 -14.35 13.20 11.55
C ARG A 564 -14.56 12.98 13.03
N ARG A 565 -14.20 11.79 13.53
CA ARG A 565 -14.29 11.52 14.96
C ARG A 565 -13.45 12.50 15.77
N LYS A 566 -12.22 12.75 15.32
CA LYS A 566 -11.34 13.63 16.07
C LYS A 566 -11.80 15.07 16.01
N LEU A 567 -12.34 15.50 14.87
CA LEU A 567 -12.84 16.87 14.76
C LEU A 567 -14.05 17.07 15.65
N ILE A 568 -14.93 16.08 15.73
CA ILE A 568 -16.10 16.18 16.59
C ILE A 568 -15.70 16.16 18.06
N ASP A 569 -14.63 15.41 18.39
CA ASP A 569 -14.12 15.46 19.76
C ASP A 569 -13.46 16.80 20.06
N ALA A 570 -12.88 17.44 19.05
CA ALA A 570 -12.19 18.70 19.27
C ALA A 570 -13.17 19.85 19.46
N VAL A 571 -14.22 19.91 18.65
CA VAL A 571 -15.16 21.02 18.81
C VAL A 571 -16.09 20.79 19.99
N GLY A 572 -16.26 19.54 20.43
CA GLY A 572 -17.04 19.24 21.60
C GLY A 572 -18.48 18.88 21.36
N PHE A 573 -18.92 18.81 20.11
CA PHE A 573 -20.29 18.44 19.78
C PHE A 573 -20.30 17.87 18.39
N SER A 574 -21.41 17.27 18.02
CA SER A 574 -21.63 16.80 16.66
C SER A 574 -22.54 17.79 15.95
N PRO A 575 -22.10 18.42 14.86
CA PRO A 575 -22.96 19.42 14.20
C PRO A 575 -24.25 18.85 13.62
N LEU A 576 -24.27 17.59 13.20
CA LEU A 576 -25.50 16.99 12.73
C LEU A 576 -26.51 16.78 13.85
N ARG A 577 -26.05 16.40 15.03
CA ARG A 577 -26.94 16.28 16.17
C ARG A 577 -27.55 17.63 16.54
N ILE A 578 -26.74 18.69 16.51
CA ILE A 578 -27.24 20.02 16.80
C ILE A 578 -28.26 20.45 15.75
N LEU A 579 -27.98 20.16 14.48
CA LEU A 579 -28.93 20.53 13.43
C LEU A 579 -30.24 19.79 13.58
N ARG A 580 -30.18 18.51 13.96
CA ARG A 580 -31.41 17.74 14.14
C ARG A 580 -32.21 18.24 15.32
N LYS A 581 -31.55 18.58 16.42
CA LYS A 581 -32.28 19.12 17.56
C LYS A 581 -32.86 20.49 17.26
N ARG A 582 -32.17 21.31 16.48
CA ARG A 582 -32.74 22.59 16.09
C ARG A 582 -33.91 22.42 15.14
N ASN A 583 -33.86 21.44 14.26
CA ASN A 583 -34.94 21.27 13.30
C ASN A 583 -36.18 20.80 14.03
N LYS A 584 -36.01 19.97 15.04
CA LYS A 584 -37.15 19.52 15.84
C LYS A 584 -37.78 20.67 16.57
N ALA A 585 -36.96 21.50 17.19
CA ALA A 585 -37.46 22.64 17.94
C ALA A 585 -38.21 23.57 17.01
N LEU A 586 -37.67 23.79 15.82
CA LEU A 586 -38.33 24.65 14.86
C LEU A 586 -39.70 24.10 14.51
N ARG A 587 -39.80 22.78 14.41
CA ARG A 587 -41.08 22.15 14.12
C ARG A 587 -42.10 22.39 15.23
N LYS A 588 -41.69 22.19 16.48
CA LYS A 588 -42.59 22.43 17.58
C LYS A 588 -43.02 23.88 17.61
N ILE A 589 -42.07 24.77 17.33
CA ILE A 589 -42.37 26.18 17.35
C ILE A 589 -43.42 26.47 16.30
N ARG A 590 -43.23 25.93 15.11
CA ARG A 590 -44.18 26.15 14.03
C ARG A 590 -45.52 25.54 14.39
N LYS A 591 -45.50 24.40 15.06
CA LYS A 591 -46.73 23.78 15.51
C LYS A 591 -47.47 24.69 16.47
N LEU A 592 -46.78 25.15 17.50
CA LEU A 592 -47.41 26.03 18.48
C LEU A 592 -47.81 27.32 17.82
N GLN A 593 -47.03 27.78 16.86
CA GLN A 593 -47.36 29.00 16.16
C GLN A 593 -48.66 28.88 15.41
N LYS A 594 -48.85 27.74 14.74
CA LYS A 594 -50.07 27.54 13.98
C LYS A 594 -51.24 27.33 14.93
N GLN A 595 -51.01 26.57 16.00
CA GLN A 595 -52.06 26.35 16.98
C GLN A 595 -52.50 27.67 17.60
N GLY A 596 -51.54 28.52 17.96
CA GLY A 596 -51.85 29.81 18.54
C GLY A 596 -51.16 30.09 19.85
N LEU A 597 -50.71 29.03 20.52
CA LEU A 597 -50.04 29.19 21.81
C LEU A 597 -48.83 30.10 21.69
N LEU A 598 -48.29 30.24 20.48
CA LEU A 598 -47.14 31.10 20.26
C LEU A 598 -47.46 32.11 19.16
N GLN A 599 -47.11 33.37 19.38
CA GLN A 599 -47.39 34.40 18.39
C GLN A 599 -46.12 35.08 17.94
N VAL A 600 -45.89 35.11 16.63
CA VAL A 600 -44.69 35.72 16.09
C VAL A 600 -44.72 37.23 16.28
N THR A 601 -43.55 37.84 16.39
CA THR A 601 -43.50 39.28 16.64
C THR A 601 -42.16 39.84 16.21
N PRO A 602 -42.15 41.05 15.65
CA PRO A 602 -40.87 41.66 15.31
C PRO A 602 -39.94 41.48 16.48
N LYS A 603 -40.44 41.64 17.69
CA LYS A 603 -39.63 41.41 18.87
C LYS A 603 -39.80 39.99 19.33
N GLY A 604 -38.93 39.09 18.87
CA GLY A 604 -38.98 37.71 19.31
C GLY A 604 -40.31 37.00 19.21
N PHE A 605 -40.72 36.32 20.27
CA PHE A 605 -41.95 35.53 20.23
C PHE A 605 -42.93 35.83 21.36
N ILE A 606 -44.18 35.40 21.19
CA ILE A 606 -45.18 35.61 22.23
C ILE A 606 -45.63 34.29 22.83
N CYS A 607 -45.28 34.04 24.08
CA CYS A 607 -45.71 32.82 24.75
C CYS A 607 -47.17 32.96 25.16
N THR A 608 -48.05 33.16 24.18
CA THR A 608 -49.46 33.36 24.48
C THR A 608 -49.92 32.37 25.54
N VAL A 609 -49.52 31.11 25.38
CA VAL A 609 -49.90 30.10 26.35
C VAL A 609 -48.70 29.61 27.13
N ASP A 610 -48.75 29.74 28.44
CA ASP A 610 -47.65 29.27 29.27
C ASP A 610 -47.84 27.79 29.56
N THR A 611 -46.84 27.16 30.17
CA THR A 611 -46.92 25.74 30.50
C THR A 611 -47.70 24.98 29.42
N ILE A 612 -47.20 25.01 28.19
CA ILE A 612 -47.91 24.38 27.09
C ILE A 612 -47.79 22.87 27.11
N LYS A 613 -48.36 22.22 26.09
CA LYS A 613 -48.36 20.77 26.04
C LYS A 613 -46.95 20.24 25.84
N ASP A 614 -46.76 18.95 26.09
CA ASP A 614 -45.44 18.35 25.91
C ASP A 614 -45.55 17.08 25.10
N SER A 615 -45.77 17.21 23.79
CA SER A 615 -45.92 16.04 22.94
C SER A 615 -44.93 16.05 21.78
N ASP A 616 -44.06 15.05 21.71
CA ASP A 616 -43.09 14.98 20.63
C ASP A 616 -43.72 14.46 19.35
N GLU A 617 -43.20 14.88 18.21
CA GLU A 617 -43.76 14.47 16.93
C GLU A 617 -43.60 12.97 16.70
N GLU A 618 -42.50 12.40 17.16
CA GLU A 618 -42.23 10.98 16.93
C GLU A 618 -42.29 10.67 15.44
N LEU A 619 -41.40 11.28 14.67
CA LEU A 619 -41.39 11.08 13.22
C LEU A 619 -41.10 9.65 12.85
N ASP A 620 -41.66 9.18 11.74
CA ASP A 620 -41.48 7.79 11.35
C ASP A 620 -40.16 7.56 10.64
N ASN A 621 -39.88 6.31 10.29
CA ASN A 621 -38.62 5.98 9.65
C ASN A 621 -38.51 6.64 8.30
N ASN A 622 -39.64 6.96 7.69
CA ASN A 622 -39.62 7.53 6.35
C ASN A 622 -39.76 9.05 6.34
N GLN A 623 -39.71 9.68 7.49
CA GLN A 623 -39.82 11.14 7.58
C GLN A 623 -38.72 11.75 8.42
N ILE A 624 -37.97 10.94 9.15
CA ILE A 624 -36.95 11.47 10.05
C ILE A 624 -35.84 12.22 9.32
N GLU A 625 -35.75 12.05 8.02
CA GLU A 625 -34.68 12.70 7.25
C GLU A 625 -34.88 14.20 7.12
N VAL A 626 -36.08 14.68 7.42
CA VAL A 626 -36.38 16.09 7.31
C VAL A 626 -35.62 16.90 8.35
N LEU A 627 -35.20 16.26 9.43
CA LEU A 627 -34.50 16.95 10.51
C LEU A 627 -33.05 17.21 10.15
N ASP A 628 -32.65 16.87 8.94
CA ASP A 628 -31.28 17.06 8.52
C ASP A 628 -31.17 18.14 7.45
N GLN A 629 -32.30 18.76 7.14
CA GLN A 629 -32.30 19.77 6.08
C GLN A 629 -31.93 21.15 6.61
N PRO A 630 -31.30 21.98 5.76
CA PRO A 630 -30.93 23.32 6.20
C PRO A 630 -32.12 24.05 6.80
N ILE A 631 -31.93 24.69 7.94
CA ILE A 631 -33.01 25.42 8.58
C ILE A 631 -33.28 26.72 7.87
N ASN A 632 -34.52 26.96 7.47
CA ASN A 632 -34.88 28.22 6.85
C ASN A 632 -36.00 28.84 7.66
N THR A 633 -35.74 29.96 8.30
CA THR A 633 -36.75 30.58 9.15
C THR A 633 -37.24 31.89 8.59
N THR A 634 -37.08 32.09 7.29
CA THR A 634 -37.55 33.31 6.65
C THR A 634 -39.01 33.54 6.96
N ASP A 635 -39.79 32.46 6.95
CA ASP A 635 -41.20 32.58 7.28
C ASP A 635 -41.34 33.50 8.46
N LEU A 636 -40.68 33.18 9.56
CA LEU A 636 -40.71 34.04 10.73
C LEU A 636 -39.90 35.29 10.41
N PRO A 637 -40.48 36.46 10.66
CA PRO A 637 -39.78 37.71 10.30
C PRO A 637 -38.41 37.88 10.94
N PHE A 638 -38.24 37.46 12.19
CA PHE A 638 -37.03 37.77 12.94
C PHE A 638 -36.09 36.58 12.98
N HIS A 639 -34.84 36.84 13.35
CA HIS A 639 -33.85 35.78 13.48
C HIS A 639 -33.98 35.08 14.83
N ILE A 640 -33.86 33.76 14.81
CA ILE A 640 -33.88 32.96 16.04
C ILE A 640 -32.44 32.75 16.48
N ASP A 641 -32.04 33.41 17.55
CA ASP A 641 -30.74 33.14 18.16
C ASP A 641 -30.84 31.78 18.81
N TRP A 642 -30.24 30.77 18.18
CA TRP A 642 -30.37 29.40 18.67
C TRP A 642 -29.63 29.19 19.97
N ASN A 643 -28.73 30.09 20.35
CA ASN A 643 -27.97 29.96 21.57
C ASN A 643 -28.54 30.76 22.72
N ASP A 644 -29.67 31.42 22.47
CA ASP A 644 -30.36 32.11 23.54
C ASP A 644 -31.58 31.26 23.88
N ASP A 645 -32.35 31.64 24.88
CA ASP A 645 -33.49 30.81 25.31
C ASP A 645 -34.59 30.74 24.25
N LEU A 646 -35.26 29.58 24.19
CA LEU A 646 -36.32 29.40 23.20
C LEU A 646 -37.69 29.51 23.86
N PRO A 647 -38.71 29.89 23.08
CA PRO A 647 -40.05 30.10 23.65
C PRO A 647 -40.72 28.84 24.18
N LEU A 648 -41.42 28.95 25.30
CA LEU A 648 -42.19 27.82 25.83
C LEU A 648 -41.35 26.62 26.27
N ASN A 649 -40.16 26.88 26.80
CA ASN A 649 -39.33 25.78 27.33
C ASN A 649 -38.70 24.90 26.26
N ILE A 650 -38.96 25.18 25.00
CA ILE A 650 -38.33 24.41 23.94
C ILE A 650 -36.83 24.52 24.16
N GLU A 651 -36.12 23.39 24.15
CA GLU A 651 -34.69 23.44 24.48
C GLU A 651 -33.76 22.76 23.48
N VAL A 652 -32.65 23.42 23.16
CA VAL A 652 -31.68 22.86 22.23
C VAL A 652 -30.27 23.12 22.76
N PRO A 653 -29.38 22.14 22.67
CA PRO A 653 -27.99 22.37 23.08
C PRO A 653 -27.45 23.66 22.49
N LYS A 654 -26.75 24.43 23.32
CA LYS A 654 -26.11 25.65 22.88
C LYS A 654 -24.63 25.39 22.62
N ILE A 655 -24.10 26.07 21.61
CA ILE A 655 -22.70 25.95 21.25
C ILE A 655 -22.09 27.34 21.22
N SER A 656 -20.84 27.43 21.66
CA SER A 656 -20.13 28.71 21.63
C SER A 656 -19.31 28.88 20.37
N LEU A 657 -19.15 27.82 19.59
CA LEU A 657 -18.34 27.89 18.38
C LEU A 657 -19.05 28.69 17.30
N HIS A 658 -18.34 29.64 16.71
CA HIS A 658 -18.86 30.32 15.53
C HIS A 658 -17.90 30.24 14.35
N SER A 659 -16.67 29.80 14.55
CA SER A 659 -15.71 29.72 13.48
C SER A 659 -14.82 28.51 13.68
N LEU A 660 -14.62 27.74 12.63
CA LEU A 660 -13.75 26.57 12.66
C LEU A 660 -12.70 26.74 11.58
N ILE A 661 -11.43 26.68 11.98
CA ILE A 661 -10.31 26.76 11.05
C ILE A 661 -9.69 25.38 10.94
N LEU A 662 -9.56 24.89 9.72
CA LEU A 662 -8.92 23.62 9.44
C LEU A 662 -7.54 23.89 8.86
N ASP A 663 -6.50 23.56 9.63
CA ASP A 663 -5.13 23.72 9.18
C ASP A 663 -4.77 22.55 8.28
N PHE A 664 -4.73 22.79 6.99
CA PHE A 664 -4.52 21.74 5.99
C PHE A 664 -3.15 21.78 5.36
N SER A 665 -2.15 22.29 6.08
CA SER A 665 -0.82 22.43 5.49
C SER A 665 -0.17 21.08 5.25
N ALA A 666 -0.36 20.13 6.17
CA ALA A 666 0.23 18.81 6.06
C ALA A 666 -0.66 17.82 5.36
N VAL A 667 -1.85 18.23 4.91
CA VAL A 667 -2.74 17.36 4.15
C VAL A 667 -2.24 17.35 2.71
N SER A 668 -1.45 16.33 2.37
CA SER A 668 -0.77 16.30 1.07
C SER A 668 -1.75 16.12 -0.08
N PHE A 669 -2.62 15.14 0.06
CA PHE A 669 -3.58 14.89 -0.95
C PHE A 669 -4.89 14.55 -0.32
N LEU A 670 -5.88 14.46 -1.17
CA LEU A 670 -7.22 14.07 -0.82
C LEU A 670 -7.64 13.05 -1.87
N ASP A 671 -8.60 12.21 -1.54
CA ASP A 671 -9.11 11.23 -2.51
C ASP A 671 -10.64 11.35 -2.57
N VAL A 672 -11.33 10.63 -3.44
CA VAL A 672 -12.79 10.80 -3.47
C VAL A 672 -13.52 10.55 -2.15
N SER A 673 -13.08 9.56 -1.38
CA SER A 673 -13.69 9.29 -0.09
C SER A 673 -13.50 10.44 0.87
N SER A 674 -12.29 10.99 0.92
CA SER A 674 -12.00 12.11 1.81
C SER A 674 -12.75 13.38 1.43
N VAL A 675 -12.90 13.64 0.14
CA VAL A 675 -13.63 14.83 -0.27
C VAL A 675 -15.12 14.61 -0.04
N ARG A 676 -15.62 13.38 -0.20
CA ARG A 676 -17.02 13.17 0.07
C ARG A 676 -17.27 13.34 1.55
N GLY A 677 -16.42 12.75 2.36
CA GLY A 677 -16.51 12.87 3.79
C GLY A 677 -16.30 14.30 4.22
N LEU A 678 -15.35 14.98 3.58
CA LEU A 678 -15.04 16.36 3.88
C LEU A 678 -16.20 17.28 3.55
N LYS A 679 -16.74 17.16 2.34
CA LYS A 679 -17.86 17.96 1.88
C LYS A 679 -19.03 17.79 2.82
N SER A 680 -19.23 16.56 3.27
CA SER A 680 -20.29 16.23 4.18
C SER A 680 -20.13 16.97 5.50
N ILE A 681 -18.97 16.87 6.14
CA ILE A 681 -18.67 17.55 7.40
C ILE A 681 -18.85 19.05 7.28
N LEU A 682 -18.31 19.65 6.23
CA LEU A 682 -18.40 21.09 6.06
C LEU A 682 -19.82 21.59 5.85
N GLN A 683 -20.61 20.89 5.06
CA GLN A 683 -22.00 21.26 4.87
C GLN A 683 -22.76 21.27 6.18
N GLU A 684 -22.47 20.33 7.06
CA GLU A 684 -23.15 20.27 8.34
C GLU A 684 -22.79 21.44 9.25
N PHE A 685 -21.53 21.83 9.28
CA PHE A 685 -21.12 22.96 10.09
C PHE A 685 -21.73 24.23 9.54
N ILE A 686 -21.76 24.36 8.22
CA ILE A 686 -22.32 25.55 7.59
C ILE A 686 -23.83 25.67 7.83
N ARG A 687 -24.53 24.54 7.83
CA ARG A 687 -25.97 24.57 8.08
C ARG A 687 -26.31 24.89 9.53
N ILE A 688 -25.34 24.83 10.43
CA ILE A 688 -25.59 25.21 11.81
C ILE A 688 -24.95 26.56 12.07
N LYS A 689 -24.76 27.35 11.02
CA LYS A 689 -24.19 28.72 11.10
C LYS A 689 -22.79 28.92 11.70
N VAL A 690 -21.89 27.97 11.47
CA VAL A 690 -20.51 28.07 11.94
C VAL A 690 -19.66 28.31 10.70
N ASP A 691 -18.87 29.36 10.71
CA ASP A 691 -18.01 29.65 9.58
C ASP A 691 -16.82 28.72 9.58
N VAL A 692 -16.48 28.19 8.42
CA VAL A 692 -15.39 27.24 8.26
C VAL A 692 -14.31 27.81 7.36
N TYR A 693 -13.04 27.63 7.76
CA TYR A 693 -11.90 28.12 7.00
C TYR A 693 -10.88 27.06 6.81
N ILE A 694 -10.39 26.92 5.59
CA ILE A 694 -9.34 25.97 5.30
C ILE A 694 -8.11 26.78 4.91
N VAL A 695 -7.04 26.61 5.68
CA VAL A 695 -5.84 27.41 5.51
C VAL A 695 -4.64 26.52 5.25
N GLY A 696 -3.60 27.11 4.70
CA GLY A 696 -2.31 26.45 4.59
C GLY A 696 -2.14 25.54 3.40
N THR A 697 -3.04 25.57 2.43
CA THR A 697 -2.91 24.73 1.25
C THR A 697 -2.24 25.51 0.13
N ASP A 698 -1.71 24.78 -0.84
CA ASP A 698 -1.15 25.42 -2.03
C ASP A 698 -2.18 25.44 -3.15
N ASP A 699 -1.78 25.99 -4.29
CA ASP A 699 -2.70 26.24 -5.40
C ASP A 699 -3.10 24.97 -6.13
N ASP A 700 -2.15 24.04 -6.30
CA ASP A 700 -2.46 22.74 -6.86
C ASP A 700 -3.57 22.06 -6.08
N PHE A 701 -3.60 22.24 -4.76
CA PHE A 701 -4.62 21.64 -3.92
C PHE A 701 -6.01 22.13 -4.30
N ILE A 702 -6.17 23.43 -4.48
CA ILE A 702 -7.50 23.97 -4.77
C ILE A 702 -7.91 23.68 -6.21
N GLU A 703 -6.91 23.56 -7.06
CA GLU A 703 -7.11 23.20 -8.44
C GLU A 703 -7.70 21.79 -8.43
N LYS A 704 -7.10 20.88 -7.66
CA LYS A 704 -7.56 19.51 -7.55
C LYS A 704 -8.96 19.45 -6.95
N LEU A 705 -9.21 20.23 -5.91
CA LEU A 705 -10.51 20.25 -5.26
C LEU A 705 -11.61 20.78 -6.17
N ASN A 706 -11.26 21.56 -7.19
CA ASN A 706 -12.27 22.05 -8.12
C ASN A 706 -12.78 20.94 -9.04
N ARG A 707 -11.96 19.92 -9.29
CA ARG A 707 -12.40 18.83 -10.16
C ARG A 707 -13.40 17.91 -9.47
N TYR A 708 -13.34 17.84 -8.15
CA TYR A 708 -14.21 16.94 -7.40
C TYR A 708 -15.63 17.42 -7.28
N GLU A 709 -16.00 18.52 -7.93
CA GLU A 709 -17.28 19.17 -7.71
C GLU A 709 -17.53 19.36 -6.21
N PHE A 710 -16.53 19.93 -5.56
CA PHE A 710 -16.57 20.21 -4.13
C PHE A 710 -17.28 21.51 -3.83
N PHE A 711 -17.00 22.54 -4.59
CA PHE A 711 -17.58 23.85 -4.36
C PHE A 711 -18.94 23.95 -5.06
N ASP A 712 -19.84 24.64 -4.40
CA ASP A 712 -21.19 24.88 -4.88
C ASP A 712 -21.72 26.07 -4.10
N GLY A 713 -23.03 26.28 -4.16
CA GLY A 713 -23.66 27.11 -3.14
C GLY A 713 -23.54 26.43 -1.79
N GLU A 714 -23.33 27.23 -0.76
CA GLU A 714 -23.16 26.86 0.64
C GLU A 714 -21.86 26.09 0.92
N VAL A 715 -20.95 25.97 -0.04
CA VAL A 715 -19.54 25.68 0.22
C VAL A 715 -18.76 26.34 -0.89
N LYS A 716 -18.16 27.49 -0.59
CA LYS A 716 -17.57 28.34 -1.59
C LYS A 716 -16.05 28.37 -1.42
N SER A 717 -15.37 28.76 -2.49
CA SER A 717 -13.92 28.91 -2.42
C SER A 717 -13.48 30.08 -1.55
N SER A 718 -14.43 30.84 -1.00
CA SER A 718 -14.12 31.88 -0.04
C SER A 718 -13.63 31.32 1.29
N ILE A 719 -13.78 30.02 1.52
CA ILE A 719 -13.36 29.43 2.78
C ILE A 719 -11.86 29.19 2.86
N PHE A 720 -11.14 29.39 1.78
CA PHE A 720 -9.71 29.17 1.74
C PHE A 720 -9.00 30.47 2.05
N PHE A 721 -8.10 30.43 3.03
CA PHE A 721 -7.26 31.55 3.40
C PHE A 721 -5.81 31.13 3.32
N LEU A 722 -4.92 32.11 3.36
CA LEU A 722 -3.51 31.82 3.20
C LEU A 722 -2.95 31.07 4.39
N THR A 723 -3.11 31.63 5.59
CA THR A 723 -2.53 31.09 6.81
C THR A 723 -3.58 31.07 7.90
N ILE A 724 -3.21 30.51 9.05
CA ILE A 724 -4.10 30.52 10.20
C ILE A 724 -4.34 31.95 10.68
N HIS A 725 -3.32 32.79 10.64
CA HIS A 725 -3.48 34.15 11.13
C HIS A 725 -4.35 34.98 10.21
N ASP A 726 -4.31 34.73 8.91
CA ASP A 726 -5.22 35.39 7.98
C ASP A 726 -6.66 35.09 8.35
N ALA A 727 -6.98 33.82 8.57
CA ALA A 727 -8.34 33.43 8.93
C ALA A 727 -8.74 33.99 10.28
N VAL A 728 -7.81 34.00 11.25
CA VAL A 728 -8.14 34.51 12.57
C VAL A 728 -8.42 36.00 12.51
N LEU A 729 -7.62 36.76 11.76
CA LEU A 729 -7.84 38.20 11.66
C LEU A 729 -9.13 38.50 10.90
N HIS A 730 -9.42 37.73 9.86
CA HIS A 730 -10.68 37.88 9.15
C HIS A 730 -11.86 37.62 10.07
N ILE A 731 -11.79 36.57 10.89
CA ILE A 731 -12.85 36.25 11.83
C ILE A 731 -13.01 37.38 12.84
N LEU A 732 -11.91 37.92 13.35
CA LEU A 732 -12.00 38.97 14.34
C LEU A 732 -12.60 40.23 13.75
N MET A 733 -12.32 40.53 12.50
CA MET A 733 -12.94 41.69 11.87
C MET A 733 -14.44 41.46 11.66
N LYS A 734 -14.80 40.26 11.24
CA LYS A 734 -16.22 39.92 11.12
C LYS A 734 -16.95 40.07 12.45
N LYS A 735 -16.32 39.65 13.54
CA LYS A 735 -16.99 39.72 14.84
C LYS A 735 -16.99 41.15 15.37
N ASP A 736 -15.96 41.94 15.03
CA ASP A 736 -16.02 43.36 15.34
C ASP A 736 -17.20 44.02 14.64
N ASN B 18 -8.77 45.53 6.73
CA ASN B 18 -8.01 44.32 6.98
C ASN B 18 -6.51 44.58 6.90
N GLN B 19 -5.80 44.37 8.02
CA GLN B 19 -4.36 44.50 7.95
C GLN B 19 -3.64 43.45 8.79
N TYR B 20 -2.77 42.67 8.17
CA TYR B 20 -2.01 41.66 8.87
C TYR B 20 -0.77 42.37 9.35
N ILE B 21 -0.68 42.62 10.65
CA ILE B 21 0.44 43.37 11.21
C ILE B 21 1.09 42.51 12.28
N VAL B 22 2.35 42.15 12.07
CA VAL B 22 3.09 41.30 12.98
C VAL B 22 4.43 41.95 13.25
N ALA B 23 4.84 41.95 14.51
CA ALA B 23 6.19 42.39 14.91
C ALA B 23 6.66 41.43 16.00
N ARG B 24 7.52 40.51 15.64
CA ARG B 24 8.01 39.53 16.60
C ARG B 24 9.47 39.22 16.32
N PRO B 25 10.15 38.48 17.18
CA PRO B 25 11.51 38.05 16.85
C PRO B 25 11.52 36.97 15.78
N VAL B 26 12.66 36.82 15.13
CA VAL B 26 12.82 35.76 14.17
C VAL B 26 13.08 34.54 15.02
N TYR B 27 12.35 33.46 14.79
CA TYR B 27 12.47 32.31 15.65
C TYR B 27 12.96 31.03 15.02
N SER B 28 14.01 30.46 15.57
CA SER B 28 14.45 29.17 15.14
C SER B 28 13.66 28.28 16.04
N THR B 29 13.40 27.05 15.66
CA THR B 29 12.55 26.19 16.48
C THR B 29 13.14 26.06 17.90
N ASN B 30 14.47 25.95 18.00
CA ASN B 30 15.13 25.87 19.30
C ASN B 30 14.96 27.14 20.11
N ALA B 31 15.09 28.29 19.47
CA ALA B 31 14.93 29.56 20.15
C ALA B 31 13.51 29.75 20.66
N PHE B 32 12.51 29.36 19.87
CA PHE B 32 11.13 29.51 20.28
C PHE B 32 10.89 28.69 21.53
N GLU B 33 11.46 27.49 21.57
CA GLU B 33 11.30 26.64 22.73
C GLU B 33 12.03 27.21 23.92
N GLU B 34 13.22 27.74 23.70
CA GLU B 34 13.93 28.39 24.79
C GLU B 34 13.12 29.52 25.38
N ASN B 35 12.37 30.24 24.55
CA ASN B 35 11.68 31.43 25.05
C ASN B 35 10.28 31.11 25.56
N HIS B 36 9.74 29.96 25.19
CA HIS B 36 8.39 29.60 25.58
C HIS B 36 8.39 28.26 26.29
N LYS B 37 8.03 28.29 27.57
CA LYS B 37 8.14 27.10 28.37
C LYS B 37 7.13 26.05 27.90
N LYS B 38 7.59 24.81 27.85
CA LYS B 38 6.81 23.70 27.33
C LYS B 38 6.13 23.04 28.51
N THR B 39 4.92 22.52 28.31
CA THR B 39 4.19 21.90 29.40
C THR B 39 4.77 20.53 29.70
N GLY B 40 4.16 19.83 30.65
CA GLY B 40 4.67 18.53 31.03
C GLY B 40 4.56 17.51 29.92
N ARG B 41 5.70 17.00 29.47
CA ARG B 41 5.69 16.00 28.42
C ARG B 41 5.52 14.62 29.04
N HIS B 42 4.29 14.29 29.42
CA HIS B 42 4.03 13.00 30.05
C HIS B 42 3.99 11.88 29.03
N HIS B 43 4.97 10.99 29.09
CA HIS B 43 5.00 9.86 28.18
C HIS B 43 3.96 8.82 28.57
N LYS B 44 3.47 8.07 27.59
CA LYS B 44 2.49 7.01 27.88
C LYS B 44 3.17 5.66 27.77
N THR B 45 3.45 5.04 28.92
CA THR B 45 4.15 3.76 28.93
C THR B 45 3.25 2.61 28.50
N PHE B 46 3.77 1.73 27.66
CA PHE B 46 3.01 0.57 27.22
C PHE B 46 2.58 -0.26 28.41
N LEU B 47 3.47 -0.41 29.39
CA LEU B 47 3.10 -1.13 30.60
C LEU B 47 1.95 -0.40 31.27
N ASP B 48 1.97 0.92 31.23
CA ASP B 48 0.88 1.70 31.80
C ASP B 48 -0.41 1.41 31.05
N HIS B 49 -0.33 1.26 29.74
CA HIS B 49 -1.52 0.90 28.98
C HIS B 49 -2.02 -0.42 29.52
N LEU B 50 -1.10 -1.34 29.76
CA LEU B 50 -1.48 -2.64 30.29
C LEU B 50 -2.15 -2.46 31.63
N LYS B 51 -1.63 -1.53 32.44
CA LYS B 51 -2.21 -1.27 33.73
C LYS B 51 -3.64 -0.77 33.62
N VAL B 52 -3.87 0.19 32.73
CA VAL B 52 -5.21 0.74 32.56
C VAL B 52 -6.12 -0.34 31.99
N CYS B 53 -5.60 -1.16 31.09
CA CYS B 53 -6.39 -2.24 30.52
C CYS B 53 -6.69 -3.25 31.62
N CYS B 54 -5.80 -3.35 32.59
CA CYS B 54 -6.00 -4.30 33.67
C CYS B 54 -6.54 -3.58 34.88
N SER B 55 -7.79 -3.14 34.78
CA SER B 55 -8.42 -2.43 35.89
C SER B 55 -9.39 -3.32 36.64
N CYS B 56 -10.12 -4.18 35.92
CA CYS B 56 -11.10 -5.06 36.54
C CYS B 56 -11.92 -4.41 37.65
N SER B 57 -12.38 -3.18 37.44
CA SER B 57 -13.25 -2.55 38.44
C SER B 57 -14.67 -3.09 38.29
N PRO B 58 -15.45 -3.09 39.37
CA PRO B 58 -16.80 -3.65 39.30
C PRO B 58 -17.62 -2.97 38.21
N GLN B 59 -17.55 -1.64 38.15
CA GLN B 59 -18.26 -0.92 37.10
C GLN B 59 -17.70 -1.30 35.73
N LYS B 60 -16.39 -1.48 35.63
CA LYS B 60 -15.79 -1.83 34.36
C LYS B 60 -16.33 -3.17 33.91
N ALA B 61 -16.45 -4.10 34.85
CA ALA B 61 -16.98 -5.41 34.51
C ALA B 61 -18.37 -5.28 33.94
N LYS B 62 -19.19 -4.45 34.58
CA LYS B 62 -20.56 -4.27 34.10
C LYS B 62 -20.55 -3.74 32.68
N ARG B 63 -19.68 -2.76 32.42
CA ARG B 63 -19.65 -2.16 31.10
C ARG B 63 -19.24 -3.20 30.06
N ILE B 64 -18.26 -4.04 30.40
CA ILE B 64 -17.80 -5.06 29.48
C ILE B 64 -18.89 -6.08 29.15
N VAL B 65 -19.57 -6.58 30.18
CA VAL B 65 -20.61 -7.58 29.96
C VAL B 65 -21.79 -6.99 29.21
N LEU B 66 -22.14 -5.75 29.52
CA LEU B 66 -23.22 -5.10 28.82
C LEU B 66 -22.82 -4.85 27.38
N SER B 67 -21.51 -4.71 27.16
CA SER B 67 -21.03 -4.49 25.81
C SER B 67 -21.12 -5.77 25.00
N LEU B 68 -20.96 -6.92 25.65
CA LEU B 68 -20.99 -8.20 24.96
C LEU B 68 -22.39 -8.75 24.87
N PHE B 69 -23.32 -8.17 25.63
CA PHE B 69 -24.71 -8.60 25.57
C PHE B 69 -25.55 -7.36 25.48
N PRO B 70 -25.56 -6.73 24.30
CA PRO B 70 -26.28 -5.46 24.16
C PRO B 70 -27.74 -5.57 24.54
N ILE B 71 -28.35 -6.73 24.37
CA ILE B 71 -29.76 -6.89 24.64
C ILE B 71 -30.10 -6.53 26.07
N ALA B 72 -29.19 -6.81 27.00
CA ALA B 72 -29.43 -6.51 28.40
C ALA B 72 -29.51 -5.01 28.61
N SER B 73 -29.13 -4.25 27.60
CA SER B 73 -29.18 -2.81 27.70
C SER B 73 -30.36 -2.20 26.96
N TRP B 74 -30.64 -2.68 25.76
CA TRP B 74 -31.71 -2.07 24.96
C TRP B 74 -33.09 -2.65 25.19
N LEU B 75 -33.17 -3.87 25.68
CA LEU B 75 -34.48 -4.48 25.87
C LEU B 75 -35.27 -3.81 26.98
N PRO B 76 -34.64 -3.60 28.15
CA PRO B 76 -35.34 -2.96 29.27
C PRO B 76 -35.82 -1.55 28.91
N ALA B 77 -35.15 -0.90 27.97
CA ALA B 77 -35.54 0.44 27.57
C ALA B 77 -36.51 0.41 26.40
N TYR B 78 -37.18 -0.72 26.18
CA TYR B 78 -38.07 -0.84 25.03
C TYR B 78 -39.34 -0.02 25.21
N ARG B 79 -39.69 0.75 24.20
CA ARG B 79 -40.90 1.54 24.26
C ARG B 79 -42.05 0.78 23.64
N LEU B 80 -42.69 -0.08 24.41
CA LEU B 80 -43.76 -0.92 23.88
C LEU B 80 -44.85 -0.13 23.18
N LYS B 81 -45.27 0.98 23.77
CA LYS B 81 -46.35 1.77 23.19
C LYS B 81 -46.01 2.30 21.82
N GLU B 82 -44.76 2.71 21.62
CA GLU B 82 -44.38 3.34 20.36
C GLU B 82 -43.70 2.43 19.34
N TRP B 83 -43.26 1.25 19.76
CA TRP B 83 -42.51 0.39 18.85
C TRP B 83 -43.11 -0.97 18.57
N LEU B 84 -43.73 -1.60 19.57
CA LEU B 84 -44.21 -2.97 19.39
C LEU B 84 -44.89 -3.19 18.04
N LEU B 85 -45.94 -2.44 17.75
CA LEU B 85 -46.68 -2.67 16.51
C LEU B 85 -45.80 -2.45 15.30
N SER B 86 -44.96 -1.42 15.34
CA SER B 86 -44.08 -1.14 14.21
C SER B 86 -43.13 -2.29 13.97
N ASP B 87 -42.53 -2.80 15.03
CA ASP B 87 -41.61 -3.92 14.91
C ASP B 87 -42.33 -5.18 14.42
N ILE B 88 -43.57 -5.35 14.84
CA ILE B 88 -44.35 -6.50 14.39
C ILE B 88 -44.60 -6.45 12.89
N VAL B 89 -45.01 -5.29 12.38
CA VAL B 89 -45.26 -5.14 10.95
C VAL B 89 -43.97 -5.28 10.15
N SER B 90 -42.90 -4.65 10.61
CA SER B 90 -41.62 -4.77 9.94
C SER B 90 -41.15 -6.20 9.97
N GLY B 91 -41.38 -6.90 11.08
CA GLY B 91 -40.95 -8.27 11.20
C GLY B 91 -41.64 -9.22 10.25
N ILE B 92 -42.95 -9.10 10.13
CA ILE B 92 -43.71 -9.94 9.22
C ILE B 92 -43.27 -9.68 7.79
N SER B 93 -43.07 -8.42 7.45
CA SER B 93 -42.64 -8.07 6.10
C SER B 93 -41.26 -8.62 5.80
N THR B 94 -40.33 -8.44 6.73
CA THR B 94 -38.96 -8.91 6.54
C THR B 94 -38.93 -10.43 6.58
N GLY B 95 -39.75 -11.04 7.41
CA GLY B 95 -39.80 -12.49 7.50
C GLY B 95 -40.21 -13.13 6.21
N ILE B 96 -41.15 -12.52 5.49
CA ILE B 96 -41.60 -13.04 4.22
C ILE B 96 -40.49 -12.91 3.18
N VAL B 97 -39.83 -11.77 3.15
CA VAL B 97 -38.73 -11.56 2.22
C VAL B 97 -37.59 -12.50 2.56
N ALA B 98 -37.40 -12.77 3.84
CA ALA B 98 -36.32 -13.66 4.27
C ALA B 98 -36.54 -15.08 3.82
N VAL B 99 -37.78 -15.55 3.85
CA VAL B 99 -38.07 -16.90 3.36
C VAL B 99 -37.68 -17.04 1.89
N LEU B 100 -38.17 -16.13 1.06
CA LEU B 100 -37.93 -16.23 -0.38
C LEU B 100 -36.47 -15.99 -0.71
N GLN B 101 -35.85 -15.01 -0.08
CA GLN B 101 -34.44 -14.78 -0.32
C GLN B 101 -33.59 -15.94 0.15
N GLY B 102 -33.98 -16.61 1.23
CA GLY B 102 -33.25 -17.79 1.66
C GLY B 102 -33.32 -18.91 0.65
N LEU B 103 -34.51 -19.18 0.11
CA LEU B 103 -34.63 -20.19 -0.93
C LEU B 103 -33.77 -19.85 -2.15
N ALA B 104 -33.86 -18.61 -2.63
CA ALA B 104 -33.11 -18.21 -3.82
C ALA B 104 -31.61 -18.29 -3.58
N PHE B 105 -31.14 -17.85 -2.42
CA PHE B 105 -29.71 -17.83 -2.21
C PHE B 105 -29.18 -19.21 -1.90
N ALA B 106 -30.02 -20.11 -1.40
CA ALA B 106 -29.64 -21.52 -1.32
C ALA B 106 -29.48 -22.10 -2.72
N LEU B 107 -30.31 -21.66 -3.66
CA LEU B 107 -30.04 -22.00 -5.07
C LEU B 107 -28.65 -21.52 -5.49
N LEU B 108 -28.28 -20.31 -5.08
CA LEU B 108 -26.96 -19.79 -5.43
C LEU B 108 -25.83 -20.60 -4.81
N VAL B 109 -26.06 -21.21 -3.63
CA VAL B 109 -25.06 -22.09 -3.03
C VAL B 109 -25.07 -23.47 -3.65
N ASP B 110 -26.10 -23.80 -4.44
CA ASP B 110 -26.24 -25.10 -5.10
C ASP B 110 -26.43 -26.22 -4.08
N ILE B 111 -27.31 -25.95 -3.11
CA ILE B 111 -27.76 -26.98 -2.15
C ILE B 111 -29.28 -26.92 -2.11
N PRO B 112 -29.93 -27.92 -1.52
CA PRO B 112 -31.38 -27.89 -1.38
C PRO B 112 -31.84 -26.61 -0.71
N PRO B 113 -32.99 -26.06 -1.12
CA PRO B 113 -33.38 -24.71 -0.69
C PRO B 113 -33.79 -24.57 0.78
N VAL B 114 -33.97 -25.65 1.53
CA VAL B 114 -34.34 -25.51 2.94
C VAL B 114 -33.17 -25.03 3.79
N TYR B 115 -31.94 -25.27 3.35
CA TYR B 115 -30.79 -24.77 4.08
C TYR B 115 -30.69 -23.26 4.01
N GLY B 116 -31.29 -22.65 2.99
CA GLY B 116 -31.42 -21.21 2.99
C GLY B 116 -32.38 -20.72 4.06
N LEU B 117 -33.40 -21.51 4.37
CA LEU B 117 -34.27 -21.20 5.49
C LEU B 117 -33.51 -21.29 6.81
N TYR B 118 -32.65 -22.30 6.95
CA TYR B 118 -31.81 -22.37 8.15
C TYR B 118 -30.90 -21.15 8.25
N ALA B 119 -30.36 -20.71 7.12
CA ALA B 119 -29.49 -19.55 7.09
C ALA B 119 -30.24 -18.27 7.40
N SER B 120 -31.53 -18.20 7.08
CA SER B 120 -32.34 -17.06 7.48
C SER B 120 -32.80 -17.13 8.93
N PHE B 121 -32.77 -18.31 9.54
CA PHE B 121 -33.24 -18.42 10.91
C PHE B 121 -32.14 -18.20 11.95
N PHE B 122 -31.05 -18.97 11.89
CA PHE B 122 -30.17 -19.04 13.06
C PHE B 122 -29.38 -17.76 13.31
N PRO B 123 -28.71 -17.15 12.33
CA PRO B 123 -27.95 -15.94 12.63
C PRO B 123 -28.79 -14.79 13.14
N ALA B 124 -30.05 -14.68 12.71
CA ALA B 124 -30.91 -13.63 13.22
C ALA B 124 -31.22 -13.82 14.69
N ILE B 125 -31.45 -15.07 15.11
CA ILE B 125 -31.72 -15.34 16.51
C ILE B 125 -30.50 -15.05 17.36
N ILE B 126 -29.30 -15.35 16.86
CA ILE B 126 -28.13 -15.05 17.67
C ILE B 126 -27.87 -13.54 17.71
N TYR B 127 -28.08 -12.86 16.58
CA TYR B 127 -27.84 -11.42 16.51
C TYR B 127 -28.82 -10.66 17.39
N LEU B 128 -30.02 -11.19 17.59
CA LEU B 128 -30.94 -10.57 18.52
C LEU B 128 -30.32 -10.36 19.90
N PHE B 129 -29.48 -11.29 20.34
CA PHE B 129 -28.84 -11.20 21.64
C PHE B 129 -27.52 -10.47 21.60
N PHE B 130 -26.71 -10.60 20.56
CA PHE B 130 -25.41 -9.95 20.59
C PHE B 130 -25.14 -8.74 19.73
N GLY B 131 -26.03 -8.42 18.80
CA GLY B 131 -25.82 -7.29 17.92
C GLY B 131 -26.03 -5.91 18.47
N THR B 132 -25.34 -4.93 17.92
CA THR B 132 -25.52 -3.55 18.35
C THR B 132 -26.37 -2.73 17.39
N SER B 133 -26.55 -3.23 16.17
CA SER B 133 -27.37 -2.57 15.19
C SER B 133 -28.83 -2.83 15.47
N ARG B 134 -29.69 -1.91 15.09
CA ARG B 134 -31.10 -2.07 15.35
C ARG B 134 -31.94 -2.15 14.10
N HIS B 135 -31.33 -2.18 12.92
CA HIS B 135 -32.09 -2.05 11.69
C HIS B 135 -31.71 -3.04 10.59
N ILE B 136 -30.63 -3.76 10.70
CA ILE B 136 -30.24 -4.68 9.64
C ILE B 136 -30.98 -6.00 9.84
N SER B 137 -31.33 -6.64 8.73
CA SER B 137 -31.93 -7.96 8.73
C SER B 137 -30.84 -8.97 8.47
N VAL B 138 -30.54 -9.79 9.45
CA VAL B 138 -29.39 -10.69 9.39
C VAL B 138 -29.79 -11.97 8.69
N GLY B 139 -28.95 -12.41 7.75
CA GLY B 139 -29.22 -13.57 6.95
C GLY B 139 -28.38 -13.58 5.71
N PRO B 140 -28.71 -14.41 4.74
CA PRO B 140 -27.89 -14.54 3.54
C PRO B 140 -28.13 -13.40 2.55
N PHE B 141 -27.13 -13.18 1.70
CA PHE B 141 -27.24 -12.27 0.58
C PHE B 141 -26.50 -12.85 -0.60
N PRO B 142 -26.77 -12.38 -1.83
CA PRO B 142 -26.31 -13.11 -3.02
C PRO B 142 -24.81 -13.24 -3.17
N ILE B 143 -24.05 -12.17 -2.89
CA ILE B 143 -22.61 -12.23 -3.09
C ILE B 143 -21.99 -13.28 -2.17
N LEU B 144 -22.43 -13.32 -0.91
CA LEU B 144 -21.87 -14.30 0.02
C LEU B 144 -22.31 -15.70 -0.33
N SER B 145 -23.52 -15.88 -0.84
CA SER B 145 -23.96 -17.21 -1.24
C SER B 145 -23.13 -17.72 -2.41
N MET B 146 -22.82 -16.84 -3.37
CA MET B 146 -21.94 -17.23 -4.46
C MET B 146 -20.55 -17.58 -3.94
N MET B 147 -20.01 -16.78 -3.02
CA MET B 147 -18.69 -17.08 -2.47
C MET B 147 -18.68 -18.41 -1.72
N VAL B 148 -19.73 -18.70 -0.96
CA VAL B 148 -19.81 -19.96 -0.26
C VAL B 148 -19.94 -21.11 -1.24
N GLY B 149 -20.71 -20.94 -2.30
CA GLY B 149 -20.81 -21.99 -3.30
C GLY B 149 -19.50 -22.29 -3.99
N LEU B 150 -18.72 -21.24 -4.28
CA LEU B 150 -17.40 -21.45 -4.87
C LEU B 150 -16.45 -22.13 -3.88
N ALA B 151 -16.52 -21.77 -2.62
CA ALA B 151 -15.67 -22.43 -1.62
C ALA B 151 -15.98 -23.92 -1.53
N VAL B 152 -17.26 -24.27 -1.52
CA VAL B 152 -17.67 -25.66 -1.44
C VAL B 152 -17.16 -26.46 -2.63
N SER B 153 -17.29 -25.90 -3.82
CA SER B 153 -16.87 -26.59 -5.03
C SER B 153 -15.40 -26.95 -4.92
N GLY B 154 -14.59 -25.99 -4.49
CA GLY B 154 -13.16 -26.25 -4.34
C GLY B 154 -12.86 -27.26 -3.27
N ALA B 155 -13.52 -27.14 -2.12
CA ALA B 155 -13.30 -28.07 -1.04
C ALA B 155 -13.61 -29.48 -1.48
N VAL B 156 -14.71 -29.63 -2.22
CA VAL B 156 -15.12 -30.95 -2.67
C VAL B 156 -14.06 -31.54 -3.59
N SER B 157 -13.54 -30.74 -4.49
CA SER B 157 -12.53 -31.22 -5.42
C SER B 157 -11.27 -31.63 -4.69
N LYS B 158 -10.82 -30.83 -3.74
CA LYS B 158 -9.57 -31.10 -3.04
C LYS B 158 -9.69 -32.22 -2.03
N ALA B 159 -10.91 -32.66 -1.74
CA ALA B 159 -11.09 -33.75 -0.80
C ALA B 159 -10.55 -35.04 -1.38
N VAL B 160 -9.94 -35.87 -0.53
CA VAL B 160 -9.40 -37.13 -0.99
C VAL B 160 -10.46 -38.21 -0.87
N PRO B 161 -10.47 -39.17 -1.81
CA PRO B 161 -11.55 -40.16 -1.76
C PRO B 161 -11.37 -41.14 -0.61
N LEU B 179 -27.67 -38.62 -6.74
CA LEU B 179 -27.22 -37.24 -6.60
C LEU B 179 -27.37 -36.74 -5.17
N LEU B 180 -28.05 -37.52 -4.33
CA LEU B 180 -28.21 -37.12 -2.94
C LEU B 180 -26.86 -37.01 -2.26
N ASP B 181 -25.96 -37.92 -2.59
CA ASP B 181 -24.64 -37.90 -1.97
C ASP B 181 -23.90 -36.64 -2.33
N ASP B 182 -24.03 -36.19 -3.57
CA ASP B 182 -23.41 -34.93 -3.97
C ASP B 182 -23.99 -33.79 -3.15
N GLU B 183 -25.32 -33.77 -3.01
CA GLU B 183 -25.95 -32.73 -2.21
C GLU B 183 -25.51 -32.85 -0.78
N ARG B 184 -25.41 -34.08 -0.29
CA ARG B 184 -25.01 -34.30 1.08
C ARG B 184 -23.59 -33.81 1.31
N VAL B 185 -22.71 -34.06 0.35
CA VAL B 185 -21.34 -33.61 0.46
C VAL B 185 -21.26 -32.10 0.37
N ARG B 186 -22.08 -31.51 -0.48
CA ARG B 186 -22.10 -30.07 -0.61
C ARG B 186 -22.69 -29.39 0.63
N VAL B 187 -23.72 -30.00 1.22
CA VAL B 187 -24.29 -29.44 2.43
C VAL B 187 -23.28 -29.47 3.56
N ALA B 188 -22.56 -30.58 3.70
CA ALA B 188 -21.54 -30.67 4.75
C ALA B 188 -20.44 -29.65 4.54
N ALA B 189 -19.99 -29.48 3.29
CA ALA B 189 -18.92 -28.53 3.02
C ALA B 189 -19.39 -27.10 3.25
N ALA B 190 -20.64 -26.79 2.90
CA ALA B 190 -21.17 -25.45 3.15
C ALA B 190 -21.26 -25.16 4.64
N ALA B 191 -21.73 -26.13 5.41
CA ALA B 191 -21.79 -25.95 6.86
C ALA B 191 -20.41 -25.74 7.46
N SER B 192 -19.42 -26.50 6.99
CA SER B 192 -18.06 -26.33 7.52
C SER B 192 -17.47 -24.99 7.14
N VAL B 193 -17.68 -24.55 5.89
CA VAL B 193 -17.21 -23.24 5.48
C VAL B 193 -17.84 -22.15 6.32
N THR B 194 -19.13 -22.30 6.63
CA THR B 194 -19.81 -21.34 7.48
C THR B 194 -19.22 -21.29 8.87
N VAL B 195 -18.95 -22.45 9.46
CA VAL B 195 -18.39 -22.48 10.81
C VAL B 195 -17.01 -21.83 10.82
N LEU B 196 -16.19 -22.10 9.81
CA LEU B 196 -14.85 -21.52 9.82
C LEU B 196 -14.90 -20.01 9.59
N SER B 197 -15.81 -19.54 8.73
CA SER B 197 -15.98 -18.10 8.56
C SER B 197 -16.42 -17.45 9.86
N GLY B 198 -17.35 -18.07 10.59
CA GLY B 198 -17.76 -17.53 11.86
C GLY B 198 -16.65 -17.52 12.88
N ILE B 199 -15.81 -18.55 12.87
CA ILE B 199 -14.67 -18.59 13.79
C ILE B 199 -13.71 -17.45 13.49
N ILE B 200 -13.46 -17.18 12.21
CA ILE B 200 -12.55 -16.09 11.85
C ILE B 200 -13.15 -14.75 12.25
N GLN B 201 -14.46 -14.56 12.04
CA GLN B 201 -15.11 -13.33 12.44
C GLN B 201 -15.06 -13.13 13.94
N LEU B 202 -15.34 -14.19 14.70
CA LEU B 202 -15.31 -14.10 16.15
C LEU B 202 -13.91 -13.79 16.65
N ALA B 203 -12.90 -14.40 16.04
CA ALA B 203 -11.52 -14.12 16.44
C ALA B 203 -11.17 -12.66 16.17
N PHE B 204 -11.53 -12.16 15.00
CA PHE B 204 -11.26 -10.76 14.69
C PHE B 204 -12.01 -9.82 15.63
N GLY B 205 -13.18 -10.21 16.09
CA GLY B 205 -13.92 -9.37 17.02
C GLY B 205 -13.38 -9.39 18.42
N ILE B 206 -12.84 -10.53 18.85
CA ILE B 206 -12.24 -10.61 20.17
C ILE B 206 -10.91 -9.86 20.20
N LEU B 207 -10.17 -9.88 19.09
CA LEU B 207 -8.91 -9.17 18.98
C LEU B 207 -9.09 -7.68 18.70
N ARG B 208 -10.32 -7.19 18.65
CA ARG B 208 -10.62 -5.76 18.50
C ARG B 208 -10.06 -5.19 17.20
N ILE B 209 -10.26 -5.92 16.11
CA ILE B 209 -9.78 -5.47 14.81
C ILE B 209 -10.94 -5.16 13.88
N GLY B 210 -11.95 -4.45 14.38
CA GLY B 210 -13.12 -4.15 13.57
C GLY B 210 -12.92 -2.93 12.69
N PHE B 211 -11.73 -2.36 12.72
CA PHE B 211 -11.43 -1.20 11.90
C PHE B 211 -10.91 -1.60 10.54
N VAL B 212 -10.81 -2.90 10.29
CA VAL B 212 -10.34 -3.39 8.99
C VAL B 212 -11.23 -2.91 7.86
N VAL B 213 -12.45 -2.53 8.19
CA VAL B 213 -13.37 -2.00 7.19
C VAL B 213 -12.83 -0.75 6.51
N ILE B 214 -11.92 -0.05 7.17
CA ILE B 214 -11.36 1.19 6.62
C ILE B 214 -10.44 0.94 5.44
N TYR B 215 -9.97 -0.30 5.31
CA TYR B 215 -9.04 -0.61 4.24
C TYR B 215 -9.75 -0.79 2.91
N LEU B 216 -11.06 -0.60 2.90
CA LEU B 216 -11.81 -0.69 1.67
C LEU B 216 -12.33 0.68 1.25
N SER B 217 -11.86 1.18 0.12
CA SER B 217 -12.30 2.49 -0.36
C SER B 217 -13.67 2.40 -1.00
N GLU B 218 -14.25 3.55 -1.34
CA GLU B 218 -15.54 3.52 -2.02
C GLU B 218 -15.41 3.09 -3.46
N SER B 219 -14.30 3.43 -4.12
CA SER B 219 -14.09 2.99 -5.49
C SER B 219 -13.91 1.49 -5.57
N LEU B 220 -13.17 0.91 -4.62
CA LEU B 220 -13.02 -0.53 -4.57
C LEU B 220 -14.37 -1.20 -4.34
N ILE B 221 -15.17 -0.67 -3.42
CA ILE B 221 -16.45 -1.29 -3.14
C ILE B 221 -17.38 -1.19 -4.33
N SER B 222 -17.37 -0.04 -5.02
CA SER B 222 -18.21 0.12 -6.19
C SER B 222 -17.82 -0.84 -7.30
N GLY B 223 -16.53 -0.92 -7.62
CA GLY B 223 -16.09 -1.82 -8.67
C GLY B 223 -16.33 -3.27 -8.32
N PHE B 224 -16.09 -3.64 -7.06
CA PHE B 224 -16.28 -5.00 -6.62
C PHE B 224 -17.75 -5.39 -6.66
N THR B 225 -18.65 -4.50 -6.25
CA THR B 225 -20.06 -4.86 -6.24
C THR B 225 -20.66 -4.85 -7.63
N THR B 226 -20.14 -4.04 -8.56
CA THR B 226 -20.59 -4.15 -9.94
C THR B 226 -20.15 -5.46 -10.55
N ALA B 227 -18.89 -5.85 -10.33
CA ALA B 227 -18.43 -7.12 -10.85
C ALA B 227 -19.17 -8.28 -10.21
N ALA B 228 -19.52 -8.15 -8.94
CA ALA B 228 -20.27 -9.20 -8.25
C ALA B 228 -21.70 -9.27 -8.74
N ALA B 229 -22.29 -8.15 -9.13
CA ALA B 229 -23.61 -8.18 -9.75
C ALA B 229 -23.55 -8.90 -11.10
N VAL B 230 -22.48 -8.69 -11.86
CA VAL B 230 -22.33 -9.44 -13.11
C VAL B 230 -22.19 -10.94 -12.81
N HIS B 231 -21.44 -11.29 -11.77
CA HIS B 231 -21.32 -12.67 -11.35
C HIS B 231 -22.69 -13.27 -11.00
N VAL B 232 -23.50 -12.53 -10.25
CA VAL B 232 -24.81 -13.02 -9.86
C VAL B 232 -25.71 -13.19 -11.07
N LEU B 233 -25.68 -12.23 -11.98
CA LEU B 233 -26.44 -12.34 -13.23
C LEU B 233 -26.09 -13.61 -13.96
N VAL B 234 -24.79 -13.89 -14.13
CA VAL B 234 -24.40 -15.10 -14.84
C VAL B 234 -24.80 -16.34 -14.06
N SER B 235 -24.79 -16.27 -12.74
CA SER B 235 -25.18 -17.41 -11.91
C SER B 235 -26.64 -17.75 -12.02
N GLN B 236 -27.50 -16.79 -12.36
CA GLN B 236 -28.92 -17.08 -12.46
C GLN B 236 -29.32 -17.68 -13.81
N LEU B 237 -28.41 -17.73 -14.78
CA LEU B 237 -28.79 -18.15 -16.12
C LEU B 237 -29.13 -19.62 -16.18
N LYS B 238 -28.47 -20.46 -15.37
CA LYS B 238 -28.80 -21.88 -15.36
C LYS B 238 -30.19 -22.15 -14.82
N PHE B 239 -30.79 -21.21 -14.09
CA PHE B 239 -32.15 -21.37 -13.62
C PHE B 239 -33.16 -20.69 -14.52
N ILE B 240 -32.79 -19.57 -15.14
CA ILE B 240 -33.67 -18.94 -16.11
C ILE B 240 -33.91 -19.88 -17.29
N PHE B 241 -32.87 -20.56 -17.76
CA PHE B 241 -32.98 -21.48 -18.88
C PHE B 241 -33.20 -22.92 -18.45
N GLN B 242 -32.98 -23.24 -17.18
CA GLN B 242 -33.04 -24.60 -16.66
C GLN B 242 -32.02 -25.51 -17.35
N LEU B 243 -30.76 -25.13 -17.26
CA LEU B 243 -29.66 -25.90 -17.82
C LEU B 243 -28.80 -26.49 -16.71
N THR B 244 -28.13 -27.58 -17.02
CA THR B 244 -27.23 -28.23 -16.07
C THR B 244 -25.82 -27.72 -16.32
N VAL B 245 -25.23 -27.10 -15.31
CA VAL B 245 -23.94 -26.44 -15.43
C VAL B 245 -22.99 -27.06 -14.42
N PRO B 246 -21.76 -27.38 -14.80
CA PRO B 246 -20.81 -27.96 -13.85
C PRO B 246 -20.45 -26.98 -12.74
N SER B 247 -19.77 -27.49 -11.72
CA SER B 247 -19.34 -26.63 -10.62
C SER B 247 -17.98 -26.03 -10.92
N HIS B 248 -17.94 -24.99 -11.76
CA HIS B 248 -16.69 -24.33 -12.16
C HIS B 248 -16.08 -23.52 -11.03
N THR B 249 -14.76 -23.47 -10.95
CA THR B 249 -14.12 -22.71 -9.90
C THR B 249 -13.30 -21.59 -10.51
N ASP B 250 -12.65 -20.81 -9.68
CA ASP B 250 -11.86 -19.70 -10.13
C ASP B 250 -10.40 -20.04 -10.32
N PRO B 251 -9.70 -19.35 -11.24
CA PRO B 251 -10.02 -18.07 -11.85
C PRO B 251 -10.91 -18.21 -13.04
N VAL B 252 -11.47 -17.10 -13.50
CA VAL B 252 -12.33 -17.01 -14.69
C VAL B 252 -13.53 -17.94 -14.70
N SER B 253 -14.12 -18.16 -13.53
CA SER B 253 -15.29 -18.99 -13.37
C SER B 253 -16.47 -18.39 -14.08
N ILE B 254 -16.58 -17.07 -14.09
CA ILE B 254 -17.70 -16.42 -14.76
C ILE B 254 -17.73 -16.77 -16.25
N PHE B 255 -16.57 -16.80 -16.91
CA PHE B 255 -16.45 -17.19 -18.31
C PHE B 255 -16.73 -18.66 -18.57
N LYS B 256 -16.27 -19.51 -17.66
CA LYS B 256 -16.47 -20.95 -17.75
C LYS B 256 -17.94 -21.31 -17.77
N VAL B 257 -18.69 -20.71 -16.87
CA VAL B 257 -20.14 -20.88 -16.75
C VAL B 257 -20.89 -20.37 -17.96
N LEU B 258 -20.51 -19.21 -18.48
CA LEU B 258 -21.19 -18.65 -19.64
C LEU B 258 -21.04 -19.57 -20.84
N TYR B 259 -19.87 -20.18 -20.99
CA TYR B 259 -19.68 -21.13 -22.06
C TYR B 259 -20.59 -22.31 -21.87
N SER B 260 -20.64 -22.84 -20.64
CA SER B 260 -21.50 -23.98 -20.36
C SER B 260 -22.97 -23.67 -20.60
N VAL B 261 -23.38 -22.45 -20.27
CA VAL B 261 -24.78 -22.06 -20.45
C VAL B 261 -25.19 -21.95 -21.90
N PHE B 262 -24.38 -21.27 -22.70
CA PHE B 262 -24.76 -21.02 -24.09
C PHE B 262 -24.37 -22.17 -25.01
N SER B 263 -23.49 -23.05 -24.54
CA SER B 263 -23.16 -24.23 -25.32
C SER B 263 -24.39 -25.12 -25.36
N GLN B 264 -25.21 -25.08 -24.31
CA GLN B 264 -26.40 -25.93 -24.23
C GLN B 264 -27.65 -25.11 -24.43
N ILE B 265 -27.52 -23.88 -24.88
CA ILE B 265 -28.68 -23.01 -24.99
C ILE B 265 -29.84 -23.63 -25.77
N GLU B 266 -29.53 -24.57 -26.65
CA GLU B 266 -30.58 -25.24 -27.42
C GLU B 266 -31.49 -26.06 -26.53
N LYS B 267 -30.95 -26.59 -25.43
CA LYS B 267 -31.75 -27.39 -24.51
C LYS B 267 -32.59 -26.54 -23.57
N THR B 268 -32.74 -25.25 -23.85
CA THR B 268 -33.42 -24.34 -22.94
C THR B 268 -34.88 -24.73 -22.76
N ASN B 269 -35.33 -24.74 -21.50
CA ASN B 269 -36.74 -24.97 -21.23
C ASN B 269 -37.43 -23.65 -21.42
N ILE B 270 -38.32 -23.57 -22.40
CA ILE B 270 -38.98 -22.29 -22.71
C ILE B 270 -39.95 -21.83 -21.63
N ALA B 271 -40.67 -22.78 -21.04
CA ALA B 271 -41.64 -22.41 -20.01
C ALA B 271 -40.96 -21.71 -18.87
N ASP B 272 -39.78 -22.19 -18.47
CA ASP B 272 -39.03 -21.55 -17.40
C ASP B 272 -38.64 -20.15 -17.81
N LEU B 273 -38.11 -20.03 -19.03
CA LEU B 273 -37.68 -18.73 -19.52
C LEU B 273 -38.83 -17.75 -19.56
N VAL B 274 -39.93 -18.11 -20.17
CA VAL B 274 -41.05 -17.20 -20.28
C VAL B 274 -41.53 -16.70 -18.93
N THR B 275 -41.64 -17.61 -17.98
CA THR B 275 -42.09 -17.28 -16.65
C THR B 275 -41.14 -16.31 -15.99
N ALA B 276 -39.85 -16.56 -16.15
CA ALA B 276 -38.84 -15.70 -15.59
C ALA B 276 -38.89 -14.31 -16.19
N LEU B 277 -39.07 -14.22 -17.49
CA LEU B 277 -39.13 -12.92 -18.16
C LEU B 277 -40.31 -12.09 -17.72
N ILE B 278 -41.46 -12.72 -17.61
CA ILE B 278 -42.67 -12.03 -17.19
C ILE B 278 -42.54 -11.50 -15.78
N VAL B 279 -42.01 -12.34 -14.89
CA VAL B 279 -41.84 -11.92 -13.51
C VAL B 279 -40.84 -10.79 -13.41
N LEU B 280 -39.76 -10.90 -14.17
CA LEU B 280 -38.71 -9.90 -14.17
C LEU B 280 -39.23 -8.59 -14.74
N LEU B 281 -40.04 -8.67 -15.78
CA LEU B 281 -40.63 -7.49 -16.39
C LEU B 281 -41.62 -6.81 -15.47
N VAL B 282 -42.57 -7.58 -14.95
CA VAL B 282 -43.58 -6.99 -14.09
C VAL B 282 -42.94 -6.39 -12.85
N VAL B 283 -42.05 -7.14 -12.22
CA VAL B 283 -41.45 -6.66 -10.98
C VAL B 283 -40.70 -5.36 -11.23
N SER B 284 -39.93 -5.31 -12.32
CA SER B 284 -39.14 -4.12 -12.61
C SER B 284 -40.04 -2.91 -12.79
N ILE B 285 -41.08 -3.04 -13.59
CA ILE B 285 -41.98 -1.93 -13.83
C ILE B 285 -42.64 -1.45 -12.55
N VAL B 286 -43.17 -2.38 -11.76
CA VAL B 286 -43.85 -1.99 -10.53
C VAL B 286 -42.86 -1.44 -9.51
N LYS B 287 -41.65 -1.96 -9.51
CA LYS B 287 -40.63 -1.44 -8.60
C LYS B 287 -40.43 0.02 -8.91
N GLU B 288 -40.38 0.37 -10.19
CA GLU B 288 -40.17 1.75 -10.60
C GLU B 288 -41.28 2.65 -10.11
N ILE B 289 -42.51 2.15 -10.17
CA ILE B 289 -43.67 2.90 -9.73
C ILE B 289 -43.59 3.23 -8.25
N ASN B 290 -43.10 2.31 -7.45
CA ASN B 290 -42.97 2.57 -6.04
C ASN B 290 -42.03 3.73 -5.78
N GLN B 291 -40.91 3.78 -6.47
CA GLN B 291 -40.01 4.91 -6.29
C GLN B 291 -40.58 6.23 -6.83
N ARG B 292 -41.19 6.19 -8.01
CA ARG B 292 -41.79 7.40 -8.58
C ARG B 292 -43.04 7.89 -7.85
N PHE B 293 -43.94 6.99 -7.49
CA PHE B 293 -45.17 7.41 -6.84
C PHE B 293 -45.28 7.29 -5.32
N LYS B 294 -44.20 7.56 -4.60
CA LYS B 294 -44.23 7.48 -3.13
C LYS B 294 -45.20 8.49 -2.52
N ASP B 295 -45.27 9.67 -3.11
CA ASP B 295 -46.15 10.71 -2.64
C ASP B 295 -47.61 10.29 -2.81
N LYS B 296 -47.93 9.68 -3.94
CA LYS B 296 -49.29 9.25 -4.22
C LYS B 296 -49.67 7.88 -3.67
N LEU B 297 -48.69 7.14 -3.15
CA LEU B 297 -48.96 5.81 -2.60
C LEU B 297 -48.95 5.77 -1.09
N PRO B 298 -49.99 5.16 -0.51
CA PRO B 298 -50.15 5.02 0.94
C PRO B 298 -49.19 3.96 1.46
N VAL B 299 -48.94 2.96 0.63
CA VAL B 299 -48.02 1.89 0.97
C VAL B 299 -47.54 1.25 -0.33
N PRO B 300 -46.27 0.89 -0.38
CA PRO B 300 -45.57 0.28 -1.50
C PRO B 300 -46.25 -1.01 -1.95
N ILE B 301 -46.38 -1.21 -3.25
CA ILE B 301 -46.97 -2.44 -3.75
C ILE B 301 -45.98 -3.59 -3.62
N PRO B 302 -46.41 -4.69 -3.00
CA PRO B 302 -45.53 -5.86 -2.85
C PRO B 302 -45.53 -6.70 -4.11
N ILE B 303 -44.83 -6.27 -5.14
CA ILE B 303 -44.83 -6.98 -6.41
C ILE B 303 -44.09 -8.32 -6.33
N GLU B 304 -43.10 -8.45 -5.44
CA GLU B 304 -42.28 -9.65 -5.35
C GLU B 304 -43.02 -10.77 -4.66
N PHE B 305 -43.78 -10.41 -3.64
CA PHE B 305 -44.62 -11.38 -2.98
C PHE B 305 -45.81 -11.77 -3.84
N ILE B 306 -46.44 -10.79 -4.49
CA ILE B 306 -47.57 -11.07 -5.37
C ILE B 306 -47.13 -11.98 -6.51
N MET B 307 -45.95 -11.72 -7.07
CA MET B 307 -45.46 -12.52 -8.18
C MET B 307 -45.18 -13.96 -7.75
N THR B 308 -44.64 -14.11 -6.55
CA THR B 308 -44.33 -15.43 -6.00
C THR B 308 -45.59 -16.23 -5.74
N VAL B 309 -46.61 -15.57 -5.19
CA VAL B 309 -47.88 -16.25 -4.91
C VAL B 309 -48.58 -16.63 -6.21
N ILE B 310 -48.69 -15.71 -7.14
CA ILE B 310 -49.33 -16.02 -8.42
C ILE B 310 -48.56 -17.09 -9.15
N ALA B 311 -47.24 -16.99 -9.17
CA ALA B 311 -46.42 -17.95 -9.89
C ALA B 311 -46.62 -19.34 -9.36
N ALA B 312 -46.55 -19.49 -8.04
CA ALA B 312 -46.68 -20.81 -7.43
C ALA B 312 -48.07 -21.36 -7.68
N GLY B 313 -49.07 -20.50 -7.64
CA GLY B 313 -50.43 -20.94 -7.82
C GLY B 313 -50.67 -21.49 -9.21
N VAL B 314 -50.23 -20.77 -10.22
CA VAL B 314 -50.39 -21.22 -11.58
C VAL B 314 -49.60 -22.49 -11.81
N SER B 315 -48.39 -22.57 -11.25
CA SER B 315 -47.57 -23.76 -11.40
C SER B 315 -48.30 -24.98 -10.85
N TYR B 316 -48.89 -24.84 -9.68
CA TYR B 316 -49.63 -25.94 -9.08
C TYR B 316 -50.94 -26.22 -9.81
N GLY B 317 -51.69 -25.14 -10.04
CA GLY B 317 -52.97 -25.19 -10.71
C GLY B 317 -52.87 -25.78 -12.09
N CYS B 318 -51.85 -25.40 -12.83
CA CYS B 318 -51.69 -25.89 -14.19
C CYS B 318 -50.68 -27.03 -14.26
N ASP B 319 -50.23 -27.48 -13.10
CA ASP B 319 -49.29 -28.59 -13.01
C ASP B 319 -48.07 -28.37 -13.89
N PHE B 320 -47.42 -27.22 -13.73
CA PHE B 320 -46.28 -26.85 -14.54
C PHE B 320 -45.13 -27.83 -14.46
N LYS B 321 -44.89 -28.43 -13.30
CA LYS B 321 -43.81 -29.37 -13.13
C LYS B 321 -43.96 -30.56 -14.05
N ASN B 322 -45.18 -31.07 -14.24
CA ASN B 322 -45.40 -32.20 -15.14
C ASN B 322 -45.71 -31.82 -16.57
N ARG B 323 -46.53 -30.79 -16.74
CA ARG B 323 -46.92 -30.32 -18.05
C ARG B 323 -45.80 -29.72 -18.88
N PHE B 324 -44.96 -28.90 -18.27
CA PHE B 324 -43.89 -28.24 -18.99
C PHE B 324 -42.53 -28.65 -18.51
N LYS B 325 -42.50 -29.67 -17.66
CA LYS B 325 -41.24 -30.19 -17.12
C LYS B 325 -40.38 -29.09 -16.53
N VAL B 326 -40.98 -28.23 -15.72
CA VAL B 326 -40.25 -27.11 -15.13
C VAL B 326 -39.58 -27.51 -13.84
N ALA B 327 -38.55 -26.78 -13.43
CA ALA B 327 -37.87 -27.06 -12.18
C ALA B 327 -38.55 -26.34 -11.03
N VAL B 328 -39.05 -27.09 -10.06
CA VAL B 328 -39.75 -26.49 -8.95
C VAL B 328 -38.93 -26.59 -7.68
N VAL B 329 -39.32 -25.84 -6.65
CA VAL B 329 -38.59 -25.89 -5.38
C VAL B 329 -38.68 -27.29 -4.78
N GLY B 330 -39.80 -27.95 -4.94
CA GLY B 330 -39.92 -29.32 -4.52
C GLY B 330 -40.30 -29.46 -3.07
N ASP B 331 -40.37 -30.70 -2.64
CA ASP B 331 -40.76 -31.01 -1.27
C ASP B 331 -39.58 -30.84 -0.34
N MET B 332 -39.71 -29.95 0.63
CA MET B 332 -38.77 -29.82 1.72
C MET B 332 -39.32 -30.58 2.91
N ASN B 333 -38.46 -31.35 3.57
CA ASN B 333 -38.94 -32.03 4.76
C ASN B 333 -39.02 -31.05 5.92
N PRO B 334 -40.11 -31.04 6.67
CA PRO B 334 -40.23 -30.07 7.77
C PRO B 334 -39.26 -30.38 8.89
N GLY B 335 -38.85 -29.33 9.58
CA GLY B 335 -37.99 -29.47 10.74
C GLY B 335 -36.56 -29.08 10.46
N PHE B 336 -35.79 -29.06 11.52
CA PHE B 336 -34.38 -28.70 11.44
C PHE B 336 -33.51 -29.95 11.35
N GLN B 337 -32.34 -29.75 11.00
CA GLN B 337 -31.43 -30.88 10.96
C GLN B 337 -30.72 -31.02 12.29
N PRO B 338 -30.27 -32.25 12.62
CA PRO B 338 -29.49 -32.37 13.86
C PRO B 338 -28.15 -31.67 13.70
N PRO B 339 -27.55 -31.25 14.82
CA PRO B 339 -26.25 -30.56 14.75
C PRO B 339 -25.21 -31.43 14.06
N ILE B 340 -24.43 -30.83 13.17
CA ILE B 340 -23.40 -31.57 12.46
C ILE B 340 -22.04 -31.12 12.95
N THR B 341 -21.04 -31.98 12.82
CA THR B 341 -19.70 -31.64 13.28
C THR B 341 -18.86 -31.07 12.16
N PRO B 342 -18.22 -29.92 12.43
CA PRO B 342 -17.35 -29.32 11.42
C PRO B 342 -16.27 -30.28 10.96
N ASP B 343 -15.90 -30.20 9.68
CA ASP B 343 -14.89 -31.10 9.15
C ASP B 343 -13.56 -30.37 9.03
N VAL B 344 -12.54 -30.87 9.72
CA VAL B 344 -11.25 -30.21 9.70
C VAL B 344 -10.59 -30.29 8.33
N GLU B 345 -10.89 -31.31 7.56
CA GLU B 345 -10.37 -31.40 6.20
C GLU B 345 -10.89 -30.26 5.35
N THR B 346 -12.19 -29.97 5.47
CA THR B 346 -12.76 -28.82 4.78
C THR B 346 -12.12 -27.52 5.26
N PHE B 347 -11.83 -27.44 6.56
CA PHE B 347 -11.11 -26.27 7.09
C PHE B 347 -9.79 -26.09 6.37
N GLN B 348 -8.98 -27.15 6.33
CA GLN B 348 -7.69 -27.08 5.66
C GLN B 348 -7.84 -26.67 4.21
N ASN B 349 -8.85 -27.21 3.52
CA ASN B 349 -8.97 -26.93 2.10
C ASN B 349 -9.59 -25.57 1.80
N THR B 350 -10.24 -24.93 2.76
CA THR B 350 -10.98 -23.70 2.45
C THR B 350 -10.59 -22.48 3.28
N VAL B 351 -9.57 -22.58 4.15
CA VAL B 351 -9.23 -21.46 5.04
C VAL B 351 -9.15 -20.11 4.32
N GLY B 352 -8.63 -20.09 3.10
CA GLY B 352 -8.50 -18.81 2.40
C GLY B 352 -9.84 -18.26 1.94
N ASP B 353 -10.67 -19.11 1.34
CA ASP B 353 -12.01 -18.70 0.98
C ASP B 353 -12.78 -18.26 2.21
N CYS B 354 -12.53 -18.90 3.35
CA CYS B 354 -13.25 -18.55 4.56
C CYS B 354 -12.81 -17.19 5.09
N PHE B 355 -11.53 -16.85 4.95
CA PHE B 355 -11.08 -15.51 5.28
C PHE B 355 -11.77 -14.48 4.39
N GLY B 356 -11.82 -14.75 3.09
CA GLY B 356 -12.52 -13.85 2.19
C GLY B 356 -13.99 -13.70 2.51
N ILE B 357 -14.65 -14.82 2.86
CA ILE B 357 -16.07 -14.79 3.19
C ILE B 357 -16.31 -14.01 4.47
N ALA B 358 -15.47 -14.21 5.48
CA ALA B 358 -15.61 -13.47 6.72
C ALA B 358 -15.45 -11.97 6.48
N MET B 359 -14.45 -11.58 5.70
CA MET B 359 -14.23 -10.16 5.46
C MET B 359 -15.37 -9.54 4.66
N VAL B 360 -15.86 -10.23 3.63
CA VAL B 360 -16.95 -9.67 2.83
C VAL B 360 -18.22 -9.57 3.66
N ALA B 361 -18.52 -10.60 4.44
CA ALA B 361 -19.71 -10.57 5.29
C ALA B 361 -19.66 -9.39 6.25
N PHE B 362 -18.53 -9.21 6.94
CA PHE B 362 -18.43 -8.11 7.89
C PHE B 362 -18.50 -6.77 7.19
N ALA B 363 -17.83 -6.62 6.05
CA ALA B 363 -17.85 -5.34 5.35
C ALA B 363 -19.26 -4.95 4.94
N VAL B 364 -20.00 -5.89 4.36
CA VAL B 364 -21.36 -5.59 3.92
C VAL B 364 -22.23 -5.24 5.12
N ALA B 365 -22.20 -6.07 6.16
CA ALA B 365 -23.04 -5.83 7.32
C ALA B 365 -22.72 -4.51 7.97
N PHE B 366 -21.44 -4.17 8.09
CA PHE B 366 -21.06 -2.93 8.74
C PHE B 366 -21.42 -1.72 7.89
N SER B 367 -21.33 -1.82 6.57
CA SER B 367 -21.75 -0.70 5.73
C SER B 367 -23.24 -0.41 5.89
N VAL B 368 -24.06 -1.46 5.83
CA VAL B 368 -25.50 -1.27 5.95
C VAL B 368 -25.86 -0.74 7.33
N ALA B 369 -25.27 -1.35 8.36
CA ALA B 369 -25.55 -0.90 9.72
C ALA B 369 -25.07 0.51 9.96
N SER B 370 -23.99 0.93 9.31
CA SER B 370 -23.50 2.29 9.47
C SER B 370 -24.45 3.29 8.83
N VAL B 371 -24.98 2.95 7.66
CA VAL B 371 -26.04 3.79 7.07
C VAL B 371 -27.14 4.02 8.09
N TYR B 372 -27.65 2.94 8.68
CA TYR B 372 -28.83 3.12 9.53
C TYR B 372 -28.49 3.74 10.88
N SER B 373 -27.29 3.49 11.40
CA SER B 373 -26.91 4.07 12.69
C SER B 373 -26.61 5.56 12.55
N LEU B 374 -26.10 5.98 11.39
CA LEU B 374 -25.98 7.40 11.15
C LEU B 374 -27.35 8.04 10.96
N LYS B 375 -28.26 7.35 10.29
CA LYS B 375 -29.60 7.89 10.09
C LYS B 375 -30.34 8.09 11.40
N TYR B 376 -30.20 7.16 12.35
CA TYR B 376 -30.98 7.21 13.58
C TYR B 376 -30.13 7.58 14.80
N ASP B 377 -28.86 7.90 14.60
CA ASP B 377 -28.01 8.47 15.64
C ASP B 377 -27.94 7.56 16.87
N TYR B 378 -27.37 6.38 16.69
CA TYR B 378 -27.03 5.51 17.78
C TYR B 378 -25.68 4.87 17.50
N PRO B 379 -24.93 4.52 18.54
CA PRO B 379 -23.58 4.00 18.32
C PRO B 379 -23.58 2.56 17.83
N LEU B 380 -22.61 2.27 16.97
CA LEU B 380 -22.47 0.98 16.33
C LEU B 380 -21.07 0.46 16.61
N ASP B 381 -20.97 -0.62 17.37
CA ASP B 381 -19.68 -1.18 17.78
C ASP B 381 -19.24 -2.23 16.77
N GLY B 382 -18.17 -1.95 16.04
CA GLY B 382 -17.73 -2.86 14.99
C GLY B 382 -17.20 -4.18 15.54
N ASN B 383 -16.52 -4.13 16.67
CA ASN B 383 -16.02 -5.36 17.29
C ASN B 383 -17.15 -6.24 17.76
N GLN B 384 -18.15 -5.61 18.37
CA GLN B 384 -19.31 -6.32 18.84
C GLN B 384 -20.00 -6.90 17.64
N GLU B 385 -20.00 -6.16 16.54
CA GLU B 385 -20.58 -6.63 15.31
C GLU B 385 -19.86 -7.86 14.80
N LEU B 386 -18.54 -7.88 14.91
CA LEU B 386 -17.77 -9.03 14.48
C LEU B 386 -18.06 -10.24 15.33
N ILE B 387 -18.22 -10.02 16.62
CA ILE B 387 -18.52 -11.10 17.57
C ILE B 387 -19.89 -11.70 17.29
N ALA B 388 -20.89 -10.84 17.09
CA ALA B 388 -22.26 -11.32 16.90
C ALA B 388 -22.40 -12.07 15.58
N LEU B 389 -21.81 -11.55 14.51
CA LEU B 389 -21.90 -12.23 13.23
C LEU B 389 -21.13 -13.53 13.24
N GLY B 390 -19.99 -13.58 13.94
CA GLY B 390 -19.26 -14.83 14.07
C GLY B 390 -20.03 -15.87 14.83
N LEU B 391 -20.64 -15.50 15.96
CA LEU B 391 -21.45 -16.45 16.70
C LEU B 391 -22.63 -16.94 15.89
N GLY B 392 -23.28 -16.02 15.17
CA GLY B 392 -24.40 -16.42 14.33
C GLY B 392 -23.99 -17.37 13.22
N ASN B 393 -22.84 -17.13 12.60
CA ASN B 393 -22.38 -18.01 11.55
C ASN B 393 -21.95 -19.36 12.10
N ILE B 394 -21.36 -19.38 13.29
CA ILE B 394 -20.99 -20.66 13.91
C ILE B 394 -22.22 -21.49 14.18
N VAL B 395 -23.25 -20.88 14.79
CA VAL B 395 -24.46 -21.63 15.10
C VAL B 395 -25.17 -22.06 13.83
N CYS B 396 -25.24 -21.18 12.83
CA CYS B 396 -25.87 -21.53 11.56
C CYS B 396 -25.15 -22.70 10.89
N GLY B 397 -23.83 -22.64 10.83
CA GLY B 397 -23.08 -23.73 10.22
C GLY B 397 -23.19 -25.03 10.99
N VAL B 398 -23.26 -24.96 12.32
CA VAL B 398 -23.45 -26.17 13.10
C VAL B 398 -24.80 -26.80 12.79
N PHE B 399 -25.82 -25.97 12.54
CA PHE B 399 -27.15 -26.49 12.25
C PHE B 399 -27.45 -26.53 10.75
N ARG B 400 -26.41 -26.60 9.93
CA ARG B 400 -26.46 -26.91 8.49
C ARG B 400 -27.01 -25.76 7.64
N GLY B 401 -26.86 -24.54 8.10
CA GLY B 401 -27.11 -23.38 7.25
C GLY B 401 -25.81 -22.93 6.62
N PHE B 402 -25.88 -21.84 5.86
CA PHE B 402 -24.67 -21.29 5.27
C PHE B 402 -24.51 -19.83 5.67
N ALA B 403 -23.35 -19.28 5.34
CA ALA B 403 -22.95 -17.98 5.88
C ALA B 403 -23.83 -16.87 5.35
N GLY B 404 -24.00 -15.83 6.16
CA GLY B 404 -24.73 -14.66 5.75
C GLY B 404 -24.65 -13.59 6.80
N SER B 405 -24.55 -12.34 6.37
CA SER B 405 -24.52 -11.22 7.31
C SER B 405 -25.78 -10.37 7.19
N THR B 406 -26.01 -9.79 6.03
CA THR B 406 -27.22 -9.02 5.81
C THR B 406 -27.40 -8.65 4.35
N ALA B 407 -28.64 -8.58 3.90
CA ALA B 407 -28.90 -8.13 2.54
C ALA B 407 -29.40 -6.71 2.62
N LEU B 408 -28.86 -5.83 1.80
CA LEU B 408 -29.28 -4.45 1.77
C LEU B 408 -30.76 -4.35 1.44
N SER B 409 -31.20 -5.18 0.51
CA SER B 409 -32.60 -5.18 0.11
C SER B 409 -33.55 -5.57 1.22
N ARG B 410 -33.16 -6.55 2.05
CA ARG B 410 -33.98 -6.98 3.17
C ARG B 410 -33.89 -6.01 4.35
N SER B 411 -32.71 -5.47 4.60
CA SER B 411 -32.53 -4.52 5.69
C SER B 411 -33.34 -3.27 5.41
N ALA B 412 -33.36 -2.84 4.15
CA ALA B 412 -34.15 -1.68 3.77
C ALA B 412 -35.62 -1.94 4.00
N VAL B 413 -36.09 -3.14 3.70
CA VAL B 413 -37.48 -3.48 3.95
C VAL B 413 -37.81 -3.37 5.43
N GLN B 414 -36.95 -3.92 6.27
CA GLN B 414 -37.20 -3.89 7.72
C GLN B 414 -37.27 -2.45 8.21
N GLU B 415 -36.39 -1.60 7.71
CA GLU B 415 -36.38 -0.21 8.12
C GLU B 415 -37.54 0.55 7.48
N SER B 416 -37.79 0.30 6.20
CA SER B 416 -38.85 1.01 5.49
C SER B 416 -40.23 0.61 5.98
N THR B 417 -40.38 -0.59 6.49
CA THR B 417 -41.67 -1.06 6.99
C THR B 417 -41.89 -0.62 8.42
N GLY B 418 -40.97 0.16 8.95
CA GLY B 418 -41.16 0.69 10.29
C GLY B 418 -40.39 0.04 11.39
N GLY B 419 -39.34 -0.68 11.04
CA GLY B 419 -38.55 -1.38 12.03
C GLY B 419 -37.86 -0.47 13.01
N LYS B 420 -38.03 -0.73 14.29
CA LYS B 420 -37.43 0.09 15.34
C LYS B 420 -36.26 -0.60 16.03
N THR B 421 -36.45 -1.82 16.52
CA THR B 421 -35.38 -2.57 17.17
C THR B 421 -35.14 -3.88 16.45
N GLN B 422 -34.29 -4.72 17.02
CA GLN B 422 -34.07 -6.07 16.52
C GLN B 422 -35.15 -7.04 16.97
N ILE B 423 -36.27 -6.54 17.48
CA ILE B 423 -37.45 -7.37 17.68
C ILE B 423 -38.12 -7.68 16.34
N ALA B 424 -37.97 -6.78 15.36
CA ALA B 424 -38.41 -7.08 14.01
C ALA B 424 -37.64 -8.25 13.43
N GLY B 425 -36.35 -8.35 13.75
CA GLY B 425 -35.58 -9.50 13.32
C GLY B 425 -36.05 -10.79 13.99
N LEU B 426 -36.43 -10.71 15.26
CA LEU B 426 -36.97 -11.88 15.94
C LEU B 426 -38.28 -12.33 15.31
N ILE B 427 -39.16 -11.39 14.98
CA ILE B 427 -40.43 -11.79 14.38
C ILE B 427 -40.22 -12.33 12.97
N GLY B 428 -39.25 -11.78 12.24
CA GLY B 428 -38.93 -12.35 10.95
C GLY B 428 -38.41 -13.77 11.04
N ALA B 429 -37.54 -14.03 12.02
CA ALA B 429 -37.06 -15.38 12.25
C ALA B 429 -38.18 -16.31 12.68
N ILE B 430 -39.18 -15.79 13.38
CA ILE B 430 -40.33 -16.63 13.73
C ILE B 430 -41.15 -16.98 12.49
N ILE B 431 -41.26 -16.05 11.54
CA ILE B 431 -41.92 -16.38 10.29
C ILE B 431 -41.14 -17.46 9.54
N VAL B 432 -39.82 -17.34 9.51
CA VAL B 432 -39.00 -18.36 8.88
C VAL B 432 -39.18 -19.70 9.58
N LEU B 433 -39.31 -19.68 10.90
CA LEU B 433 -39.54 -20.90 11.67
C LEU B 433 -40.87 -21.53 11.31
N ILE B 434 -41.91 -20.71 11.17
CA ILE B 434 -43.23 -21.23 10.81
C ILE B 434 -43.17 -21.90 9.45
N VAL B 435 -42.42 -21.33 8.51
CA VAL B 435 -42.28 -21.96 7.21
C VAL B 435 -41.51 -23.28 7.32
N VAL B 436 -40.41 -23.28 8.07
CA VAL B 436 -39.60 -24.48 8.20
C VAL B 436 -40.39 -25.61 8.84
N LEU B 437 -41.25 -25.30 9.81
CA LEU B 437 -41.93 -26.33 10.57
C LEU B 437 -43.30 -26.71 10.01
N ALA B 438 -44.06 -25.75 9.52
CA ALA B 438 -45.48 -26.00 9.28
C ALA B 438 -45.91 -25.85 7.82
N ILE B 439 -45.54 -24.76 7.16
CA ILE B 439 -46.16 -24.41 5.88
C ILE B 439 -45.13 -24.36 4.78
N GLY B 440 -44.07 -25.16 4.89
CA GLY B 440 -43.12 -25.23 3.79
C GLY B 440 -43.67 -25.88 2.54
N PHE B 441 -44.63 -26.80 2.69
CA PHE B 441 -45.24 -27.46 1.55
C PHE B 441 -45.90 -26.49 0.59
N LEU B 442 -46.26 -25.28 1.05
CA LEU B 442 -46.85 -24.30 0.17
C LEU B 442 -45.87 -23.84 -0.91
N LEU B 443 -44.58 -23.94 -0.63
CA LEU B 443 -43.58 -23.45 -1.57
C LEU B 443 -43.06 -24.54 -2.49
N ALA B 444 -43.65 -25.73 -2.44
CA ALA B 444 -43.20 -26.85 -3.26
C ALA B 444 -43.38 -26.59 -4.75
N PRO B 445 -44.53 -26.08 -5.22
CA PRO B 445 -44.69 -25.89 -6.66
C PRO B 445 -44.05 -24.63 -7.23
N LEU B 446 -43.25 -23.90 -6.46
CA LEU B 446 -42.64 -22.68 -6.97
C LEU B 446 -41.43 -23.00 -7.82
N GLN B 447 -41.39 -22.43 -9.02
CA GLN B 447 -40.31 -22.65 -9.97
C GLN B 447 -39.05 -21.93 -9.53
N LYS B 448 -37.91 -22.55 -9.81
CA LYS B 448 -36.64 -21.92 -9.52
C LYS B 448 -36.35 -20.75 -10.43
N SER B 449 -36.94 -20.73 -11.62
CA SER B 449 -36.76 -19.60 -12.52
C SER B 449 -37.36 -18.34 -11.95
N VAL B 450 -38.43 -18.47 -11.16
CA VAL B 450 -39.06 -17.31 -10.55
C VAL B 450 -38.17 -16.71 -9.47
N LEU B 451 -37.56 -17.56 -8.64
CA LEU B 451 -36.62 -17.07 -7.64
C LEU B 451 -35.42 -16.40 -8.31
N ALA B 452 -34.91 -17.02 -9.37
CA ALA B 452 -33.81 -16.43 -10.12
C ALA B 452 -34.21 -15.08 -10.70
N ALA B 453 -35.42 -14.97 -11.23
CA ALA B 453 -35.88 -13.71 -11.80
C ALA B 453 -36.04 -12.63 -10.73
N LEU B 454 -36.40 -13.01 -9.51
CA LEU B 454 -36.55 -12.04 -8.42
C LEU B 454 -35.21 -11.47 -7.98
N ALA B 455 -34.20 -12.31 -7.92
CA ALA B 455 -32.85 -11.92 -7.56
C ALA B 455 -32.27 -10.95 -8.60
N LEU B 456 -32.59 -11.18 -9.87
CA LEU B 456 -32.18 -10.34 -10.99
C LEU B 456 -32.72 -8.92 -10.85
N GLY B 457 -33.95 -8.79 -10.33
CA GLY B 457 -34.58 -7.51 -10.12
C GLY B 457 -33.79 -6.62 -9.17
N ASN B 458 -33.14 -7.22 -8.20
CA ASN B 458 -32.35 -6.44 -7.25
C ASN B 458 -31.00 -6.00 -7.76
N LEU B 459 -30.63 -6.45 -8.95
CA LEU B 459 -29.33 -6.13 -9.52
C LEU B 459 -29.19 -4.71 -10.02
N LYS B 460 -30.29 -4.11 -10.46
CA LYS B 460 -30.30 -2.74 -10.96
C LYS B 460 -29.48 -1.68 -10.22
N GLY B 461 -29.50 -1.68 -8.90
CA GLY B 461 -28.73 -0.68 -8.18
C GLY B 461 -27.22 -0.80 -8.35
N MET B 462 -26.73 -2.03 -8.39
CA MET B 462 -25.31 -2.34 -8.50
C MET B 462 -24.84 -2.26 -9.95
N LEU B 463 -25.73 -2.52 -10.89
CA LEU B 463 -25.38 -2.48 -12.30
C LEU B 463 -25.31 -1.06 -12.82
N MET B 464 -25.98 -0.14 -12.15
CA MET B 464 -25.95 1.26 -12.55
C MET B 464 -24.67 1.92 -12.08
N GLN B 465 -23.89 1.21 -11.28
CA GLN B 465 -22.62 1.75 -10.79
C GLN B 465 -21.58 1.84 -11.90
N PHE B 466 -21.90 1.34 -13.09
CA PHE B 466 -20.98 1.45 -14.22
C PHE B 466 -20.79 2.92 -14.57
N ALA B 467 -21.76 3.75 -14.21
CA ALA B 467 -21.67 5.18 -14.47
C ALA B 467 -20.56 5.81 -13.67
N GLU B 468 -20.14 5.17 -12.60
CA GLU B 468 -19.09 5.69 -11.75
C GLU B 468 -17.78 5.89 -12.49
N ILE B 469 -17.49 5.02 -13.43
CA ILE B 469 -16.23 5.11 -14.15
C ILE B 469 -16.05 6.49 -14.75
N GLY B 470 -17.04 6.96 -15.49
CA GLY B 470 -16.97 8.27 -16.10
C GLY B 470 -16.91 9.38 -15.07
N ARG B 471 -17.69 9.25 -14.01
CA ARG B 471 -17.66 10.24 -12.95
C ARG B 471 -16.31 10.32 -12.29
N LEU B 472 -15.75 9.17 -11.93
CA LEU B 472 -14.46 9.14 -11.26
C LEU B 472 -13.36 9.56 -12.19
N TRP B 473 -13.54 9.33 -13.48
CA TRP B 473 -12.55 9.74 -14.45
C TRP B 473 -12.40 11.24 -14.42
N ARG B 474 -13.53 11.94 -14.37
CA ARG B 474 -13.49 13.40 -14.28
C ARG B 474 -12.90 13.85 -12.95
N LYS B 475 -13.25 13.18 -11.85
CA LYS B 475 -12.84 13.64 -10.53
C LYS B 475 -11.40 13.26 -10.21
N ASP B 476 -11.08 11.98 -10.24
CA ASP B 476 -9.81 11.47 -9.74
C ASP B 476 -9.44 10.21 -10.48
N LYS B 477 -8.37 10.26 -11.27
CA LYS B 477 -8.01 9.12 -12.11
C LYS B 477 -7.42 7.96 -11.32
N TYR B 478 -6.89 8.20 -10.12
CA TYR B 478 -6.45 7.09 -9.28
C TYR B 478 -7.64 6.28 -8.78
N ASP B 479 -8.74 6.95 -8.45
CA ASP B 479 -9.93 6.23 -8.02
C ASP B 479 -10.62 5.55 -9.19
N CYS B 480 -10.57 6.16 -10.38
CA CYS B 480 -11.06 5.49 -11.57
C CYS B 480 -10.25 4.24 -11.85
N LEU B 481 -8.93 4.32 -11.66
CA LEU B 481 -8.08 3.15 -11.82
C LEU B 481 -8.42 2.08 -10.80
N ILE B 482 -8.67 2.48 -9.56
CA ILE B 482 -9.07 1.51 -8.54
C ILE B 482 -10.37 0.81 -8.93
N TRP B 483 -11.35 1.60 -9.38
CA TRP B 483 -12.62 1.03 -9.82
C TRP B 483 -12.41 0.00 -10.93
N ILE B 484 -11.70 0.39 -11.99
CA ILE B 484 -11.55 -0.46 -13.16
C ILE B 484 -10.76 -1.72 -12.81
N MET B 485 -9.67 -1.58 -12.04
CA MET B 485 -8.88 -2.74 -11.70
C MET B 485 -9.60 -3.66 -10.74
N THR B 486 -10.40 -3.12 -9.82
CA THR B 486 -11.22 -3.97 -8.97
C THR B 486 -12.23 -4.76 -9.79
N PHE B 487 -12.89 -4.09 -10.73
CA PHE B 487 -13.84 -4.78 -11.60
C PHE B 487 -13.16 -5.90 -12.37
N ILE B 488 -12.00 -5.62 -12.96
CA ILE B 488 -11.32 -6.61 -13.77
C ILE B 488 -10.83 -7.78 -12.89
N PHE B 489 -10.28 -7.48 -11.72
CA PHE B 489 -9.80 -8.53 -10.85
C PHE B 489 -10.93 -9.42 -10.36
N THR B 490 -12.09 -8.83 -10.10
CA THR B 490 -13.21 -9.62 -9.63
C THR B 490 -13.88 -10.40 -10.74
N ILE B 491 -13.86 -9.90 -11.97
CA ILE B 491 -14.41 -10.64 -13.09
C ILE B 491 -13.50 -11.79 -13.49
N VAL B 492 -12.20 -11.54 -13.57
CA VAL B 492 -11.26 -12.56 -14.02
C VAL B 492 -10.98 -13.54 -12.89
N LEU B 493 -10.40 -13.06 -11.81
CA LEU B 493 -10.22 -13.91 -10.67
C LEU B 493 -11.61 -13.87 -10.09
N GLY B 494 -11.86 -14.49 -8.96
CA GLY B 494 -13.21 -14.50 -8.47
C GLY B 494 -13.53 -13.41 -7.50
N LEU B 495 -14.59 -13.62 -6.72
CA LEU B 495 -14.97 -12.65 -5.72
C LEU B 495 -13.94 -12.58 -4.60
N GLY B 496 -13.49 -13.74 -4.11
CA GLY B 496 -12.53 -13.76 -3.02
C GLY B 496 -11.14 -13.33 -3.42
N LEU B 497 -10.59 -13.95 -4.45
CA LEU B 497 -9.25 -13.61 -4.91
C LEU B 497 -9.22 -12.23 -5.55
N GLY B 498 -10.28 -11.88 -6.27
CA GLY B 498 -10.36 -10.57 -6.86
C GLY B 498 -10.28 -9.50 -5.80
N LEU B 499 -10.96 -9.71 -4.68
CA LEU B 499 -10.95 -8.74 -3.60
C LEU B 499 -9.57 -8.58 -3.01
N ALA B 500 -8.88 -9.69 -2.80
CA ALA B 500 -7.53 -9.63 -2.25
C ALA B 500 -6.61 -8.87 -3.18
N ALA B 501 -6.72 -9.12 -4.48
CA ALA B 501 -5.87 -8.46 -5.46
C ALA B 501 -6.25 -7.00 -5.57
N SER B 502 -7.52 -6.71 -5.40
CA SER B 502 -8.00 -5.34 -5.50
C SER B 502 -7.55 -4.51 -4.31
N VAL B 503 -7.57 -5.10 -3.11
CA VAL B 503 -7.09 -4.38 -1.94
C VAL B 503 -5.60 -4.10 -2.06
N ALA B 504 -4.84 -5.07 -2.57
CA ALA B 504 -3.41 -4.85 -2.79
C ALA B 504 -3.17 -3.72 -3.80
N PHE B 505 -3.91 -3.72 -4.91
CA PHE B 505 -3.72 -2.68 -5.91
C PHE B 505 -4.14 -1.32 -5.38
N GLN B 506 -5.19 -1.27 -4.57
CA GLN B 506 -5.63 0.00 -4.01
C GLN B 506 -4.60 0.54 -3.02
N LEU B 507 -3.89 -0.33 -2.32
CA LEU B 507 -2.77 0.11 -1.51
C LEU B 507 -1.64 0.63 -2.38
N LEU B 508 -1.40 0.00 -3.52
CA LEU B 508 -0.34 0.45 -4.43
C LEU B 508 -0.65 1.83 -5.02
N THR B 509 -1.93 2.16 -5.19
CA THR B 509 -2.27 3.48 -5.72
C THR B 509 -1.89 4.61 -4.76
N ILE B 510 -1.83 4.33 -3.46
CA ILE B 510 -1.36 5.34 -2.51
C ILE B 510 0.08 5.71 -2.80
N VAL B 511 0.89 4.71 -3.16
CA VAL B 511 2.26 4.99 -3.58
C VAL B 511 2.28 5.69 -4.93
N PHE B 512 1.40 5.29 -5.84
CA PHE B 512 1.29 5.98 -7.12
C PHE B 512 1.04 7.47 -6.93
N ARG B 513 0.25 7.84 -5.91
CA ARG B 513 -0.08 9.24 -5.69
C ARG B 513 1.13 10.05 -5.24
N THR B 514 1.99 9.45 -4.42
CA THR B 514 3.06 10.17 -3.76
C THR B 514 4.43 9.84 -4.33
N GLN B 515 4.47 9.17 -5.47
CA GLN B 515 5.67 8.60 -6.09
C GLN B 515 6.52 9.66 -6.77
N PHE B 516 5.89 10.55 -7.54
CA PHE B 516 6.57 11.62 -8.27
C PHE B 516 5.96 12.95 -7.84
N PRO B 517 6.28 13.41 -6.64
CA PRO B 517 5.67 14.66 -6.14
C PRO B 517 6.01 15.84 -7.03
N LYS B 518 5.07 16.76 -7.17
CA LYS B 518 5.32 17.96 -7.94
C LYS B 518 6.08 18.95 -7.07
N CYS B 519 7.39 18.75 -6.97
CA CYS B 519 8.21 19.63 -6.15
C CYS B 519 8.39 20.98 -6.81
N SER B 520 8.70 22.00 -6.03
CA SER B 520 8.77 23.34 -6.59
C SER B 520 9.74 24.26 -5.92
N THR B 521 10.10 25.34 -6.60
CA THR B 521 10.97 26.33 -6.02
C THR B 521 10.06 27.48 -5.67
N LEU B 522 10.25 28.06 -4.49
CA LEU B 522 9.36 29.13 -4.06
C LEU B 522 10.02 30.48 -4.13
N ALA B 523 9.22 31.51 -4.35
CA ALA B 523 9.74 32.86 -4.37
C ALA B 523 8.82 33.78 -3.60
N ASN B 524 9.28 34.97 -3.26
CA ASN B 524 8.48 35.89 -2.47
C ASN B 524 7.57 36.73 -3.32
N ILE B 525 6.30 36.83 -2.93
CA ILE B 525 5.38 37.69 -3.64
C ILE B 525 4.91 38.78 -2.69
N GLY B 526 4.99 40.03 -3.11
CA GLY B 526 4.51 41.12 -2.29
C GLY B 526 5.49 41.69 -1.30
N ARG B 527 6.72 41.18 -1.30
CA ARG B 527 7.72 41.63 -0.35
C ARG B 527 7.25 41.51 1.10
N THR B 528 6.62 40.39 1.43
CA THR B 528 6.16 40.15 2.79
C THR B 528 6.25 38.65 2.91
N ASN B 529 5.70 38.08 3.98
CA ASN B 529 5.99 36.72 4.39
C ASN B 529 5.26 35.68 3.54
N ILE B 530 4.89 35.98 2.31
CA ILE B 530 4.17 35.06 1.44
C ILE B 530 5.11 34.53 0.38
N TYR B 531 5.22 33.21 0.29
CA TYR B 531 6.10 32.55 -0.66
C TYR B 531 5.29 31.53 -1.45
N LYS B 532 5.36 31.61 -2.77
CA LYS B 532 4.57 30.74 -3.63
C LYS B 532 5.42 30.22 -4.76
N ASN B 533 4.83 29.35 -5.58
CA ASN B 533 5.55 28.73 -6.68
C ASN B 533 6.16 29.79 -7.59
N LYS B 534 7.47 29.69 -7.79
CA LYS B 534 8.23 30.67 -8.54
C LYS B 534 7.76 30.82 -9.98
N LYS B 535 7.03 29.84 -10.49
CA LYS B 535 6.57 29.84 -11.87
C LYS B 535 5.12 30.31 -12.03
N ASP B 536 4.46 30.68 -10.95
CA ASP B 536 3.02 30.90 -10.99
C ASP B 536 2.62 32.37 -11.09
N TYR B 537 3.42 33.29 -10.59
CA TYR B 537 3.04 34.68 -10.54
C TYR B 537 4.10 35.55 -11.19
N TYR B 538 3.71 36.78 -11.51
CA TYR B 538 4.65 37.75 -12.03
C TYR B 538 5.24 38.57 -10.89
N ASP B 539 6.42 39.12 -11.14
CA ASP B 539 7.08 40.03 -10.21
C ASP B 539 7.39 39.37 -8.87
N MET B 540 7.78 38.10 -8.90
CA MET B 540 8.24 37.43 -7.70
C MET B 540 9.70 37.75 -7.46
N TYR B 541 10.19 37.38 -6.28
CA TYR B 541 11.52 37.78 -5.83
C TYR B 541 12.17 36.63 -5.08
N GLU B 542 13.34 36.21 -5.54
CA GLU B 542 14.18 35.32 -4.77
C GLU B 542 15.33 36.12 -4.19
N PRO B 543 15.55 36.12 -2.88
CA PRO B 543 16.75 36.75 -2.34
C PRO B 543 17.99 36.09 -2.92
N GLU B 544 18.99 36.90 -3.21
CA GLU B 544 20.10 36.45 -4.03
C GLU B 544 20.91 35.40 -3.28
N GLY B 545 21.12 34.25 -3.90
CA GLY B 545 21.86 33.17 -3.27
C GLY B 545 21.04 32.26 -2.40
N VAL B 546 19.72 32.41 -2.39
CA VAL B 546 18.84 31.60 -1.57
C VAL B 546 17.91 30.80 -2.48
N LYS B 547 17.78 29.51 -2.21
CA LYS B 547 16.85 28.64 -2.91
C LYS B 547 15.85 28.11 -1.90
N ILE B 548 14.57 28.16 -2.23
CA ILE B 548 13.51 27.64 -1.39
C ILE B 548 12.84 26.50 -2.15
N PHE B 549 12.97 25.28 -1.63
CA PHE B 549 12.48 24.09 -2.30
C PHE B 549 11.35 23.48 -1.48
N ARG B 550 10.28 23.10 -2.15
CA ARG B 550 9.11 22.51 -1.51
C ARG B 550 8.84 21.15 -2.12
N CYS B 551 8.67 20.14 -1.26
CA CYS B 551 8.16 18.83 -1.64
C CYS B 551 6.80 18.65 -0.99
N PRO B 552 5.73 18.57 -1.74
CA PRO B 552 4.38 18.55 -1.17
C PRO B 552 3.87 17.16 -0.83
N SER B 553 4.72 16.41 -0.16
CA SER B 553 4.41 15.04 0.14
C SER B 553 5.28 14.57 1.25
N PRO B 554 4.87 13.49 1.91
CA PRO B 554 5.78 12.91 2.90
C PRO B 554 6.88 12.22 2.11
N ILE B 555 8.10 12.25 2.61
CA ILE B 555 9.19 11.63 1.92
C ILE B 555 9.49 10.32 2.60
N TYR B 556 9.36 9.23 1.87
CA TYR B 556 9.59 7.90 2.41
C TYR B 556 10.43 7.10 1.43
N PHE B 557 10.31 5.79 1.39
CA PHE B 557 11.28 5.07 0.56
C PHE B 557 10.98 5.18 -0.93
N ALA B 558 9.72 5.23 -1.33
CA ALA B 558 9.39 5.28 -2.73
C ALA B 558 9.53 6.66 -3.32
N ASN B 559 10.14 7.57 -2.57
CA ASN B 559 10.07 8.99 -2.83
C ASN B 559 11.42 9.68 -2.85
N ILE B 560 12.39 9.20 -2.09
CA ILE B 560 13.52 10.04 -1.72
C ILE B 560 14.52 10.19 -2.87
N GLY B 561 14.64 9.19 -3.75
CA GLY B 561 15.46 9.36 -4.92
C GLY B 561 14.93 10.42 -5.86
N PHE B 562 13.62 10.42 -6.08
CA PHE B 562 12.98 11.46 -6.86
C PHE B 562 13.16 12.83 -6.22
N PHE B 563 13.05 12.89 -4.90
CA PHE B 563 13.25 14.15 -4.17
C PHE B 563 14.67 14.67 -4.37
N ARG B 564 15.66 13.80 -4.30
CA ARG B 564 17.04 14.22 -4.50
C ARG B 564 17.27 14.70 -5.92
N ARG B 565 16.74 13.98 -6.90
CA ARG B 565 16.85 14.41 -8.29
C ARG B 565 16.24 15.78 -8.49
N LYS B 566 15.05 16.02 -7.93
CA LYS B 566 14.38 17.29 -8.12
C LYS B 566 15.09 18.42 -7.40
N LEU B 567 15.65 18.15 -6.22
CA LEU B 567 16.39 19.18 -5.51
C LEU B 567 17.66 19.56 -6.25
N ILE B 568 18.34 18.57 -6.83
CA ILE B 568 19.55 18.87 -7.59
C ILE B 568 19.21 19.61 -8.87
N ASP B 569 18.05 19.33 -9.46
CA ASP B 569 17.62 20.12 -10.62
C ASP B 569 17.24 21.53 -10.21
N ALA B 570 16.72 21.71 -9.00
CA ALA B 570 16.29 23.02 -8.55
C ALA B 570 17.48 23.92 -8.22
N VAL B 571 18.49 23.40 -7.51
CA VAL B 571 19.62 24.25 -7.18
C VAL B 571 20.55 24.45 -8.37
N GLY B 572 20.50 23.55 -9.35
CA GLY B 572 21.27 23.72 -10.57
C GLY B 572 22.61 23.02 -10.59
N PHE B 573 22.96 22.28 -9.55
CA PHE B 573 24.22 21.56 -9.50
C PHE B 573 24.06 20.40 -8.54
N SER B 574 25.04 19.51 -8.56
CA SER B 574 25.10 18.43 -7.59
C SER B 574 26.13 18.77 -6.55
N PRO B 575 25.77 18.86 -5.27
CA PRO B 575 26.76 19.25 -4.25
C PRO B 575 27.89 18.26 -4.07
N LEU B 576 27.67 16.97 -4.31
CA LEU B 576 28.75 16.00 -4.24
C LEU B 576 29.75 16.17 -5.36
N ARG B 577 29.29 16.49 -6.56
CA ARG B 577 30.19 16.78 -7.67
C ARG B 577 31.06 18.00 -7.37
N ILE B 578 30.45 19.04 -6.80
CA ILE B 578 31.20 20.23 -6.44
C ILE B 578 32.23 19.92 -5.37
N LEU B 579 31.84 19.12 -4.37
CA LEU B 579 32.79 18.76 -3.32
C LEU B 579 33.94 17.96 -3.87
N ARG B 580 33.69 17.05 -4.79
CA ARG B 580 34.75 16.21 -5.33
C ARG B 580 35.74 17.04 -6.13
N LYS B 581 35.23 17.97 -6.92
CA LYS B 581 36.10 18.84 -7.72
C LYS B 581 36.94 19.78 -6.86
N ARG B 582 36.37 20.27 -5.77
CA ARG B 582 37.11 21.14 -4.87
C ARG B 582 38.21 20.37 -4.16
N ASN B 583 37.93 19.12 -3.81
CA ASN B 583 38.93 18.29 -3.17
C ASN B 583 40.06 18.01 -4.13
N LYS B 584 39.73 17.80 -5.40
CA LYS B 584 40.76 17.60 -6.41
C LYS B 584 41.62 18.85 -6.53
N ALA B 585 40.98 20.01 -6.58
CA ALA B 585 41.72 21.25 -6.67
C ALA B 585 42.64 21.40 -5.47
N LEU B 586 42.12 21.13 -4.29
CA LEU B 586 42.91 21.30 -3.08
C LEU B 586 44.11 20.36 -3.11
N ARG B 587 43.90 19.15 -3.61
CA ARG B 587 44.99 18.19 -3.71
C ARG B 587 46.09 18.72 -4.63
N LYS B 588 45.72 19.25 -5.78
CA LYS B 588 46.70 19.80 -6.69
C LYS B 588 47.43 20.93 -6.01
N ILE B 589 46.70 21.79 -5.32
CA ILE B 589 47.30 22.92 -4.65
C ILE B 589 48.34 22.46 -3.67
N ARG B 590 47.98 21.53 -2.80
CA ARG B 590 48.91 21.06 -1.79
C ARG B 590 50.13 20.44 -2.43
N LYS B 591 49.93 19.73 -3.54
CA LYS B 591 51.06 19.16 -4.26
C LYS B 591 51.99 20.24 -4.80
N LEU B 592 51.44 21.26 -5.44
CA LEU B 592 52.25 22.36 -5.95
C LEU B 592 52.94 23.08 -4.81
N GLN B 593 52.26 23.22 -3.69
CA GLN B 593 52.85 23.85 -2.53
C GLN B 593 54.03 23.02 -2.05
N LYS B 594 53.88 21.70 -2.10
CA LYS B 594 54.97 20.82 -1.70
C LYS B 594 56.13 21.01 -2.64
N GLN B 595 55.82 21.13 -3.93
CA GLN B 595 56.86 21.35 -4.92
C GLN B 595 57.47 22.74 -4.73
N GLY B 596 56.77 23.59 -4.00
CA GLY B 596 57.26 24.94 -3.77
C GLY B 596 56.74 25.89 -4.81
N LEU B 597 56.38 25.36 -5.98
CA LEU B 597 55.87 26.20 -7.06
C LEU B 597 54.77 27.13 -6.55
N LEU B 598 54.27 26.86 -5.36
CA LEU B 598 53.23 27.70 -4.77
C LEU B 598 53.60 28.10 -3.37
N GLN B 599 53.36 29.35 -3.02
CA GLN B 599 53.62 29.80 -1.66
C GLN B 599 52.33 30.29 -1.05
N VAL B 600 52.31 30.47 0.27
CA VAL B 600 51.08 30.88 0.93
C VAL B 600 51.18 32.26 1.56
N THR B 601 50.19 33.11 1.30
CA THR B 601 50.17 34.43 1.90
C THR B 601 48.79 34.70 2.46
N PRO B 602 48.71 35.52 3.52
CA PRO B 602 47.40 35.86 4.06
C PRO B 602 46.61 36.60 2.99
N LYS B 603 47.31 37.05 1.95
CA LYS B 603 46.65 37.75 0.87
C LYS B 603 46.43 36.85 -0.35
N GLY B 604 46.70 35.55 -0.20
CA GLY B 604 46.48 34.62 -1.29
C GLY B 604 47.59 33.60 -1.48
N PHE B 605 47.77 33.14 -2.71
CA PHE B 605 48.79 32.15 -3.00
C PHE B 605 49.85 32.68 -3.95
N ILE B 606 51.12 32.47 -3.63
CA ILE B 606 52.20 32.93 -4.48
C ILE B 606 52.54 31.92 -5.56
N CYS B 607 52.40 32.31 -6.82
CA CYS B 607 52.74 31.42 -7.92
C CYS B 607 54.17 31.62 -8.38
N THR B 608 55.13 31.20 -7.57
CA THR B 608 56.53 31.33 -7.94
C THR B 608 56.73 30.79 -9.34
N VAL B 609 56.12 29.65 -9.64
CA VAL B 609 56.20 29.10 -10.97
C VAL B 609 54.82 29.04 -11.58
N ASP B 610 54.65 29.69 -12.73
CA ASP B 610 53.34 29.69 -13.40
C ASP B 610 53.19 28.50 -14.35
N THR B 611 52.20 28.58 -15.25
CA THR B 611 51.98 27.51 -16.23
C THR B 611 52.31 26.12 -15.67
N ILE B 612 51.65 25.74 -14.59
CA ILE B 612 51.95 24.46 -13.96
C ILE B 612 51.69 23.29 -14.89
N LYS B 613 52.40 22.19 -14.65
CA LYS B 613 52.19 21.00 -15.47
C LYS B 613 50.95 20.28 -14.98
N ASP B 614 49.87 20.37 -15.74
CA ASP B 614 48.64 19.69 -15.35
C ASP B 614 48.93 18.21 -15.22
N SER B 615 48.57 17.63 -14.09
CA SER B 615 48.82 16.21 -13.87
C SER B 615 47.75 15.59 -12.99
N ASP B 616 46.64 15.19 -13.60
CA ASP B 616 45.57 14.57 -12.84
C ASP B 616 46.13 13.37 -12.09
N GLU B 617 45.78 13.26 -10.82
CA GLU B 617 46.31 12.18 -10.01
C GLU B 617 45.78 10.83 -10.47
N GLU B 618 44.76 10.83 -11.33
CA GLU B 618 44.15 9.58 -11.77
C GLU B 618 44.11 8.60 -10.62
N LEU B 619 43.40 8.95 -9.56
CA LEU B 619 43.28 8.09 -8.39
C LEU B 619 42.62 6.77 -8.77
N ASP B 620 43.13 5.69 -8.19
CA ASP B 620 42.59 4.39 -8.50
C ASP B 620 41.33 4.12 -7.70
N ASN B 621 40.75 2.94 -7.93
CA ASN B 621 39.45 2.60 -7.37
C ASN B 621 39.42 2.61 -5.85
N ASN B 622 40.57 2.38 -5.21
CA ASN B 622 40.62 2.24 -3.77
C ASN B 622 41.01 3.53 -3.05
N GLN B 623 41.28 4.59 -3.80
CA GLN B 623 41.66 5.86 -3.20
C GLN B 623 40.73 7.00 -3.58
N ILE B 624 39.79 6.76 -4.48
CA ILE B 624 38.92 7.83 -4.96
C ILE B 624 37.96 8.39 -3.92
N GLU B 625 37.64 7.62 -2.89
CA GLU B 625 36.67 8.07 -1.90
C GLU B 625 37.17 9.25 -1.07
N VAL B 626 38.46 9.56 -1.17
CA VAL B 626 39.03 10.68 -0.42
C VAL B 626 38.48 12.00 -0.93
N LEU B 627 38.00 12.02 -2.17
CA LEU B 627 37.49 13.26 -2.74
C LEU B 627 36.06 13.55 -2.31
N ASP B 628 35.52 12.72 -1.43
CA ASP B 628 34.16 12.93 -0.95
C ASP B 628 34.18 13.34 0.51
N GLN B 629 35.34 13.77 0.99
CA GLN B 629 35.48 14.09 2.41
C GLN B 629 35.41 15.59 2.71
N PRO B 630 34.98 15.94 3.93
CA PRO B 630 34.92 17.35 4.33
C PRO B 630 36.26 18.03 4.16
N ILE B 631 36.28 19.21 3.55
CA ILE B 631 37.53 19.91 3.29
C ILE B 631 38.01 20.64 4.52
N ASN B 632 39.27 20.44 4.88
CA ASN B 632 39.83 21.10 6.05
C ASN B 632 41.09 21.84 5.64
N THR B 633 40.93 23.02 5.05
CA THR B 633 42.08 23.78 4.59
C THR B 633 42.71 24.60 5.71
N THR B 634 42.55 24.15 6.95
CA THR B 634 43.09 24.88 8.09
C THR B 634 44.60 24.99 8.01
N ASP B 635 45.25 24.07 7.31
CA ASP B 635 46.68 24.16 7.13
C ASP B 635 47.00 25.54 6.63
N LEU B 636 46.27 25.98 5.61
CA LEU B 636 46.48 27.31 5.07
C LEU B 636 45.98 28.34 6.06
N PRO B 637 46.71 29.46 6.19
CA PRO B 637 46.30 30.53 7.10
C PRO B 637 44.98 31.19 6.69
N PHE B 638 44.83 31.51 5.42
CA PHE B 638 43.63 32.21 4.95
C PHE B 638 42.53 31.24 4.53
N HIS B 639 41.49 31.77 3.90
CA HIS B 639 40.40 30.93 3.43
C HIS B 639 40.29 30.99 1.91
N ILE B 640 40.12 29.83 1.28
CA ILE B 640 40.02 29.79 -0.17
C ILE B 640 38.62 30.06 -0.64
N ASP B 641 38.36 31.29 -1.10
CA ASP B 641 37.06 31.59 -1.66
C ASP B 641 36.87 30.69 -2.85
N TRP B 642 36.17 29.58 -2.67
CA TRP B 642 36.08 28.63 -3.76
C TRP B 642 35.37 29.19 -4.97
N ASN B 643 34.67 30.31 -4.83
CA ASN B 643 33.94 30.92 -5.92
C ASN B 643 34.71 32.05 -6.58
N ASP B 644 35.89 32.39 -6.06
CA ASP B 644 36.80 33.29 -6.75
C ASP B 644 37.78 32.46 -7.58
N ASP B 645 38.70 33.12 -8.25
CA ASP B 645 39.59 32.45 -9.20
C ASP B 645 40.75 31.80 -8.45
N LEU B 646 41.09 30.58 -8.83
CA LEU B 646 42.14 29.84 -8.13
C LEU B 646 43.49 29.93 -8.81
N PRO B 647 44.57 29.63 -8.06
CA PRO B 647 45.91 29.79 -8.62
C PRO B 647 46.26 28.86 -9.77
N LEU B 648 47.11 29.32 -10.68
CA LEU B 648 47.60 28.46 -11.76
C LEU B 648 46.50 27.77 -12.56
N ASN B 649 45.44 28.49 -12.87
CA ASN B 649 44.37 27.94 -13.72
C ASN B 649 43.64 26.74 -13.10
N ILE B 650 43.86 26.47 -11.81
CA ILE B 650 43.11 25.39 -11.16
C ILE B 650 41.65 25.79 -11.23
N GLU B 651 40.80 24.92 -11.75
CA GLU B 651 39.40 25.30 -11.93
C GLU B 651 38.38 24.46 -11.20
N VAL B 652 37.36 25.11 -10.65
CA VAL B 652 36.30 24.39 -9.96
C VAL B 652 34.99 25.07 -10.30
N PRO B 653 33.95 24.28 -10.57
CA PRO B 653 32.64 24.87 -10.83
C PRO B 653 32.25 25.83 -9.72
N LYS B 654 31.75 27.01 -10.07
CA LYS B 654 31.37 28.00 -9.06
C LYS B 654 29.88 28.02 -8.86
N ILE B 655 29.45 28.29 -7.64
CA ILE B 655 28.04 28.28 -7.32
C ILE B 655 27.68 29.57 -6.60
N SER B 656 26.50 30.09 -6.88
CA SER B 656 26.03 31.30 -6.22
C SER B 656 25.20 31.00 -4.99
N LEU B 657 24.79 29.75 -4.80
CA LEU B 657 23.97 29.37 -3.68
C LEU B 657 24.75 29.42 -2.38
N HIS B 658 24.22 30.10 -1.37
CA HIS B 658 24.78 30.02 -0.04
C HIS B 658 23.77 29.56 1.01
N SER B 659 22.49 29.49 0.67
CA SER B 659 21.48 29.10 1.63
C SER B 659 20.39 28.31 0.90
N LEU B 660 20.00 27.18 1.48
CA LEU B 660 18.94 26.35 0.93
C LEU B 660 17.88 26.18 2.00
N ILE B 661 16.65 26.55 1.68
CA ILE B 661 15.52 26.39 2.58
C ILE B 661 14.66 25.26 2.06
N LEU B 662 14.38 24.28 2.91
CA LEU B 662 13.50 23.17 2.57
C LEU B 662 12.17 23.38 3.27
N ASP B 663 11.14 23.65 2.49
CA ASP B 663 9.79 23.82 3.02
C ASP B 663 9.18 22.45 3.25
N PHE B 664 9.12 22.04 4.52
CA PHE B 664 8.69 20.71 4.90
C PHE B 664 7.31 20.69 5.54
N SER B 665 6.45 21.66 5.19
CA SER B 665 5.15 21.74 5.84
C SER B 665 4.25 20.58 5.43
N ALA B 666 4.32 20.17 4.17
CA ALA B 666 3.48 19.09 3.66
C ALA B 666 4.14 17.73 3.76
N VAL B 667 5.36 17.65 4.30
CA VAL B 667 6.05 16.39 4.51
C VAL B 667 5.48 15.78 5.79
N SER B 668 4.44 14.99 5.66
CA SER B 668 3.78 14.42 6.83
C SER B 668 4.68 13.55 7.71
N PHE B 669 5.37 12.62 7.09
CA PHE B 669 6.22 11.71 7.81
C PHE B 669 7.47 11.43 7.01
N LEU B 670 8.44 10.82 7.68
CA LEU B 670 9.68 10.37 7.09
C LEU B 670 9.88 8.91 7.51
N ASP B 671 10.63 8.14 6.75
CA ASP B 671 10.92 6.77 7.17
C ASP B 671 12.44 6.59 7.24
N VAL B 672 12.95 5.41 7.56
CA VAL B 672 14.40 5.29 7.66
C VAL B 672 15.13 5.57 6.34
N SER B 673 14.58 5.12 5.23
CA SER B 673 15.21 5.36 3.95
C SER B 673 15.24 6.85 3.65
N SER B 674 14.14 7.53 3.90
CA SER B 674 14.11 8.95 3.63
C SER B 674 15.05 9.74 4.53
N VAL B 675 15.13 9.40 5.81
CA VAL B 675 16.01 10.09 6.75
C VAL B 675 17.47 9.91 6.36
N ARG B 676 17.84 8.71 5.94
CA ARG B 676 19.18 8.43 5.51
C ARG B 676 19.52 9.22 4.27
N GLY B 677 18.55 9.29 3.35
CA GLY B 677 18.72 10.01 2.11
C GLY B 677 18.72 11.48 2.40
N LEU B 678 17.87 11.91 3.32
CA LEU B 678 17.87 13.30 3.72
C LEU B 678 19.18 13.70 4.38
N LYS B 679 19.70 12.87 5.24
CA LYS B 679 20.92 13.19 5.96
C LYS B 679 22.08 13.30 4.99
N SER B 680 22.16 12.37 4.04
CA SER B 680 23.20 12.39 3.03
C SER B 680 23.15 13.70 2.27
N ILE B 681 21.97 14.09 1.83
CA ILE B 681 21.82 15.33 1.07
C ILE B 681 22.28 16.51 1.89
N LEU B 682 21.80 16.62 3.12
CA LEU B 682 22.17 17.73 3.97
C LEU B 682 23.67 17.77 4.26
N GLN B 683 24.25 16.62 4.52
CA GLN B 683 25.68 16.56 4.82
C GLN B 683 26.49 17.10 3.65
N GLU B 684 26.12 16.72 2.45
CA GLU B 684 26.79 17.17 1.25
C GLU B 684 26.68 18.66 1.03
N PHE B 685 25.52 19.23 1.34
CA PHE B 685 25.33 20.68 1.18
C PHE B 685 26.10 21.43 2.26
N ILE B 686 26.16 20.87 3.45
CA ILE B 686 26.91 21.50 4.52
C ILE B 686 28.40 21.44 4.25
N ARG B 687 28.86 20.37 3.64
CA ARG B 687 30.29 20.21 3.36
C ARG B 687 30.79 21.15 2.26
N ILE B 688 29.89 21.66 1.45
CA ILE B 688 30.26 22.63 0.42
C ILE B 688 29.92 24.03 0.92
N LYS B 689 29.70 24.16 2.22
CA LYS B 689 29.34 25.42 2.91
C LYS B 689 28.00 26.04 2.54
N VAL B 690 26.97 25.27 2.25
CA VAL B 690 25.69 25.89 1.97
C VAL B 690 24.90 25.72 3.24
N ASP B 691 24.41 26.81 3.81
CA ASP B 691 23.62 26.72 5.01
C ASP B 691 22.29 26.14 4.62
N VAL B 692 21.79 25.20 5.40
CA VAL B 692 20.53 24.52 5.12
C VAL B 692 19.52 24.77 6.22
N TYR B 693 18.28 25.06 5.84
CA TYR B 693 17.20 25.33 6.79
C TYR B 693 16.00 24.50 6.49
N ILE B 694 15.39 23.94 7.51
CA ILE B 694 14.18 23.17 7.35
C ILE B 694 13.10 23.96 8.07
N VAL B 695 12.01 24.28 7.38
CA VAL B 695 10.99 25.13 7.97
C VAL B 695 9.64 24.44 7.81
N GLY B 696 8.69 24.88 8.64
CA GLY B 696 7.31 24.50 8.48
C GLY B 696 6.91 23.18 9.08
N THR B 697 7.74 22.57 9.90
CA THR B 697 7.41 21.32 10.56
C THR B 697 6.84 21.58 11.94
N ASP B 698 6.15 20.59 12.47
CA ASP B 698 5.66 20.66 13.85
C ASP B 698 6.62 19.97 14.79
N ASP B 699 6.27 19.96 16.08
CA ASP B 699 7.17 19.49 17.12
C ASP B 699 7.29 17.97 17.15
N ASP B 700 6.19 17.27 16.89
CA ASP B 700 6.23 15.83 16.74
C ASP B 700 7.23 15.41 15.69
N PHE B 701 7.35 16.19 14.62
CA PHE B 701 8.29 15.89 13.55
C PHE B 701 9.72 15.87 14.05
N ILE B 702 10.11 16.87 14.82
CA ILE B 702 11.49 16.95 15.28
C ILE B 702 11.77 15.94 16.37
N GLU B 703 10.74 15.61 17.12
CA GLU B 703 10.83 14.60 18.13
C GLU B 703 11.14 13.29 17.42
N LYS B 704 10.40 13.00 16.36
CA LYS B 704 10.61 11.77 15.58
C LYS B 704 12.00 11.75 14.96
N LEU B 705 12.44 12.89 14.42
CA LEU B 705 13.75 12.97 13.79
C LEU B 705 14.88 12.80 14.80
N ASN B 706 14.63 13.04 16.08
CA ASN B 706 15.66 12.83 17.08
C ASN B 706 15.93 11.36 17.34
N ARG B 707 14.93 10.50 17.10
CA ARG B 707 15.12 9.08 17.33
C ARG B 707 15.95 8.43 16.24
N TYR B 708 15.96 9.01 15.05
CA TYR B 708 16.68 8.43 13.92
C TYR B 708 18.17 8.64 13.98
N GLU B 709 18.70 9.21 15.06
CA GLU B 709 20.09 9.65 15.13
C GLU B 709 20.44 10.47 13.89
N PHE B 710 19.59 11.46 13.62
CA PHE B 710 19.75 12.36 12.49
C PHE B 710 20.70 13.50 12.83
N PHE B 711 20.56 14.08 14.01
CA PHE B 711 21.40 15.20 14.41
C PHE B 711 22.71 14.72 14.99
N ASP B 712 23.76 15.46 14.71
CA ASP B 712 25.11 15.18 15.18
C ASP B 712 25.88 16.49 15.04
N GLY B 713 27.20 16.41 15.13
CA GLY B 713 28.01 17.49 14.61
C GLY B 713 27.84 17.56 13.10
N GLU B 714 27.83 18.78 12.58
CA GLU B 714 27.67 19.16 11.19
C GLU B 714 26.23 19.00 10.67
N VAL B 715 25.30 18.48 11.46
CA VAL B 715 23.87 18.59 11.17
C VAL B 715 23.17 18.79 12.49
N LYS B 716 22.81 20.02 12.79
CA LYS B 716 22.32 20.40 14.11
C LYS B 716 20.86 20.78 14.04
N SER B 717 20.20 20.73 15.19
CA SER B 717 18.81 21.16 15.28
C SER B 717 18.64 22.65 15.07
N SER B 718 19.73 23.40 14.93
CA SER B 718 19.66 24.81 14.59
C SER B 718 19.15 25.05 13.18
N ILE B 719 19.05 24.00 12.35
CA ILE B 719 18.61 24.18 10.97
C ILE B 719 17.10 24.29 10.87
N PHE B 720 16.38 24.07 11.95
CA PHE B 720 14.93 24.13 11.93
C PHE B 720 14.47 25.53 12.32
N PHE B 721 13.63 26.12 11.48
CA PHE B 721 13.04 27.42 11.73
C PHE B 721 11.53 27.28 11.66
N LEU B 722 10.83 28.30 12.14
CA LEU B 722 9.38 28.23 12.21
C LEU B 722 8.76 28.26 10.82
N THR B 723 9.08 29.28 10.04
CA THR B 723 8.46 29.51 8.74
C THR B 723 9.54 29.81 7.72
N ILE B 724 9.14 29.95 6.46
CA ILE B 724 10.06 30.35 5.41
C ILE B 724 10.59 31.74 5.66
N HIS B 725 9.74 32.65 6.14
CA HIS B 725 10.16 34.02 6.34
C HIS B 725 11.12 34.14 7.51
N ASP B 726 10.98 33.31 8.54
CA ASP B 726 11.95 33.27 9.62
C ASP B 726 13.33 32.92 9.09
N ALA B 727 13.41 31.87 8.27
CA ALA B 727 14.69 31.46 7.72
C ALA B 727 15.25 32.52 6.78
N VAL B 728 14.40 33.15 5.98
CA VAL B 728 14.87 34.17 5.04
C VAL B 728 15.43 35.37 5.80
N LEU B 729 14.74 35.81 6.85
CA LEU B 729 15.22 36.96 7.61
C LEU B 729 16.49 36.63 8.38
N HIS B 730 16.59 35.41 8.90
CA HIS B 730 17.82 34.97 9.54
C HIS B 730 18.98 34.98 8.55
N ILE B 731 18.75 34.47 7.34
CA ILE B 731 19.78 34.46 6.31
C ILE B 731 20.20 35.87 5.96
N LEU B 732 19.23 36.78 5.81
CA LEU B 732 19.56 38.14 5.44
C LEU B 732 20.36 38.83 6.53
N MET B 733 20.07 38.55 7.79
CA MET B 733 20.87 39.14 8.87
C MET B 733 22.27 38.56 8.88
N LYS B 734 22.40 37.26 8.65
CA LYS B 734 23.73 36.65 8.53
C LYS B 734 24.53 37.29 7.40
N LYS B 735 23.89 37.56 6.27
CA LYS B 735 24.62 38.12 5.14
C LYS B 735 24.90 39.59 5.35
N ASP B 736 24.02 40.29 6.07
CA ASP B 736 24.35 41.65 6.48
C ASP B 736 25.60 41.68 7.35
CL CL C . 27.35 -12.47 -3.49
C1 LPE D . 40.40 -10.70 -4.26
O1 LPE D . 40.95 -10.81 -5.56
C2 LPE D . 40.43 -9.25 -3.84
O2H LPE D . 39.63 -8.46 -4.72
C3 LPE D . 39.92 -9.11 -2.41
C11 LPE D . 41.50 -12.10 -5.80
C12 LPE D . 40.83 -12.71 -7.02
O3 LPE D . 38.49 -9.14 -2.43
P LPE D . 37.69 -8.12 -1.49
O31 LPE D . 38.70 -7.17 -0.90
O32 LPE D . 36.51 -7.57 -2.27
O33 LPE D . 37.14 -9.03 -0.29
C31 LPE D . 35.88 -8.72 0.31
C32 LPE D . 35.17 -10.00 0.72
N LPE D . 33.73 -9.77 0.88
C1N LPE D . 33.49 -9.36 2.26
C2N LPE D . 33.26 -8.70 -0.02
C3N LPE D . 32.98 -11.00 0.60
C13 LPE D . 41.50 -14.03 -7.38
C14 LPE D . 42.67 -13.80 -8.35
C15 LPE D . 43.84 -14.72 -8.01
C16 LPE D . 44.43 -15.31 -9.27
C17 LPE D . 45.92 -15.59 -9.12
C18 LPE D . 46.73 -14.43 -9.67
C10 I2U E . 34.57 -16.00 -3.88
C13 I2U E . 37.84 -14.64 -4.72
C15 I2U E . 37.79 -16.75 -5.77
C17 I2U E . 36.14 -12.80 -2.98
C20 I2U E . 33.05 -20.34 -5.10
C21 I2U E . 31.83 -20.28 -4.53
C8 I2U E . 35.84 -16.09 -4.51
C9 I2U E . 36.56 -14.89 -4.24
C11 I2U E . 34.60 -14.79 -3.26
C12 I2U E . 36.51 -17.03 -5.31
C14 I2U E . 33.41 -16.87 -3.74
C16 I2U E . 38.47 -15.59 -5.50
C18 I2U E . 33.14 -18.22 -4.21
C19 I2U E . 33.80 -19.16 -4.92
N6 I2U E . 35.78 -14.10 -3.48
N7 I2U E . 37.31 -12.31 -3.30
O3 I2U E . 33.64 -14.21 -2.51
O4 I2U E . 32.48 -16.40 -3.10
O5 I2U E . 35.37 -12.16 -2.29
S2 I2U E . 31.56 -18.78 -3.74
CL1 I2U E . 38.64 -17.83 -6.75
CL CL F . -29.29 -7.44 -1.66
C1 LPE G . -41.50 -4.11 0.40
O1 LPE G . -42.58 -4.73 1.08
C2 LPE G . -41.65 -2.60 0.40
O2H LPE G . -41.11 -2.09 1.62
C3 LPE G . -40.87 -1.98 -0.76
C11 LPE G . -42.12 -5.84 1.84
C12 LPE G . -42.92 -7.10 1.55
O3 LPE G . -39.48 -2.04 -0.46
P LPE G . -38.52 -0.83 -0.89
O31 LPE G . -39.38 0.41 -1.00
O32 LPE G . -37.32 -0.83 0.04
O33 LPE G . -38.03 -1.20 -2.37
C31 LPE G . -36.67 -1.04 -2.73
C32 LPE G . -36.28 -1.99 -3.84
N LPE G . -34.82 -2.05 -3.99
C1N LPE G . -34.43 -1.01 -4.96
C2N LPE G . -34.15 -1.81 -2.71
C3N LPE G . -34.42 -3.36 -4.51
C13 LPE G . -44.28 -7.04 2.21
C14 LPE G . -44.94 -8.41 2.24
C15 LPE G . -46.35 -8.28 2.78
C16 LPE G . -47.19 -9.51 2.47
C17 LPE G . -48.65 -9.26 2.81
C18 LPE G . -48.79 -8.64 4.19
C10 I2U H . -36.80 -9.05 -2.64
C13 I2U H . -39.77 -7.57 -1.13
C15 I2U H . -40.26 -9.91 -1.18
C17 I2U H . -37.46 -5.49 -1.95
C20 I2U H . -36.59 -13.71 -3.57
C21 I2U H . -35.34 -13.75 -4.11
C8 I2U H . -38.12 -9.14 -2.07
C9 I2U H . -38.53 -7.81 -1.72
C11 I2U H . -36.50 -7.71 -2.64
C12 I2U H . -39.01 -10.18 -1.77
C14 I2U H . -35.86 -10.03 -3.21
C16 I2U H . -40.64 -8.62 -0.85
C18 I2U H . -36.01 -11.47 -3.40
C19 I2U H . -36.98 -12.41 -3.16
N6 I2U H . -37.53 -6.94 -2.07
N7 I2U H . -38.44 -4.79 -1.42
O3 I2U H . -35.39 -7.11 -3.08
O4 I2U H . -34.78 -9.61 -3.61
O5 I2U H . -36.46 -4.91 -2.33
S2 I2U H . -34.62 -12.20 -4.15
CL1 I2U H . -41.37 -11.14 -0.80
#